data_6N0I
#
_entry.id   6N0I
#
_cell.length_a   49.434
_cell.length_b   79.968
_cell.length_c   183.516
_cell.angle_alpha   90.00
_cell.angle_beta   94.21
_cell.angle_gamma   90.00
#
_symmetry.space_group_name_H-M   'P 1 21 1'
#
loop_
_entity.id
_entity.type
_entity.pdbx_description
1 polymer 'Elongation factor G 2'
2 non-polymer 'SULFATE ION'
3 non-polymer DI(HYDROXYETHYL)ETHER
4 water water
#
_entity_poly.entity_id   1
_entity_poly.type   'polypeptide(L)'
_entity_poly.pdbx_seq_one_letter_code
;SNAMARTTPIELYRNIGIVAHVDAGKTTTTERILFYTGVNHKMGEVHDGAATMDWMAQEQERGITITSAATTAFWQGSTK
QFAHKYRFNIIDTPGHVDFTIEVERSLRVLDGAVVVFSGADGVEPQSETVWRQANKYHVPRLAYINKMDRQGADFLRVVK
QIDQRLGHHPVPIQLAIGSEENFMGQIDLVKMKAIYWNDADQGTSYREEEIPAELKALADEWRAHMIEAAAEANDELTMK
FLDGEELSIEEIKAGLRQRTIANEIVPTILGSSFKNKGVPLMLDAVIDYLPAPSEIPAIRGTDPDDEEKHLERHADDKEP
FSALAFKIATDPFVGTLTFARVYSGVLSSGNAVLNSVKGKKERIGRMVQMHANQRAEIKDVCAGDIAALIGMKDVTTGDT
LCDMDKPIILERMDFPDPVISVAVEPKTKADQEKMGIALGKLAQEDPSFRVRTDEETGQTIISGMGELHLDIIVDRMRRE
FNVEANIGKPQVAYREKIRNTCEIEGRFVRQSGGRGQYGHCWIRFAPGDEGKEGLEFINEIVGGVVPREYIPAIQKGIEE
QMKNGVLAGYPLINLKAAVFDGSYHDVDSNEMAYKIAASMATKQLSQKGGAVLLEPVMKVEVVTPEEYQGDILGDLSRRR
GMIQDGDETPAGKVIRAEVPLGEMFGYATSMRSMTQGRASFSMEFTRYAEAPASIADGIVKKSRGE
;
_entity_poly.pdbx_strand_id   A,B
#
# COMPACT_ATOMS: atom_id res chain seq x y z
N MET A 4 -11.72 -43.87 30.12
CA MET A 4 -12.64 -42.70 30.28
C MET A 4 -12.49 -41.78 29.05
N ALA A 5 -13.43 -40.85 28.86
CA ALA A 5 -13.41 -39.92 27.72
C ALA A 5 -12.16 -39.03 27.77
N ARG A 6 -11.80 -38.54 28.96
CA ARG A 6 -10.61 -37.65 29.09
C ARG A 6 -9.32 -38.49 28.98
N THR A 7 -8.37 -38.03 28.15
CA THR A 7 -7.07 -38.72 27.91
C THR A 7 -5.91 -37.99 28.59
N THR A 8 -5.92 -36.65 28.60
CA THR A 8 -4.80 -35.85 29.21
C THR A 8 -5.36 -34.76 30.11
N PRO A 9 -4.78 -34.51 31.31
CA PRO A 9 -5.26 -33.46 32.20
C PRO A 9 -5.37 -32.13 31.42
N ILE A 10 -6.37 -31.32 31.76
CA ILE A 10 -6.61 -30.02 31.05
C ILE A 10 -5.44 -29.06 31.32
N GLU A 11 -4.79 -29.17 32.48
CA GLU A 11 -3.66 -28.26 32.85
C GLU A 11 -2.50 -28.42 31.84
N LEU A 12 -2.47 -29.52 31.08
CA LEU A 12 -1.36 -29.78 30.12
C LEU A 12 -1.70 -29.29 28.71
N TYR A 13 -2.86 -28.66 28.52
CA TYR A 13 -3.23 -28.12 27.19
C TYR A 13 -2.77 -26.67 27.04
N ARG A 14 -2.41 -26.29 25.81
CA ARG A 14 -1.96 -24.92 25.47
C ARG A 14 -2.55 -24.55 24.10
N ASN A 15 -3.69 -23.85 24.12
CA ASN A 15 -4.33 -23.37 22.86
C ASN A 15 -3.65 -22.05 22.52
N ILE A 16 -2.67 -22.09 21.62
CA ILE A 16 -1.92 -20.85 21.27
C ILE A 16 -2.07 -20.50 19.79
N GLY A 17 -1.84 -19.23 19.49
CA GLY A 17 -1.91 -18.68 18.13
C GLY A 17 -0.77 -17.69 17.94
N ILE A 18 -0.01 -17.84 16.85
CA ILE A 18 1.12 -16.92 16.56
C ILE A 18 0.52 -15.66 15.92
N VAL A 19 0.61 -14.51 16.60
CA VAL A 19 0.07 -13.23 16.04
C VAL A 19 1.26 -12.39 15.55
N ALA A 20 1.57 -12.46 14.26
CA ALA A 20 2.69 -11.76 13.61
C ALA A 20 2.21 -11.14 12.30
N HIS A 21 2.65 -9.93 11.95
CA HIS A 21 2.16 -9.30 10.69
C HIS A 21 3.23 -9.49 9.60
N VAL A 22 2.85 -9.19 8.36
CA VAL A 22 3.78 -9.12 7.19
C VAL A 22 5.14 -8.56 7.60
N ASP A 23 6.20 -9.32 7.29
CA ASP A 23 7.62 -8.95 7.57
C ASP A 23 7.91 -9.07 9.07
N ALA A 24 7.45 -10.14 9.71
CA ALA A 24 7.70 -10.36 11.17
C ALA A 24 8.21 -11.78 11.38
N GLY A 25 8.07 -12.65 10.37
CA GLY A 25 8.56 -14.04 10.45
C GLY A 25 7.50 -15.03 10.92
N LYS A 26 6.28 -14.90 10.40
CA LYS A 26 5.12 -15.80 10.74
C LYS A 26 5.40 -17.22 10.25
N THR A 27 5.52 -17.36 8.92
CA THR A 27 5.75 -18.66 8.24
C THR A 27 6.98 -19.38 8.80
N THR A 28 8.13 -18.71 8.77
CA THR A 28 9.39 -19.32 9.27
C THR A 28 9.21 -19.78 10.73
N THR A 29 8.67 -18.90 11.58
CA THR A 29 8.47 -19.24 13.02
C THR A 29 7.49 -20.40 13.18
N THR A 30 6.37 -20.40 12.44
CA THR A 30 5.37 -21.49 12.54
C THR A 30 5.98 -22.81 12.04
N GLU A 31 6.77 -22.75 10.97
CA GLU A 31 7.41 -23.98 10.39
C GLU A 31 8.49 -24.50 11.34
N ARG A 32 9.19 -23.60 12.06
CA ARG A 32 10.24 -24.02 13.03
C ARG A 32 9.59 -24.64 14.27
N ILE A 33 8.41 -24.15 14.67
CA ILE A 33 7.71 -24.72 15.86
C ILE A 33 7.38 -26.19 15.56
N LEU A 34 6.78 -26.47 14.40
CA LEU A 34 6.40 -27.86 14.00
C LEU A 34 7.66 -28.74 13.87
N PHE A 35 8.81 -28.12 13.63
CA PHE A 35 10.10 -28.87 13.49
C PHE A 35 10.61 -29.34 14.85
N TYR A 36 10.84 -28.40 15.78
CA TYR A 36 11.36 -28.74 17.13
C TYR A 36 10.38 -29.65 17.88
N THR A 37 9.07 -29.43 17.71
CA THR A 37 8.06 -30.28 18.41
C THR A 37 8.06 -31.70 17.82
N GLY A 38 8.46 -31.85 16.57
CA GLY A 38 8.49 -33.17 15.90
C GLY A 38 9.62 -34.06 16.40
N VAL A 39 10.67 -33.47 16.97
CA VAL A 39 11.83 -34.25 17.52
C VAL A 39 11.86 -34.12 19.04
N SER A 68 -3.01 -26.35 8.08
CA SER A 68 -4.37 -26.59 8.62
C SER A 68 -4.75 -25.49 9.63
N ALA A 69 -6.05 -25.23 9.77
CA ALA A 69 -6.59 -24.18 10.68
C ALA A 69 -6.07 -24.37 12.10
N ALA A 70 -5.92 -25.62 12.53
CA ALA A 70 -5.42 -25.95 13.88
C ALA A 70 -4.52 -27.18 13.81
N THR A 71 -3.31 -27.08 14.35
CA THR A 71 -2.33 -28.21 14.34
C THR A 71 -1.99 -28.58 15.79
N THR A 72 -2.09 -29.87 16.13
CA THR A 72 -1.77 -30.34 17.50
C THR A 72 -0.34 -30.88 17.52
N ALA A 73 0.50 -30.39 18.43
CA ALA A 73 1.90 -30.84 18.57
C ALA A 73 2.22 -31.03 20.07
N PHE A 74 3.27 -31.78 20.38
CA PHE A 74 3.67 -32.04 21.79
C PHE A 74 5.00 -31.34 22.09
N TRP A 75 5.21 -30.98 23.36
CA TRP A 75 6.44 -30.28 23.80
C TRP A 75 6.64 -30.53 25.30
N GLN A 76 7.78 -31.11 25.68
CA GLN A 76 8.07 -31.41 27.11
C GLN A 76 9.25 -30.55 27.57
N GLY A 77 9.55 -29.47 26.82
CA GLY A 77 10.66 -28.55 27.17
C GLY A 77 11.85 -28.70 26.24
N SER A 78 12.64 -27.62 26.11
CA SER A 78 13.85 -27.60 25.25
C SER A 78 14.80 -28.72 25.67
N THR A 79 14.86 -29.00 26.97
CA THR A 79 15.75 -30.05 27.55
C THR A 79 14.87 -31.14 28.18
N LYS A 80 13.59 -31.19 27.80
CA LYS A 80 12.66 -32.19 28.39
C LYS A 80 12.73 -32.05 29.92
N GLN A 81 12.82 -30.80 30.39
CA GLN A 81 12.94 -30.49 31.85
C GLN A 81 11.56 -30.51 32.53
N PHE A 82 10.46 -30.67 31.77
CA PHE A 82 9.11 -30.70 32.39
C PHE A 82 8.72 -32.17 32.69
N ALA A 83 7.99 -32.36 33.78
CA ALA A 83 7.55 -33.70 34.24
C ALA A 83 6.56 -34.33 33.25
N HIS A 84 5.57 -33.55 32.80
CA HIS A 84 4.55 -34.08 31.86
C HIS A 84 4.76 -33.49 30.46
N LYS A 85 4.23 -34.17 29.45
CA LYS A 85 4.30 -33.74 28.03
C LYS A 85 3.07 -32.88 27.73
N TYR A 86 3.26 -31.58 27.49
CA TYR A 86 2.16 -30.62 27.21
C TYR A 86 1.66 -30.74 25.76
N ARG A 87 0.35 -30.56 25.58
CA ARG A 87 -0.31 -30.67 24.25
C ARG A 87 -0.61 -29.26 23.73
N PHE A 88 0.09 -28.87 22.65
CA PHE A 88 -0.04 -27.55 22.01
C PHE A 88 -0.97 -27.59 20.80
N ASN A 89 -1.99 -26.73 20.80
CA ASN A 89 -2.94 -26.60 19.66
C ASN A 89 -2.60 -25.28 18.96
N ILE A 90 -1.78 -25.33 17.91
CA ILE A 90 -1.36 -24.12 17.16
C ILE A 90 -2.53 -23.64 16.29
N ILE A 91 -3.14 -22.52 16.66
CA ILE A 91 -4.30 -21.96 15.90
C ILE A 91 -3.76 -20.98 14.85
N ASP A 92 -4.10 -21.20 13.58
CA ASP A 92 -3.63 -20.31 12.49
C ASP A 92 -4.44 -19.01 12.55
N THR A 93 -3.77 -17.88 12.79
CA THR A 93 -4.44 -16.55 12.86
C THR A 93 -4.28 -15.88 11.50
N PRO A 94 -5.21 -14.98 11.08
CA PRO A 94 -5.11 -14.30 9.79
C PRO A 94 -3.88 -13.38 9.68
N GLY A 95 -3.49 -13.07 8.43
CA GLY A 95 -2.32 -12.23 8.12
C GLY A 95 -2.63 -10.74 8.09
N HIS A 96 -3.89 -10.36 7.80
CA HIS A 96 -4.27 -8.92 7.74
C HIS A 96 -5.46 -8.63 8.65
N VAL A 97 -5.42 -7.47 9.30
CA VAL A 97 -6.49 -7.01 10.24
C VAL A 97 -7.74 -6.67 9.44
N ASP A 98 -7.60 -6.35 8.15
CA ASP A 98 -8.76 -5.99 7.29
C ASP A 98 -10.04 -6.65 7.80
N PHE A 99 -10.07 -7.99 7.86
CA PHE A 99 -11.26 -8.73 8.34
C PHE A 99 -11.20 -8.80 9.88
N THR A 100 -11.93 -7.90 10.54
CA THR A 100 -11.96 -7.75 12.02
C THR A 100 -12.60 -8.96 12.73
N ILE A 101 -13.72 -9.47 12.21
CA ILE A 101 -14.43 -10.62 12.85
C ILE A 101 -13.58 -11.89 12.78
N GLU A 102 -12.76 -12.04 11.73
CA GLU A 102 -11.89 -13.24 11.57
C GLU A 102 -10.85 -13.25 12.70
N VAL A 103 -10.24 -12.08 12.97
CA VAL A 103 -9.22 -11.91 14.04
C VAL A 103 -9.90 -12.13 15.39
N GLU A 104 -11.05 -11.47 15.60
CA GLU A 104 -11.83 -11.60 16.87
C GLU A 104 -12.10 -13.07 17.18
N ARG A 105 -12.59 -13.82 16.19
CA ARG A 105 -12.94 -15.26 16.38
C ARG A 105 -11.71 -16.06 16.79
N SER A 106 -10.56 -15.85 16.11
CA SER A 106 -9.31 -16.60 16.44
C SER A 106 -8.88 -16.31 17.88
N LEU A 107 -9.06 -15.08 18.36
CA LEU A 107 -8.66 -14.71 19.75
C LEU A 107 -9.56 -15.43 20.77
N ARG A 108 -10.79 -15.76 20.40
CA ARG A 108 -11.71 -16.48 21.34
C ARG A 108 -11.38 -17.98 21.30
N VAL A 109 -10.75 -18.43 20.21
CA VAL A 109 -10.39 -19.87 20.06
C VAL A 109 -9.08 -20.12 20.82
N LEU A 110 -8.06 -19.29 20.57
CA LEU A 110 -6.78 -19.46 21.31
C LEU A 110 -7.00 -18.98 22.75
N ASP A 111 -6.24 -19.54 23.69
CA ASP A 111 -6.34 -19.17 25.13
C ASP A 111 -5.22 -18.19 25.42
N GLY A 112 -4.04 -18.44 24.83
CA GLY A 112 -2.85 -17.58 24.97
C GLY A 112 -2.29 -17.27 23.60
N ALA A 113 -1.71 -16.08 23.42
CA ALA A 113 -1.16 -15.71 22.09
C ALA A 113 0.33 -15.39 22.17
N VAL A 114 1.07 -15.74 21.11
CA VAL A 114 2.52 -15.45 21.01
C VAL A 114 2.65 -14.32 19.98
N VAL A 115 2.60 -13.07 20.42
CA VAL A 115 2.71 -11.91 19.49
C VAL A 115 4.16 -11.82 19.02
N VAL A 116 4.38 -11.87 17.70
CA VAL A 116 5.76 -11.83 17.12
C VAL A 116 6.00 -10.47 16.44
N PHE A 117 7.07 -9.78 16.83
CA PHE A 117 7.45 -8.47 16.26
C PHE A 117 8.84 -8.56 15.62
N SER A 118 9.12 -7.68 14.66
CA SER A 118 10.45 -7.63 14.00
C SER A 118 11.37 -6.73 14.83
N GLY A 119 12.56 -7.24 15.19
CA GLY A 119 13.51 -6.45 15.99
C GLY A 119 13.93 -5.16 15.29
N ALA A 120 13.78 -5.12 13.95
CA ALA A 120 14.17 -3.93 13.16
C ALA A 120 12.95 -3.04 12.85
N ASP A 121 11.84 -3.66 12.42
CA ASP A 121 10.60 -2.90 12.08
C ASP A 121 9.91 -2.42 13.35
N GLY A 122 10.03 -3.17 14.45
CA GLY A 122 9.41 -2.80 15.73
C GLY A 122 7.90 -3.01 15.72
N VAL A 123 7.16 -2.08 16.33
CA VAL A 123 5.67 -2.16 16.40
C VAL A 123 5.05 -1.40 15.22
N GLU A 124 4.45 -2.15 14.29
CA GLU A 124 3.79 -1.60 13.07
C GLU A 124 2.32 -1.36 13.42
N PRO A 125 1.60 -0.47 12.69
CA PRO A 125 0.18 -0.21 13.00
C PRO A 125 -0.72 -1.45 12.91
N GLN A 126 -0.43 -2.37 11.99
CA GLN A 126 -1.26 -3.60 11.84
C GLN A 126 -1.10 -4.49 13.08
N SER A 127 -0.11 -4.19 13.93
CA SER A 127 0.13 -4.99 15.16
C SER A 127 -0.66 -4.37 16.32
N GLU A 128 -0.73 -3.04 16.35
CA GLU A 128 -1.44 -2.27 17.43
C GLU A 128 -2.95 -2.52 17.33
N THR A 129 -3.44 -2.96 16.16
CA THR A 129 -4.89 -3.20 15.96
C THR A 129 -5.30 -4.52 16.63
N VAL A 130 -4.63 -5.62 16.29
CA VAL A 130 -4.94 -6.96 16.87
C VAL A 130 -4.59 -6.96 18.37
N TRP A 131 -3.63 -6.12 18.76
CA TRP A 131 -3.19 -6.02 20.19
C TRP A 131 -4.35 -5.50 21.04
N ARG A 132 -5.00 -4.43 20.57
CA ARG A 132 -6.14 -3.83 21.31
C ARG A 132 -7.29 -4.85 21.36
N GLN A 133 -7.57 -5.51 20.24
CA GLN A 133 -8.66 -6.53 20.21
C GLN A 133 -8.29 -7.67 21.17
N ALA A 134 -7.00 -7.92 21.36
CA ALA A 134 -6.56 -8.99 22.29
C ALA A 134 -6.92 -8.57 23.71
N ASN A 135 -6.80 -7.26 24.01
CA ASN A 135 -7.14 -6.71 25.35
C ASN A 135 -8.65 -6.83 25.57
N LYS A 136 -9.43 -6.70 24.51
CA LYS A 136 -10.91 -6.78 24.60
C LYS A 136 -11.34 -8.19 25.04
N TYR A 137 -10.55 -9.22 24.72
CA TYR A 137 -10.90 -10.61 25.11
C TYR A 137 -9.94 -11.12 26.19
N HIS A 138 -9.32 -10.20 26.95
CA HIS A 138 -8.38 -10.54 28.05
C HIS A 138 -7.51 -11.76 27.67
N VAL A 139 -6.80 -11.65 26.55
CA VAL A 139 -5.94 -12.76 26.04
C VAL A 139 -4.53 -12.64 26.60
N PRO A 140 -4.11 -13.54 27.51
CA PRO A 140 -2.74 -13.52 28.05
C PRO A 140 -1.78 -13.68 26.86
N ARG A 141 -0.57 -13.12 26.92
CA ARG A 141 0.28 -13.25 25.71
C ARG A 141 1.78 -13.06 26.01
N LEU A 142 2.62 -13.57 25.10
CA LEU A 142 4.10 -13.49 25.14
C LEU A 142 4.54 -12.60 23.97
N ALA A 143 5.67 -11.91 24.10
CA ALA A 143 6.17 -11.06 22.99
C ALA A 143 7.48 -11.65 22.49
N TYR A 144 7.49 -12.15 21.24
CA TYR A 144 8.72 -12.74 20.65
C TYR A 144 9.30 -11.76 19.61
N ILE A 145 10.36 -11.04 20.00
CA ILE A 145 11.05 -10.08 19.09
C ILE A 145 11.94 -10.91 18.16
N ASN A 146 11.42 -11.24 16.98
CA ASN A 146 12.09 -12.08 15.95
C ASN A 146 13.01 -11.22 15.06
N LYS A 147 13.87 -11.89 14.29
CA LYS A 147 14.83 -11.28 13.33
C LYS A 147 15.78 -10.30 14.04
N MET A 148 16.65 -10.83 14.90
CA MET A 148 17.65 -10.02 15.65
C MET A 148 18.98 -10.03 14.87
N ASP A 149 19.03 -10.78 13.77
CA ASP A 149 20.24 -10.89 12.90
C ASP A 149 20.21 -9.82 11.80
N ARG A 150 19.03 -9.34 11.42
CA ARG A 150 18.87 -8.30 10.36
C ARG A 150 19.36 -6.94 10.87
N GLN A 151 19.70 -6.02 9.95
CA GLN A 151 20.21 -4.67 10.35
C GLN A 151 19.06 -3.86 10.97
N GLY A 152 19.41 -2.89 11.83
CA GLY A 152 18.43 -2.02 12.52
C GLY A 152 17.77 -2.72 13.69
N ALA A 153 18.15 -3.98 13.95
CA ALA A 153 17.58 -4.78 15.05
C ALA A 153 18.05 -4.23 16.41
N ASP A 154 17.10 -4.06 17.33
CA ASP A 154 17.39 -3.54 18.70
C ASP A 154 16.26 -4.03 19.61
N PHE A 155 16.57 -4.99 20.49
CA PHE A 155 15.57 -5.61 21.42
C PHE A 155 14.95 -4.57 22.36
N LEU A 156 15.75 -3.99 23.25
CA LEU A 156 15.25 -3.01 24.26
C LEU A 156 14.48 -1.87 23.56
N ARG A 157 14.80 -1.57 22.29
CA ARG A 157 14.11 -0.49 21.54
C ARG A 157 12.63 -0.90 21.35
N VAL A 158 12.39 -2.12 20.88
CA VAL A 158 11.01 -2.63 20.64
C VAL A 158 10.29 -2.79 22.00
N VAL A 159 11.01 -3.18 23.04
CA VAL A 159 10.41 -3.36 24.40
C VAL A 159 9.75 -2.04 24.83
N LYS A 160 10.46 -0.91 24.66
CA LYS A 160 9.91 0.42 25.04
C LYS A 160 8.64 0.73 24.24
N GLN A 161 8.61 0.38 22.95
CA GLN A 161 7.41 0.64 22.09
C GLN A 161 6.19 -0.09 22.68
N ILE A 162 6.36 -1.35 23.13
CA ILE A 162 5.24 -2.12 23.72
C ILE A 162 4.69 -1.37 24.94
N ASP A 163 5.57 -0.70 25.68
CA ASP A 163 5.18 0.07 26.89
C ASP A 163 4.60 1.44 26.49
N GLN A 164 5.24 2.13 25.54
CA GLN A 164 4.80 3.49 25.11
C GLN A 164 3.63 3.43 24.11
N ARG A 165 3.80 2.74 22.98
CA ARG A 165 2.74 2.67 21.92
C ARG A 165 1.57 1.76 22.32
N LEU A 166 1.84 0.47 22.54
CA LEU A 166 0.78 -0.52 22.89
C LEU A 166 0.24 -0.26 24.30
N GLY A 167 0.95 0.54 25.11
CA GLY A 167 0.50 0.90 26.47
C GLY A 167 0.29 -0.29 27.39
N HIS A 168 1.14 -1.33 27.28
CA HIS A 168 1.01 -2.51 28.17
C HIS A 168 2.24 -2.53 29.09
N HIS A 169 2.46 -3.61 29.85
CA HIS A 169 3.65 -3.66 30.74
C HIS A 169 4.53 -4.84 30.34
N PRO A 170 5.47 -4.65 29.37
CA PRO A 170 6.35 -5.72 28.93
C PRO A 170 7.37 -6.06 30.03
N VAL A 171 7.63 -7.36 30.23
CA VAL A 171 8.59 -7.83 31.27
C VAL A 171 9.61 -8.74 30.58
N PRO A 172 10.73 -8.17 30.07
CA PRO A 172 11.76 -8.98 29.42
C PRO A 172 12.35 -10.03 30.35
N ILE A 173 12.33 -11.31 29.92
CA ILE A 173 12.91 -12.44 30.70
C ILE A 173 14.18 -12.89 29.97
N GLN A 174 14.59 -12.08 28.97
CA GLN A 174 15.81 -12.34 28.15
C GLN A 174 16.40 -11.01 27.67
N LEU A 175 17.67 -11.03 27.25
CA LEU A 175 18.39 -9.85 26.69
C LEU A 175 19.21 -10.36 25.49
N ALA A 176 19.54 -9.48 24.56
CA ALA A 176 20.28 -9.88 23.34
C ALA A 176 21.80 -9.93 23.57
N ILE A 177 22.45 -10.90 22.92
CA ILE A 177 23.94 -11.10 22.94
C ILE A 177 24.41 -10.90 21.50
N GLY A 178 25.09 -9.78 21.23
CA GLY A 178 25.55 -9.49 19.85
C GLY A 178 24.43 -8.84 19.07
N SER A 179 24.77 -7.85 18.23
CA SER A 179 23.74 -7.12 17.44
C SER A 179 23.87 -7.43 15.95
N GLU A 180 22.73 -7.63 15.29
CA GLU A 180 22.64 -7.89 13.83
C GLU A 180 23.44 -9.13 13.46
N GLU A 181 24.21 -9.07 12.37
CA GLU A 181 25.04 -10.20 11.86
C GLU A 181 25.83 -10.88 12.98
N ASN A 182 26.08 -10.18 14.10
CA ASN A 182 26.88 -10.76 15.22
C ASN A 182 25.94 -11.34 16.30
N PHE A 183 24.63 -11.41 16.03
CA PHE A 183 23.67 -11.97 17.01
C PHE A 183 23.95 -13.47 17.19
N MET A 184 24.26 -13.89 18.43
CA MET A 184 24.58 -15.32 18.73
C MET A 184 23.51 -15.97 19.60
N GLY A 185 22.90 -15.22 20.53
CA GLY A 185 21.88 -15.84 21.40
C GLY A 185 21.29 -14.86 22.41
N GLN A 186 20.71 -15.39 23.48
CA GLN A 186 20.09 -14.52 24.53
C GLN A 186 20.67 -14.85 25.91
N ILE A 187 20.27 -14.07 26.90
CA ILE A 187 20.66 -14.23 28.34
C ILE A 187 19.38 -14.60 29.08
N ASP A 188 19.33 -15.79 29.69
CA ASP A 188 18.10 -16.21 30.45
C ASP A 188 18.17 -15.53 31.82
N LEU A 189 17.44 -14.42 31.99
CA LEU A 189 17.44 -13.64 33.26
C LEU A 189 16.95 -14.50 34.42
N VAL A 190 16.17 -15.55 34.14
CA VAL A 190 15.66 -16.45 35.23
C VAL A 190 16.82 -17.32 35.74
N LYS A 191 17.74 -17.72 34.85
CA LYS A 191 18.91 -18.57 35.21
C LYS A 191 20.18 -17.72 35.32
N MET A 192 20.17 -16.51 34.74
CA MET A 192 21.36 -15.61 34.74
C MET A 192 22.56 -16.38 34.19
N LYS A 193 22.41 -16.90 32.97
CA LYS A 193 23.45 -17.68 32.25
C LYS A 193 23.25 -17.48 30.75
N ALA A 194 24.33 -17.15 30.03
CA ALA A 194 24.28 -16.91 28.57
C ALA A 194 23.83 -18.17 27.83
N ILE A 195 23.02 -18.01 26.78
CA ILE A 195 22.50 -19.16 25.97
C ILE A 195 23.00 -19.06 24.53
N TYR A 196 23.89 -19.98 24.13
CA TYR A 196 24.44 -20.03 22.74
C TYR A 196 23.89 -21.28 22.07
N TRP A 197 23.49 -21.17 20.80
CA TRP A 197 22.88 -22.30 20.05
C TRP A 197 23.89 -23.03 19.17
N ASN A 198 23.83 -24.37 19.16
CA ASN A 198 24.73 -25.24 18.36
C ASN A 198 24.06 -25.50 17.01
N ASP A 199 24.67 -25.02 15.92
CA ASP A 199 24.11 -25.22 14.54
C ASP A 199 24.27 -26.68 14.14
N ALA A 200 24.96 -27.49 14.95
CA ALA A 200 25.18 -28.93 14.67
C ALA A 200 23.84 -29.63 14.44
N ASP A 201 22.93 -29.53 15.42
CA ASP A 201 21.58 -30.20 15.33
C ASP A 201 20.50 -29.17 14.94
N GLN A 202 20.87 -28.14 14.17
CA GLN A 202 19.95 -27.09 13.67
C GLN A 202 19.29 -26.32 14.82
N GLY A 203 20.09 -25.79 15.74
CA GLY A 203 19.61 -24.99 16.89
C GLY A 203 18.60 -25.71 17.78
N THR A 204 18.61 -27.05 17.79
CA THR A 204 17.67 -27.82 18.65
C THR A 204 18.21 -27.84 20.09
N SER A 205 19.55 -27.88 20.24
CA SER A 205 20.21 -27.88 21.57
C SER A 205 20.93 -26.54 21.81
N TYR A 206 21.48 -26.35 23.00
CA TYR A 206 22.19 -25.08 23.35
C TYR A 206 23.16 -25.33 24.51
N ARG A 207 24.11 -24.41 24.72
CA ARG A 207 25.12 -24.51 25.81
C ARG A 207 24.89 -23.35 26.78
N GLU A 208 25.03 -23.60 28.08
CA GLU A 208 24.80 -22.59 29.14
C GLU A 208 26.15 -22.07 29.67
N GLU A 209 26.56 -20.88 29.22
CA GLU A 209 27.85 -20.24 29.64
C GLU A 209 27.55 -19.04 30.53
N GLU A 210 28.57 -18.45 31.17
CA GLU A 210 28.35 -17.26 32.05
C GLU A 210 28.14 -16.03 31.17
N ILE A 211 27.40 -15.05 31.70
CA ILE A 211 27.09 -13.78 30.97
C ILE A 211 28.37 -12.99 30.76
N PRO A 212 28.61 -12.42 29.55
CA PRO A 212 29.80 -11.60 29.31
C PRO A 212 29.80 -10.38 30.24
N ALA A 213 30.98 -10.03 30.78
CA ALA A 213 31.12 -8.89 31.71
C ALA A 213 30.57 -7.59 31.11
N GLU A 214 30.60 -7.47 29.77
CA GLU A 214 30.10 -6.26 29.06
C GLU A 214 28.57 -6.16 29.11
N LEU A 215 27.87 -7.17 29.65
CA LEU A 215 26.39 -7.12 29.72
C LEU A 215 25.89 -7.51 31.13
N LYS A 216 26.81 -7.88 32.04
CA LYS A 216 26.40 -8.26 33.43
C LYS A 216 25.68 -7.08 34.10
N ALA A 217 26.17 -5.86 33.89
CA ALA A 217 25.56 -4.64 34.50
C ALA A 217 24.13 -4.46 33.98
N LEU A 218 23.95 -4.62 32.66
CA LEU A 218 22.62 -4.45 32.02
C LEU A 218 21.69 -5.62 32.42
N ALA A 219 22.26 -6.82 32.60
CA ALA A 219 21.47 -8.02 32.99
C ALA A 219 20.86 -7.84 34.39
N ASP A 220 21.67 -7.39 35.35
CA ASP A 220 21.19 -7.18 36.76
C ASP A 220 20.05 -6.16 36.77
N GLU A 221 20.19 -5.07 36.01
CA GLU A 221 19.16 -4.00 35.94
C GLU A 221 17.79 -4.60 35.56
N TRP A 222 17.73 -5.34 34.44
CA TRP A 222 16.44 -5.92 33.97
C TRP A 222 16.01 -7.11 34.86
N ARG A 223 16.94 -7.77 35.55
CA ARG A 223 16.51 -8.87 36.47
C ARG A 223 15.76 -8.25 37.64
N ALA A 224 16.18 -7.05 38.06
CA ALA A 224 15.52 -6.34 39.18
C ALA A 224 14.08 -6.01 38.78
N HIS A 225 13.88 -5.55 37.54
CA HIS A 225 12.51 -5.20 37.04
C HIS A 225 11.68 -6.49 36.88
N MET A 226 12.32 -7.61 36.52
CA MET A 226 11.59 -8.89 36.34
C MET A 226 11.10 -9.39 37.70
N ILE A 227 12.00 -9.46 38.68
CA ILE A 227 11.67 -9.91 40.07
C ILE A 227 10.64 -8.95 40.69
N GLU A 228 10.83 -7.65 40.50
CA GLU A 228 9.91 -6.61 41.05
C GLU A 228 8.52 -6.78 40.41
N ALA A 229 8.47 -7.15 39.13
CA ALA A 229 7.20 -7.35 38.38
C ALA A 229 6.52 -8.65 38.84
N ALA A 230 7.31 -9.69 39.16
CA ALA A 230 6.77 -10.99 39.60
C ALA A 230 6.31 -10.91 41.06
N ALA A 231 7.01 -10.12 41.89
CA ALA A 231 6.67 -9.97 43.33
C ALA A 231 5.25 -9.42 43.51
N GLU A 232 4.81 -8.52 42.62
CA GLU A 232 3.46 -7.90 42.71
C GLU A 232 2.35 -8.92 42.42
N ALA A 233 2.72 -10.12 41.94
CA ALA A 233 1.72 -11.16 41.61
C ALA A 233 0.79 -11.43 42.80
N ASN A 234 1.34 -11.75 43.97
CA ASN A 234 0.49 -12.03 45.15
C ASN A 234 1.19 -11.52 46.42
N ASP A 235 0.46 -11.48 47.54
CA ASP A 235 0.99 -10.98 48.84
C ASP A 235 2.18 -11.85 49.31
N GLU A 236 2.06 -13.17 49.20
CA GLU A 236 3.14 -14.09 49.64
C GLU A 236 4.50 -13.68 49.04
N LEU A 237 4.54 -13.49 47.71
CA LEU A 237 5.81 -13.09 47.01
C LEU A 237 6.17 -11.64 47.33
N THR A 238 5.17 -10.75 47.47
CA THR A 238 5.44 -9.32 47.77
C THR A 238 6.09 -9.20 49.16
N MET A 239 5.64 -9.99 50.13
CA MET A 239 6.22 -9.94 51.50
C MET A 239 7.66 -10.49 51.46
N LYS A 240 7.91 -11.57 50.73
CA LYS A 240 9.29 -12.14 50.65
C LYS A 240 10.22 -11.11 49.99
N PHE A 241 9.71 -10.35 49.03
CA PHE A 241 10.51 -9.32 48.31
C PHE A 241 10.84 -8.15 49.24
N LEU A 242 9.85 -7.67 50.02
CA LEU A 242 10.05 -6.53 50.95
C LEU A 242 10.95 -6.93 52.12
N ASP A 243 11.05 -8.23 52.43
CA ASP A 243 11.89 -8.71 53.55
C ASP A 243 13.36 -8.75 53.10
N GLY A 244 13.60 -8.53 51.80
CA GLY A 244 14.97 -8.54 51.23
C GLY A 244 15.44 -9.96 50.94
N GLU A 245 14.53 -10.92 50.88
CA GLU A 245 14.88 -12.35 50.59
C GLU A 245 14.88 -12.55 49.07
N GLU A 246 15.89 -13.26 48.56
CA GLU A 246 15.98 -13.55 47.10
C GLU A 246 14.92 -14.58 46.74
N LEU A 247 14.08 -14.28 45.72
CA LEU A 247 13.01 -15.22 45.31
C LEU A 247 13.61 -16.38 44.53
N SER A 248 13.05 -17.58 44.70
CA SER A 248 13.54 -18.81 44.00
C SER A 248 13.10 -18.78 42.53
N ILE A 249 13.71 -19.64 41.71
CA ILE A 249 13.36 -19.70 40.25
C ILE A 249 11.86 -20.04 40.09
N GLU A 250 11.36 -21.03 40.84
CA GLU A 250 9.93 -21.44 40.76
C GLU A 250 9.01 -20.29 41.20
N GLU A 251 9.38 -19.59 42.27
CA GLU A 251 8.58 -18.46 42.81
C GLU A 251 8.49 -17.34 41.76
N ILE A 252 9.62 -16.98 41.13
CA ILE A 252 9.64 -15.91 40.11
C ILE A 252 8.74 -16.32 38.93
N LYS A 253 8.88 -17.58 38.47
CA LYS A 253 8.06 -18.07 37.32
C LYS A 253 6.58 -18.13 37.71
N ALA A 254 6.28 -18.56 38.93
CA ALA A 254 4.87 -18.64 39.39
C ALA A 254 4.26 -17.23 39.39
N GLY A 255 5.06 -16.23 39.77
CA GLY A 255 4.61 -14.83 39.82
C GLY A 255 4.34 -14.28 38.43
N LEU A 256 5.31 -14.42 37.52
CA LEU A 256 5.14 -13.93 36.12
C LEU A 256 3.95 -14.64 35.46
N ARG A 257 3.74 -15.91 35.82
CA ARG A 257 2.62 -16.70 35.24
C ARG A 257 1.28 -16.13 35.69
N GLN A 258 1.11 -15.92 37.01
CA GLN A 258 -0.17 -15.38 37.54
C GLN A 258 -0.45 -14.00 36.90
N ARG A 259 0.59 -13.18 36.72
CA ARG A 259 0.39 -11.83 36.13
C ARG A 259 0.15 -11.94 34.61
N THR A 260 0.75 -12.92 33.94
CA THR A 260 0.53 -13.09 32.47
C THR A 260 -0.92 -13.55 32.23
N ILE A 261 -1.36 -14.58 32.98
CA ILE A 261 -2.74 -15.13 32.86
C ILE A 261 -3.76 -14.04 33.21
N ALA A 262 -3.37 -13.05 34.04
CA ALA A 262 -4.27 -11.94 34.41
C ALA A 262 -4.12 -10.79 33.40
N ASN A 263 -3.27 -11.00 32.39
CA ASN A 263 -2.98 -10.03 31.31
C ASN A 263 -2.52 -8.70 31.94
N GLU A 264 -1.61 -8.77 32.91
CA GLU A 264 -1.05 -7.57 33.60
C GLU A 264 0.37 -7.31 33.07
N ILE A 265 1.00 -8.35 32.52
CA ILE A 265 2.38 -8.25 31.96
C ILE A 265 2.47 -9.13 30.72
N VAL A 266 3.57 -9.00 29.98
CA VAL A 266 3.83 -9.80 28.75
C VAL A 266 5.29 -10.26 28.79
N PRO A 267 5.57 -11.52 29.20
CA PRO A 267 6.94 -12.01 29.23
C PRO A 267 7.49 -11.80 27.81
N THR A 268 8.51 -10.96 27.68
CA THR A 268 9.09 -10.66 26.34
C THR A 268 10.38 -11.47 26.16
N ILE A 269 10.41 -12.30 25.12
CA ILE A 269 11.60 -13.14 24.76
C ILE A 269 12.05 -12.73 23.35
N LEU A 270 13.22 -13.23 22.91
CA LEU A 270 13.71 -12.82 21.56
C LEU A 270 14.48 -13.98 20.92
N GLY A 271 14.85 -13.80 19.64
CA GLY A 271 15.61 -14.81 18.88
C GLY A 271 15.52 -14.56 17.38
N SER A 272 16.08 -15.50 16.61
CA SER A 272 16.08 -15.46 15.11
C SER A 272 15.58 -16.82 14.63
N SER A 273 14.33 -16.89 14.18
CA SER A 273 13.73 -18.15 13.70
C SER A 273 14.49 -18.68 12.48
N PHE A 274 14.92 -17.77 11.59
CA PHE A 274 15.65 -18.15 10.35
C PHE A 274 17.04 -18.71 10.68
N LYS A 275 17.70 -18.16 11.70
CA LYS A 275 19.06 -18.61 12.11
C LYS A 275 18.96 -19.78 13.10
N ASN A 276 17.74 -20.16 13.51
CA ASN A 276 17.52 -21.29 14.46
C ASN A 276 18.17 -20.95 15.81
N LYS A 277 17.70 -19.88 16.47
CA LYS A 277 18.28 -19.47 17.77
C LYS A 277 17.24 -18.75 18.63
N GLY A 278 16.57 -19.48 19.54
CA GLY A 278 15.57 -18.87 20.44
C GLY A 278 14.21 -19.55 20.42
N VAL A 279 13.81 -20.14 19.28
CA VAL A 279 12.48 -20.80 19.15
C VAL A 279 12.23 -21.78 20.30
N PRO A 280 13.14 -22.72 20.62
CA PRO A 280 12.93 -23.68 21.71
C PRO A 280 12.59 -23.02 23.06
N LEU A 281 13.29 -21.94 23.43
CA LEU A 281 13.02 -21.24 24.72
C LEU A 281 11.63 -20.59 24.64
N MET A 282 11.25 -20.14 23.44
CA MET A 282 9.93 -19.49 23.22
C MET A 282 8.82 -20.54 23.45
N LEU A 283 9.13 -21.82 23.22
CA LEU A 283 8.14 -22.91 23.45
C LEU A 283 8.07 -23.20 24.95
N ASP A 284 9.20 -23.04 25.66
CA ASP A 284 9.24 -23.25 27.13
C ASP A 284 8.36 -22.17 27.77
N ALA A 285 8.49 -20.92 27.29
CA ALA A 285 7.73 -19.76 27.80
C ALA A 285 6.21 -20.03 27.71
N VAL A 286 5.75 -20.71 26.65
CA VAL A 286 4.31 -21.05 26.50
C VAL A 286 3.86 -21.88 27.70
N ILE A 287 4.65 -22.90 28.05
CA ILE A 287 4.34 -23.78 29.22
C ILE A 287 4.45 -22.97 30.51
N ASP A 288 5.56 -22.25 30.68
CA ASP A 288 5.87 -21.44 31.89
C ASP A 288 4.92 -20.25 32.10
N TYR A 289 4.40 -19.60 31.04
CA TYR A 289 3.58 -18.39 31.33
C TYR A 289 2.23 -18.36 30.61
N LEU A 290 2.02 -19.09 29.53
CA LEU A 290 0.67 -19.03 28.87
C LEU A 290 -0.28 -19.98 29.60
N PRO A 291 -1.59 -19.66 29.63
CA PRO A 291 -2.56 -20.46 30.38
C PRO A 291 -3.19 -21.71 29.75
N ALA A 292 -3.76 -22.55 30.61
CA ALA A 292 -4.46 -23.79 30.21
C ALA A 292 -5.92 -23.40 29.98
N PRO A 293 -6.71 -24.21 29.24
CA PRO A 293 -8.11 -23.85 28.95
C PRO A 293 -9.01 -23.57 30.16
N SER A 294 -8.55 -23.86 31.38
CA SER A 294 -9.36 -23.65 32.60
C SER A 294 -8.90 -22.43 33.42
N GLU A 295 -7.76 -21.85 33.06
CA GLU A 295 -7.20 -20.68 33.80
C GLU A 295 -7.69 -19.34 33.22
N ILE A 296 -8.42 -19.36 32.09
CA ILE A 296 -8.93 -18.10 31.47
C ILE A 296 -10.42 -17.97 31.79
N PRO A 297 -11.02 -16.76 31.65
CA PRO A 297 -12.45 -16.57 31.91
C PRO A 297 -13.34 -17.53 31.11
N ALA A 298 -14.52 -17.84 31.64
CA ALA A 298 -15.48 -18.73 30.96
C ALA A 298 -15.89 -18.09 29.62
N ILE A 299 -16.33 -18.89 28.66
CA ILE A 299 -16.76 -18.34 27.33
C ILE A 299 -18.14 -17.70 27.52
N ARG A 300 -18.34 -16.51 26.96
CA ARG A 300 -19.63 -15.76 27.05
C ARG A 300 -20.55 -16.24 25.90
N GLY A 301 -21.85 -16.11 26.09
CA GLY A 301 -22.83 -16.55 25.07
C GLY A 301 -24.19 -15.94 25.31
N THR A 302 -25.18 -16.34 24.52
CA THR A 302 -26.56 -15.80 24.64
C THR A 302 -27.57 -16.95 24.50
N ASP A 303 -28.79 -16.74 25.01
CA ASP A 303 -29.86 -17.76 24.93
C ASP A 303 -30.38 -17.77 23.49
N PRO A 304 -30.47 -18.95 22.83
CA PRO A 304 -30.96 -19.03 21.45
C PRO A 304 -32.31 -18.34 21.22
N ASP A 305 -33.14 -18.26 22.27
CA ASP A 305 -34.49 -17.64 22.18
C ASP A 305 -34.48 -16.19 22.65
N ASP A 306 -33.36 -15.69 23.17
CA ASP A 306 -33.30 -14.27 23.64
C ASP A 306 -31.87 -13.74 23.55
N GLU A 307 -31.63 -12.81 22.63
CA GLU A 307 -30.29 -12.18 22.38
C GLU A 307 -29.85 -11.33 23.57
N GLU A 308 -30.80 -10.83 24.37
CA GLU A 308 -30.50 -9.92 25.52
C GLU A 308 -30.24 -10.74 26.80
N LYS A 309 -30.31 -12.07 26.71
CA LYS A 309 -30.06 -12.97 27.88
C LYS A 309 -28.64 -13.53 27.74
N HIS A 310 -27.72 -13.08 28.60
CA HIS A 310 -26.31 -13.53 28.55
C HIS A 310 -26.07 -14.73 29.47
N LEU A 311 -25.41 -15.76 28.93
CA LEU A 311 -25.07 -17.02 29.64
C LEU A 311 -23.56 -17.28 29.52
N GLU A 312 -23.05 -18.33 30.16
CA GLU A 312 -21.60 -18.67 30.03
C GLU A 312 -21.43 -20.18 30.21
N ARG A 313 -20.26 -20.69 29.83
CA ARG A 313 -19.91 -22.13 29.92
C ARG A 313 -18.51 -22.25 30.51
N HIS A 314 -18.37 -23.04 31.59
CA HIS A 314 -17.06 -23.22 32.26
C HIS A 314 -16.29 -24.37 31.58
N ALA A 315 -14.96 -24.29 31.57
CA ALA A 315 -14.10 -25.31 30.95
C ALA A 315 -14.06 -26.57 31.82
N ASP A 316 -15.06 -27.44 31.67
CA ASP A 316 -15.17 -28.70 32.47
C ASP A 316 -15.97 -29.73 31.67
N ASP A 317 -15.53 -30.99 31.71
CA ASP A 317 -16.18 -32.12 30.98
C ASP A 317 -17.57 -32.39 31.56
N LYS A 318 -17.80 -32.00 32.81
CA LYS A 318 -19.08 -32.19 33.55
C LYS A 318 -20.14 -31.20 33.07
N GLU A 319 -19.73 -29.98 32.69
CA GLU A 319 -20.69 -28.93 32.23
C GLU A 319 -21.32 -29.32 30.90
N PRO A 320 -22.46 -28.70 30.51
CA PRO A 320 -23.12 -29.01 29.24
C PRO A 320 -22.21 -28.70 28.05
N PHE A 321 -22.30 -29.52 27.00
CA PHE A 321 -21.45 -29.35 25.79
C PHE A 321 -21.77 -28.05 25.04
N SER A 322 -20.71 -27.39 24.56
CA SER A 322 -20.77 -26.15 23.75
C SER A 322 -19.47 -26.08 22.94
N ALA A 323 -19.57 -25.80 21.65
CA ALA A 323 -18.38 -25.72 20.77
C ALA A 323 -18.63 -24.67 19.70
N LEU A 324 -17.55 -24.09 19.18
CA LEU A 324 -17.63 -23.03 18.13
C LEU A 324 -16.94 -23.53 16.86
N ALA A 325 -17.66 -23.53 15.73
CA ALA A 325 -17.07 -23.90 14.43
C ALA A 325 -16.31 -22.67 13.96
N PHE A 326 -15.00 -22.60 14.26
CA PHE A 326 -14.20 -21.39 13.92
C PHE A 326 -13.62 -21.43 12.50
N LYS A 327 -13.64 -22.57 11.82
CA LYS A 327 -13.07 -22.59 10.44
C LYS A 327 -13.65 -23.76 9.65
N ILE A 328 -14.00 -23.52 8.39
CA ILE A 328 -14.55 -24.56 7.48
C ILE A 328 -13.58 -24.69 6.31
N ALA A 329 -12.75 -25.74 6.32
CA ALA A 329 -11.75 -25.95 5.26
C ALA A 329 -12.17 -27.11 4.34
N THR A 330 -11.54 -27.22 3.17
CA THR A 330 -11.82 -28.33 2.20
C THR A 330 -10.57 -29.23 2.20
N ASP A 331 -10.77 -30.56 2.25
CA ASP A 331 -9.61 -31.49 2.26
C ASP A 331 -9.80 -32.50 1.13
N PRO A 332 -8.71 -32.86 0.40
CA PRO A 332 -8.80 -33.78 -0.72
C PRO A 332 -8.98 -35.27 -0.38
N PHE A 333 -8.94 -35.65 0.90
CA PHE A 333 -9.06 -37.10 1.27
C PHE A 333 -10.29 -37.37 2.13
N VAL A 334 -10.59 -36.50 3.09
CA VAL A 334 -11.79 -36.68 3.99
C VAL A 334 -12.91 -35.71 3.60
N GLY A 335 -12.66 -34.77 2.69
CA GLY A 335 -13.69 -33.82 2.24
C GLY A 335 -13.78 -32.60 3.14
N THR A 336 -14.98 -32.05 3.30
CA THR A 336 -15.20 -30.84 4.15
C THR A 336 -14.75 -31.12 5.60
N LEU A 337 -14.02 -30.18 6.18
CA LEU A 337 -13.52 -30.26 7.58
C LEU A 337 -14.04 -29.06 8.36
N THR A 338 -14.92 -29.33 9.33
CA THR A 338 -15.48 -28.27 10.21
C THR A 338 -14.66 -28.29 11.50
N PHE A 339 -13.72 -27.35 11.64
CA PHE A 339 -12.86 -27.25 12.85
C PHE A 339 -13.69 -26.66 14.00
N ALA A 340 -13.81 -27.40 15.10
CA ALA A 340 -14.60 -26.96 16.27
C ALA A 340 -13.74 -26.85 17.53
N ARG A 341 -13.96 -25.78 18.30
CA ARG A 341 -13.26 -25.52 19.59
C ARG A 341 -14.23 -25.87 20.71
N VAL A 342 -13.97 -26.94 21.47
CA VAL A 342 -14.87 -27.38 22.58
C VAL A 342 -14.55 -26.56 23.84
N TYR A 343 -15.48 -25.71 24.27
CA TYR A 343 -15.26 -24.85 25.48
C TYR A 343 -15.75 -25.58 26.74
N SER A 344 -16.84 -26.33 26.62
CA SER A 344 -17.41 -27.07 27.79
C SER A 344 -17.94 -28.43 27.33
N GLY A 345 -18.09 -29.36 28.28
CA GLY A 345 -18.61 -30.71 28.01
C GLY A 345 -17.66 -31.56 27.20
N VAL A 346 -18.21 -32.55 26.50
CA VAL A 346 -17.42 -33.50 25.66
C VAL A 346 -18.16 -33.75 24.35
N LEU A 347 -17.44 -33.67 23.23
CA LEU A 347 -18.04 -33.95 21.90
C LEU A 347 -17.65 -35.38 21.52
N SER A 348 -18.63 -36.25 21.29
CA SER A 348 -18.33 -37.67 20.95
C SER A 348 -19.04 -38.10 19.66
N SER A 349 -18.39 -38.98 18.89
CA SER A 349 -18.94 -39.51 17.63
C SER A 349 -20.24 -40.27 17.93
N GLY A 350 -21.30 -40.00 17.16
CA GLY A 350 -22.60 -40.66 17.36
C GLY A 350 -23.57 -39.79 18.15
N ASN A 351 -23.05 -38.82 18.91
CA ASN A 351 -23.92 -37.93 19.72
C ASN A 351 -24.72 -36.99 18.81
N ALA A 352 -25.93 -36.62 19.24
CA ALA A 352 -26.81 -35.70 18.49
C ALA A 352 -26.73 -34.32 19.18
N VAL A 353 -26.01 -33.39 18.56
CA VAL A 353 -25.85 -32.01 19.12
C VAL A 353 -26.80 -31.06 18.39
N LEU A 354 -26.91 -29.81 18.87
CA LEU A 354 -27.79 -28.79 18.26
C LEU A 354 -26.96 -27.66 17.63
N ASN A 355 -27.40 -27.17 16.47
CA ASN A 355 -26.76 -26.01 15.78
C ASN A 355 -27.64 -24.82 16.19
N SER A 356 -27.43 -24.31 17.41
CA SER A 356 -28.21 -23.20 18.02
C SER A 356 -28.41 -22.02 17.07
N VAL A 357 -27.52 -21.82 16.08
CA VAL A 357 -27.69 -20.66 15.13
C VAL A 357 -28.76 -21.02 14.09
N LYS A 358 -28.73 -22.26 13.57
CA LYS A 358 -29.74 -22.74 12.56
C LYS A 358 -30.95 -23.37 13.28
N GLY A 359 -30.78 -23.79 14.53
CA GLY A 359 -31.88 -24.45 15.26
C GLY A 359 -32.20 -25.79 14.63
N LYS A 360 -31.16 -26.49 14.15
CA LYS A 360 -31.30 -27.82 13.49
C LYS A 360 -30.35 -28.80 14.16
N LYS A 361 -30.76 -30.07 14.29
CA LYS A 361 -29.92 -31.11 14.93
C LYS A 361 -28.81 -31.57 13.98
N GLU A 362 -27.69 -32.00 14.54
CA GLU A 362 -26.51 -32.50 13.78
C GLU A 362 -26.04 -33.83 14.40
N ARG A 363 -25.66 -34.80 13.56
CA ARG A 363 -25.18 -36.11 14.05
C ARG A 363 -23.65 -36.14 13.88
N ILE A 364 -22.92 -36.08 15.00
CA ILE A 364 -21.43 -36.09 14.96
C ILE A 364 -20.94 -37.41 14.37
N GLY A 365 -20.23 -37.34 13.24
CA GLY A 365 -19.69 -38.53 12.56
C GLY A 365 -18.22 -38.71 12.93
N ARG A 366 -17.36 -38.85 11.93
CA ARG A 366 -15.90 -39.00 12.17
C ARG A 366 -15.30 -37.66 12.60
N MET A 367 -14.25 -37.71 13.43
CA MET A 367 -13.54 -36.48 13.89
C MET A 367 -12.03 -36.75 13.77
N VAL A 368 -11.25 -35.72 13.45
CA VAL A 368 -9.78 -35.93 13.29
C VAL A 368 -9.02 -34.70 13.80
N GLN A 369 -7.81 -34.92 14.32
CA GLN A 369 -6.91 -33.84 14.81
C GLN A 369 -5.70 -33.81 13.86
N MET A 370 -5.40 -32.64 13.32
CA MET A 370 -4.27 -32.47 12.37
C MET A 370 -2.95 -32.37 13.14
N HIS A 371 -2.02 -33.30 12.89
CA HIS A 371 -0.67 -33.27 13.52
C HIS A 371 0.31 -32.70 12.51
N ALA A 372 1.60 -32.56 12.88
CA ALA A 372 2.59 -32.00 11.94
C ALA A 372 2.61 -32.84 10.65
N ASN A 373 2.79 -34.15 10.80
CA ASN A 373 2.88 -35.09 9.63
C ASN A 373 1.68 -36.05 9.64
N GLN A 374 1.26 -36.51 10.82
CA GLN A 374 0.14 -37.49 10.95
C GLN A 374 -1.23 -36.79 10.86
N ARG A 375 -2.29 -37.58 11.01
CA ARG A 375 -3.70 -37.13 10.99
C ARG A 375 -4.47 -38.12 11.87
N ALA A 376 -4.29 -37.96 13.18
CA ALA A 376 -4.87 -38.83 14.23
C ALA A 376 -6.40 -38.75 14.27
N GLU A 377 -7.05 -39.91 14.11
CA GLU A 377 -8.53 -40.05 14.16
C GLU A 377 -8.92 -40.10 15.65
N ILE A 378 -10.08 -39.55 16.03
CA ILE A 378 -10.54 -39.58 17.46
C ILE A 378 -12.07 -39.63 17.48
N LYS A 379 -12.64 -39.94 18.66
CA LYS A 379 -14.12 -40.05 18.81
C LYS A 379 -14.59 -39.27 20.04
N ASP A 380 -13.67 -38.75 20.85
CA ASP A 380 -14.02 -37.97 22.08
C ASP A 380 -13.12 -36.74 22.19
N VAL A 381 -13.70 -35.54 22.05
CA VAL A 381 -12.94 -34.25 22.18
C VAL A 381 -13.47 -33.52 23.42
N CYS A 382 -12.63 -33.46 24.46
CA CYS A 382 -13.01 -32.85 25.77
C CYS A 382 -12.83 -31.34 25.76
N ALA A 383 -13.31 -30.69 26.82
CA ALA A 383 -13.23 -29.22 27.01
C ALA A 383 -11.79 -28.73 26.85
N GLY A 384 -11.62 -27.58 26.20
CA GLY A 384 -10.29 -26.98 25.98
C GLY A 384 -9.52 -27.64 24.84
N ASP A 385 -10.14 -28.59 24.14
CA ASP A 385 -9.45 -29.29 23.01
C ASP A 385 -10.10 -28.87 21.68
N ILE A 386 -9.43 -29.17 20.56
CA ILE A 386 -9.91 -28.81 19.19
C ILE A 386 -9.82 -30.03 18.27
N ALA A 387 -10.78 -30.14 17.34
CA ALA A 387 -10.79 -31.26 16.36
C ALA A 387 -11.61 -30.87 15.13
N ALA A 388 -11.40 -31.57 14.01
CA ALA A 388 -12.11 -31.32 12.75
C ALA A 388 -13.25 -32.34 12.60
N LEU A 389 -14.45 -31.87 12.25
CA LEU A 389 -15.64 -32.73 12.09
C LEU A 389 -15.86 -33.02 10.59
N ILE A 390 -16.14 -34.27 10.25
CA ILE A 390 -16.35 -34.70 8.83
C ILE A 390 -17.85 -34.85 8.54
N GLY A 391 -18.23 -34.65 7.27
CA GLY A 391 -19.63 -34.78 6.80
C GLY A 391 -20.63 -33.96 7.59
N MET A 392 -20.37 -32.67 7.78
CA MET A 392 -21.34 -31.79 8.50
C MET A 392 -22.30 -31.19 7.48
N LYS A 393 -23.60 -31.41 7.68
CA LYS A 393 -24.68 -30.90 6.78
C LYS A 393 -24.96 -29.56 7.47
N ASP A 394 -24.84 -28.47 6.70
CA ASP A 394 -25.31 -27.09 7.02
C ASP A 394 -24.68 -26.37 8.23
N VAL A 395 -23.34 -26.28 8.25
CA VAL A 395 -22.58 -25.69 9.39
C VAL A 395 -21.76 -24.55 8.79
N THR A 396 -22.01 -23.31 9.25
CA THR A 396 -21.32 -22.10 8.75
C THR A 396 -20.31 -21.62 9.80
N THR A 397 -19.19 -21.03 9.36
CA THR A 397 -18.17 -20.51 10.31
C THR A 397 -18.88 -19.60 11.31
N GLY A 398 -18.61 -19.75 12.60
CA GLY A 398 -19.25 -18.93 13.64
C GLY A 398 -20.47 -19.62 14.24
N ASP A 399 -20.93 -20.73 13.66
CA ASP A 399 -22.09 -21.46 14.24
C ASP A 399 -21.65 -22.11 15.56
N THR A 400 -22.62 -22.36 16.44
CA THR A 400 -22.32 -23.00 17.75
C THR A 400 -22.93 -24.39 17.77
N LEU A 401 -22.17 -25.37 18.25
CA LEU A 401 -22.67 -26.77 18.42
C LEU A 401 -22.78 -26.97 19.93
N CYS A 402 -23.96 -27.33 20.44
CA CYS A 402 -24.11 -27.49 21.91
C CYS A 402 -25.14 -28.56 22.27
N ASP A 403 -25.35 -28.74 23.58
CA ASP A 403 -26.33 -29.70 24.14
C ASP A 403 -27.74 -29.20 23.76
N MET A 404 -28.60 -30.11 23.30
CA MET A 404 -29.98 -29.74 22.89
C MET A 404 -30.87 -29.43 24.11
N ASP A 405 -30.55 -29.97 25.30
CA ASP A 405 -31.37 -29.72 26.52
C ASP A 405 -30.99 -28.37 27.16
N LYS A 406 -29.71 -27.98 27.11
CA LYS A 406 -29.25 -26.67 27.68
C LYS A 406 -28.45 -25.94 26.61
N PRO A 407 -29.13 -25.43 25.56
CA PRO A 407 -28.46 -24.75 24.44
C PRO A 407 -27.88 -23.36 24.74
N ILE A 408 -27.08 -22.86 23.79
CA ILE A 408 -26.42 -21.53 23.90
C ILE A 408 -25.86 -21.14 22.52
N ILE A 409 -25.69 -19.84 22.29
CA ILE A 409 -25.08 -19.28 21.05
C ILE A 409 -23.83 -18.53 21.51
N LEU A 410 -22.64 -19.03 21.17
CA LEU A 410 -21.36 -18.40 21.59
C LEU A 410 -21.01 -17.19 20.72
N GLU A 411 -21.56 -17.13 19.49
CA GLU A 411 -21.27 -16.01 18.54
C GLU A 411 -22.53 -15.70 17.71
N ARG A 412 -23.11 -14.52 17.92
CA ARG A 412 -24.32 -14.11 17.16
C ARG A 412 -24.48 -12.59 17.05
N MET A 413 -25.00 -12.13 15.90
CA MET A 413 -25.08 -10.69 15.56
C MET A 413 -23.68 -10.06 15.64
N ASP A 414 -23.55 -8.89 16.27
CA ASP A 414 -22.25 -8.17 16.41
C ASP A 414 -21.75 -7.79 15.01
N PHE A 415 -22.41 -8.31 13.96
CA PHE A 415 -22.05 -7.99 12.55
C PHE A 415 -22.94 -6.88 12.02
N PRO A 416 -22.37 -5.76 11.52
CA PRO A 416 -23.20 -4.71 10.93
C PRO A 416 -23.73 -5.28 9.60
N ASP A 417 -24.98 -4.98 9.24
CA ASP A 417 -25.52 -5.51 7.95
C ASP A 417 -24.59 -5.07 6.84
N PRO A 418 -24.52 -5.80 5.70
CA PRO A 418 -23.67 -5.38 4.59
C PRO A 418 -23.90 -3.90 4.25
N VAL A 419 -22.82 -3.16 4.05
CA VAL A 419 -22.87 -1.69 3.74
C VAL A 419 -22.68 -1.46 2.24
N ILE A 420 -22.20 -2.45 1.49
CA ILE A 420 -21.95 -2.26 0.04
C ILE A 420 -22.40 -3.51 -0.74
N SER A 421 -22.83 -3.33 -1.99
CA SER A 421 -23.32 -4.48 -2.80
C SER A 421 -22.93 -4.32 -4.27
N VAL A 422 -22.87 -5.45 -4.98
CA VAL A 422 -22.57 -5.49 -6.45
C VAL A 422 -23.50 -6.52 -7.10
N ALA A 423 -24.08 -6.15 -8.24
CA ALA A 423 -24.97 -7.07 -8.97
C ALA A 423 -24.08 -7.98 -9.82
N VAL A 424 -24.27 -9.30 -9.73
CA VAL A 424 -23.48 -10.25 -10.56
C VAL A 424 -24.48 -11.04 -11.41
N GLU A 425 -24.21 -11.14 -12.71
CA GLU A 425 -25.07 -11.89 -13.67
C GLU A 425 -24.20 -12.85 -14.46
N PRO A 426 -24.56 -14.16 -14.52
CA PRO A 426 -23.76 -15.14 -15.26
C PRO A 426 -23.98 -14.98 -16.77
N LYS A 427 -22.94 -15.20 -17.57
CA LYS A 427 -23.06 -15.07 -19.05
C LYS A 427 -23.90 -16.22 -19.60
N THR A 428 -23.76 -17.42 -19.04
CA THR A 428 -24.51 -18.61 -19.54
C THR A 428 -25.27 -19.31 -18.39
N LYS A 429 -26.15 -20.25 -18.75
CA LYS A 429 -26.95 -21.02 -17.76
C LYS A 429 -26.01 -21.87 -16.89
N ALA A 430 -24.94 -22.37 -17.51
CA ALA A 430 -23.94 -23.21 -16.81
C ALA A 430 -23.26 -22.39 -15.70
N ASP A 431 -23.18 -21.08 -15.89
CA ASP A 431 -22.55 -20.17 -14.90
C ASP A 431 -23.54 -19.90 -13.76
N GLN A 432 -24.83 -19.95 -14.06
CA GLN A 432 -25.88 -19.71 -13.02
C GLN A 432 -25.80 -20.83 -11.97
N GLU A 433 -25.78 -22.09 -12.41
CA GLU A 433 -25.72 -23.24 -11.47
C GLU A 433 -24.37 -23.22 -10.73
N LYS A 434 -23.28 -22.96 -11.45
CA LYS A 434 -21.92 -22.92 -10.84
C LYS A 434 -21.81 -21.75 -9.85
N MET A 435 -22.42 -20.60 -10.17
CA MET A 435 -22.37 -19.42 -9.27
C MET A 435 -23.10 -19.77 -7.96
N GLY A 436 -24.25 -20.45 -8.04
CA GLY A 436 -25.02 -20.85 -6.86
C GLY A 436 -24.21 -21.73 -5.93
N ILE A 437 -23.51 -22.72 -6.50
CA ILE A 437 -22.65 -23.67 -5.71
C ILE A 437 -21.51 -22.87 -5.07
N ALA A 438 -20.88 -21.98 -5.83
CA ALA A 438 -19.74 -21.16 -5.36
C ALA A 438 -20.16 -20.26 -4.19
N LEU A 439 -21.23 -19.49 -4.34
CA LEU A 439 -21.67 -18.58 -3.26
C LEU A 439 -22.09 -19.41 -2.04
N GLY A 440 -22.61 -20.62 -2.26
CA GLY A 440 -23.00 -21.49 -1.13
C GLY A 440 -21.81 -21.88 -0.29
N LYS A 441 -20.73 -22.35 -0.93
CA LYS A 441 -19.51 -22.77 -0.19
C LYS A 441 -18.78 -21.56 0.37
N LEU A 442 -18.74 -20.47 -0.39
CA LEU A 442 -18.07 -19.23 0.08
C LEU A 442 -18.84 -18.68 1.27
N ALA A 443 -20.18 -18.86 1.28
CA ALA A 443 -21.03 -18.38 2.38
C ALA A 443 -20.71 -19.16 3.65
N GLN A 444 -20.42 -20.47 3.52
CA GLN A 444 -20.09 -21.31 4.70
C GLN A 444 -18.79 -20.85 5.34
N GLU A 445 -17.80 -20.45 4.53
CA GLU A 445 -16.49 -20.00 5.07
C GLU A 445 -16.60 -18.57 5.64
N ASP A 446 -17.34 -17.70 4.95
CA ASP A 446 -17.46 -16.29 5.36
C ASP A 446 -18.93 -15.91 5.56
N PRO A 447 -19.40 -15.78 6.82
CA PRO A 447 -20.79 -15.38 7.08
C PRO A 447 -21.04 -13.87 7.01
N SER A 448 -19.98 -13.08 6.76
CA SER A 448 -20.11 -11.60 6.73
C SER A 448 -20.74 -11.10 5.44
N PHE A 449 -20.93 -11.98 4.43
CA PHE A 449 -21.55 -11.51 3.16
C PHE A 449 -22.91 -12.21 2.99
N ARG A 450 -23.81 -11.54 2.26
CA ARG A 450 -25.17 -12.09 1.99
C ARG A 450 -25.40 -12.17 0.48
N VAL A 451 -26.37 -13.00 0.08
CA VAL A 451 -26.72 -13.19 -1.34
C VAL A 451 -28.25 -13.13 -1.47
N ARG A 452 -28.74 -12.48 -2.53
CA ARG A 452 -30.19 -12.35 -2.77
C ARG A 452 -30.40 -12.22 -4.29
N THR A 453 -31.64 -12.36 -4.75
CA THR A 453 -31.95 -12.27 -6.21
C THR A 453 -32.81 -11.00 -6.16
N ASP A 454 -32.44 -9.99 -6.94
CA ASP A 454 -33.25 -8.77 -7.20
C ASP A 454 -34.34 -9.09 -8.25
N GLU A 455 -35.51 -9.56 -7.79
CA GLU A 455 -36.64 -9.93 -8.68
C GLU A 455 -37.00 -8.75 -9.59
N GLU A 456 -36.56 -7.53 -9.23
CA GLU A 456 -36.87 -6.30 -10.03
C GLU A 456 -36.00 -6.25 -11.30
N THR A 457 -34.78 -6.78 -11.25
CA THR A 457 -33.84 -6.76 -12.42
C THR A 457 -33.40 -8.18 -12.79
N GLY A 458 -33.69 -9.18 -11.94
CA GLY A 458 -33.32 -10.57 -12.22
C GLY A 458 -31.82 -10.81 -12.14
N GLN A 459 -31.11 -9.96 -11.39
CA GLN A 459 -29.64 -10.09 -11.21
C GLN A 459 -29.36 -10.62 -9.81
N THR A 460 -28.27 -11.39 -9.65
CA THR A 460 -27.86 -11.90 -8.32
C THR A 460 -27.10 -10.74 -7.65
N ILE A 461 -27.52 -10.33 -6.44
CA ILE A 461 -26.85 -9.21 -5.72
C ILE A 461 -26.08 -9.76 -4.52
N ILE A 462 -24.76 -9.55 -4.50
CA ILE A 462 -23.89 -9.99 -3.37
C ILE A 462 -23.60 -8.75 -2.53
N SER A 463 -23.79 -8.84 -1.21
CA SER A 463 -23.54 -7.69 -0.30
C SER A 463 -22.40 -8.04 0.66
N GLY A 464 -21.58 -7.05 1.02
CA GLY A 464 -20.42 -7.29 1.91
C GLY A 464 -20.08 -6.07 2.76
N MET A 465 -18.90 -6.11 3.39
CA MET A 465 -18.43 -5.04 4.31
C MET A 465 -17.63 -3.96 3.58
N GLY A 466 -17.20 -4.20 2.34
CA GLY A 466 -16.42 -3.16 1.62
C GLY A 466 -16.05 -3.57 0.21
N GLU A 467 -15.42 -2.64 -0.53
CA GLU A 467 -14.99 -2.89 -1.94
C GLU A 467 -14.10 -4.12 -2.01
N LEU A 468 -13.07 -4.16 -1.15
CA LEU A 468 -12.08 -5.26 -1.14
C LEU A 468 -12.77 -6.60 -0.87
N HIS A 469 -13.65 -6.63 0.13
CA HIS A 469 -14.40 -7.86 0.52
C HIS A 469 -15.14 -8.41 -0.71
N LEU A 470 -15.85 -7.56 -1.46
CA LEU A 470 -16.60 -8.04 -2.66
C LEU A 470 -15.61 -8.49 -3.74
N ASP A 471 -14.49 -7.76 -3.90
CA ASP A 471 -13.46 -8.12 -4.92
C ASP A 471 -12.96 -9.53 -4.62
N ILE A 472 -12.71 -9.85 -3.34
CA ILE A 472 -12.21 -11.20 -2.93
C ILE A 472 -13.26 -12.26 -3.29
N ILE A 473 -14.52 -12.03 -2.89
CA ILE A 473 -15.61 -13.01 -3.16
C ILE A 473 -15.73 -13.26 -4.66
N VAL A 474 -15.75 -12.17 -5.45
CA VAL A 474 -15.89 -12.26 -6.94
C VAL A 474 -14.66 -12.97 -7.52
N ASP A 475 -13.46 -12.66 -7.01
CA ASP A 475 -12.22 -13.27 -7.53
C ASP A 475 -12.22 -14.78 -7.29
N ARG A 476 -12.54 -15.21 -6.07
CA ARG A 476 -12.55 -16.65 -5.73
C ARG A 476 -13.61 -17.38 -6.54
N MET A 477 -14.74 -16.71 -6.78
CA MET A 477 -15.87 -17.30 -7.55
C MET A 477 -15.43 -17.59 -9.00
N ARG A 478 -14.60 -16.70 -9.56
CA ARG A 478 -14.14 -16.88 -10.97
C ARG A 478 -12.96 -17.86 -11.04
N ARG A 479 -11.98 -17.76 -10.14
CA ARG A 479 -10.80 -18.66 -10.20
C ARG A 479 -11.10 -20.07 -9.65
N GLU A 480 -11.57 -20.17 -8.40
CA GLU A 480 -11.82 -21.49 -7.77
C GLU A 480 -13.06 -22.20 -8.30
N PHE A 481 -14.09 -21.48 -8.76
CA PHE A 481 -15.33 -22.18 -9.22
C PHE A 481 -15.56 -22.00 -10.73
N ASN A 482 -14.68 -21.30 -11.42
CA ASN A 482 -14.80 -21.11 -12.89
C ASN A 482 -16.15 -20.48 -13.26
N VAL A 483 -16.55 -19.44 -12.55
CA VAL A 483 -17.86 -18.76 -12.82
C VAL A 483 -17.60 -17.57 -13.75
N GLU A 484 -18.17 -17.62 -14.95
CA GLU A 484 -18.03 -16.53 -15.96
C GLU A 484 -19.24 -15.60 -15.76
N ALA A 485 -19.01 -14.32 -15.48
CA ALA A 485 -20.15 -13.43 -15.18
C ALA A 485 -19.78 -11.95 -15.34
N ASN A 486 -20.80 -11.09 -15.42
CA ASN A 486 -20.63 -9.61 -15.53
C ASN A 486 -20.94 -9.03 -14.14
N ILE A 487 -20.14 -8.08 -13.67
CA ILE A 487 -20.38 -7.47 -12.33
C ILE A 487 -20.58 -5.97 -12.49
N GLY A 488 -21.55 -5.40 -11.77
CA GLY A 488 -21.79 -3.95 -11.84
C GLY A 488 -20.81 -3.25 -10.91
N LYS A 489 -20.79 -1.92 -10.95
CA LYS A 489 -19.90 -1.15 -10.04
C LYS A 489 -20.48 -1.26 -8.64
N PRO A 490 -19.67 -1.10 -7.57
CA PRO A 490 -20.18 -1.18 -6.20
C PRO A 490 -21.30 -0.16 -5.95
N GLN A 491 -22.33 -0.57 -5.21
CA GLN A 491 -23.49 0.27 -4.86
C GLN A 491 -23.56 0.37 -3.33
N VAL A 492 -23.92 1.54 -2.81
CA VAL A 492 -24.03 1.74 -1.33
C VAL A 492 -25.35 1.13 -0.84
N ALA A 493 -25.28 0.36 0.25
CA ALA A 493 -26.49 -0.28 0.84
C ALA A 493 -27.24 0.74 1.70
N TYR A 494 -27.97 1.64 1.05
CA TYR A 494 -28.75 2.69 1.75
C TYR A 494 -29.87 2.06 2.60
N ARG A 495 -30.38 2.86 3.54
CA ARG A 495 -31.50 2.53 4.47
C ARG A 495 -32.46 3.72 4.50
N GLU A 496 -33.54 3.63 5.26
CA GLU A 496 -34.53 4.73 5.36
C GLU A 496 -35.02 4.83 6.81
N LYS A 497 -35.64 5.97 7.16
CA LYS A 497 -36.24 6.16 8.51
C LYS A 497 -37.28 7.28 8.38
N ILE A 498 -38.21 7.37 9.33
CA ILE A 498 -39.25 8.44 9.29
C ILE A 498 -38.90 9.48 10.36
N ARG A 499 -39.66 10.57 10.40
CA ARG A 499 -39.42 11.69 11.36
C ARG A 499 -40.76 12.25 11.84
N ASN A 500 -41.81 12.10 11.01
CA ASN A 500 -43.18 12.60 11.32
C ASN A 500 -43.96 11.55 12.10
N THR A 501 -44.61 11.96 13.19
CA THR A 501 -45.47 11.05 13.99
C THR A 501 -46.87 11.17 13.37
N CYS A 502 -47.36 10.12 12.72
CA CYS A 502 -48.71 10.21 12.06
C CYS A 502 -49.55 8.94 12.28
N GLU A 503 -50.87 9.11 12.22
CA GLU A 503 -51.87 8.01 12.37
C GLU A 503 -52.40 7.65 10.99
N ILE A 504 -52.26 6.39 10.58
CA ILE A 504 -52.69 5.96 9.21
C ILE A 504 -53.72 4.82 9.32
N GLU A 505 -54.68 4.80 8.40
CA GLU A 505 -55.76 3.76 8.36
C GLU A 505 -55.38 2.65 7.36
N GLY A 506 -55.24 1.41 7.85
CA GLY A 506 -54.96 0.24 7.00
C GLY A 506 -56.24 -0.48 6.69
N ARG A 507 -56.68 -0.49 5.42
CA ARG A 507 -57.97 -1.13 5.05
C ARG A 507 -57.84 -2.06 3.83
N PHE A 508 -58.30 -3.30 3.98
CA PHE A 508 -58.32 -4.32 2.90
C PHE A 508 -59.67 -5.02 2.93
N VAL A 509 -60.62 -4.54 2.10
CA VAL A 509 -62.00 -5.12 2.05
C VAL A 509 -62.31 -5.63 0.63
N ARG A 510 -63.02 -6.75 0.57
CA ARG A 510 -63.48 -7.43 -0.69
C ARG A 510 -64.57 -8.44 -0.32
N GLN A 511 -65.59 -8.57 -1.18
CA GLN A 511 -66.74 -9.50 -0.92
C GLN A 511 -67.38 -9.89 -2.26
N SER A 512 -66.57 -10.02 -3.32
CA SER A 512 -67.09 -10.41 -4.66
C SER A 512 -67.63 -11.83 -4.62
N GLY A 513 -68.94 -11.98 -4.38
CA GLY A 513 -69.61 -13.29 -4.31
C GLY A 513 -70.03 -13.62 -2.88
N GLY A 514 -70.11 -14.91 -2.55
CA GLY A 514 -70.49 -15.37 -1.20
C GLY A 514 -69.29 -15.58 -0.29
N ARG A 515 -68.13 -15.01 -0.65
CA ARG A 515 -66.87 -15.14 0.14
C ARG A 515 -66.23 -13.75 0.24
N GLY A 516 -65.86 -13.32 1.45
CA GLY A 516 -65.27 -11.99 1.63
C GLY A 516 -63.95 -12.00 2.39
N GLN A 517 -63.27 -10.85 2.39
CA GLN A 517 -61.96 -10.60 3.06
C GLN A 517 -62.06 -9.27 3.81
N TYR A 518 -61.80 -9.25 5.12
CA TYR A 518 -61.90 -7.97 5.88
C TYR A 518 -60.71 -7.78 6.83
N GLY A 519 -59.97 -6.70 6.60
CA GLY A 519 -58.82 -6.30 7.42
C GLY A 519 -58.85 -4.79 7.63
N HIS A 520 -58.90 -4.34 8.89
CA HIS A 520 -58.97 -2.88 9.17
C HIS A 520 -58.26 -2.56 10.48
N CYS A 521 -57.35 -1.58 10.47
CA CYS A 521 -56.61 -1.20 11.70
C CYS A 521 -55.95 0.18 11.55
N TRP A 522 -56.10 1.03 12.57
CA TRP A 522 -55.45 2.37 12.61
C TRP A 522 -54.12 2.21 13.34
N ILE A 523 -53.03 2.70 12.77
CA ILE A 523 -51.69 2.55 13.40
C ILE A 523 -51.04 3.93 13.56
N ARG A 524 -50.41 4.17 14.72
CA ARG A 524 -49.72 5.45 14.98
C ARG A 524 -48.22 5.21 14.76
N PHE A 525 -47.66 5.70 13.65
CA PHE A 525 -46.21 5.49 13.38
C PHE A 525 -45.40 6.64 13.97
N ALA A 526 -44.17 6.33 14.39
CA ALA A 526 -43.23 7.31 15.00
C ALA A 526 -41.80 6.79 14.85
N PRO A 527 -40.79 7.68 14.83
CA PRO A 527 -39.40 7.24 14.66
C PRO A 527 -38.89 6.42 15.85
N GLY A 528 -38.25 5.28 15.60
CA GLY A 528 -37.69 4.47 16.70
C GLY A 528 -36.51 5.18 17.34
N ASP A 529 -36.09 4.77 18.55
CA ASP A 529 -34.94 5.44 19.23
C ASP A 529 -33.67 5.09 18.45
N GLU A 530 -32.74 6.04 18.32
CA GLU A 530 -31.48 5.75 17.58
C GLU A 530 -30.79 4.60 18.33
N GLY A 531 -30.30 3.59 17.61
CA GLY A 531 -29.63 2.44 18.25
C GLY A 531 -30.50 1.19 18.20
N LYS A 532 -31.83 1.35 18.26
CA LYS A 532 -32.78 0.21 18.20
C LYS A 532 -32.93 -0.26 16.74
N GLU A 533 -33.00 -1.58 16.54
CA GLU A 533 -33.17 -2.18 15.20
C GLU A 533 -34.56 -2.85 15.13
N GLY A 534 -35.05 -3.05 13.91
CA GLY A 534 -36.36 -3.69 13.71
C GLY A 534 -37.52 -2.78 14.08
N LEU A 535 -38.63 -3.40 14.50
CA LEU A 535 -39.88 -2.68 14.85
C LEU A 535 -40.20 -2.84 16.33
N GLU A 536 -40.59 -1.73 16.98
CA GLU A 536 -40.99 -1.73 18.42
C GLU A 536 -42.51 -1.59 18.40
N PHE A 537 -43.19 -2.72 18.25
CA PHE A 537 -44.66 -2.79 18.14
C PHE A 537 -45.30 -2.78 19.53
N ILE A 538 -46.42 -2.07 19.66
CA ILE A 538 -47.18 -1.96 20.95
C ILE A 538 -48.68 -2.03 20.64
N ASN A 539 -49.37 -2.97 21.29
CA ASN A 539 -50.84 -3.18 21.12
C ASN A 539 -51.57 -2.35 22.18
N GLU A 540 -52.21 -1.24 21.77
CA GLU A 540 -52.95 -0.34 22.70
C GLU A 540 -54.43 -0.75 22.81
N ILE A 541 -54.92 -1.57 21.87
CA ILE A 541 -56.35 -2.02 21.92
C ILE A 541 -56.39 -3.43 22.50
N VAL A 542 -55.67 -3.64 23.62
CA VAL A 542 -55.66 -4.97 24.30
C VAL A 542 -57.09 -5.28 24.74
N GLY A 543 -57.66 -6.40 24.27
CA GLY A 543 -59.04 -6.79 24.62
C GLY A 543 -60.06 -5.89 23.92
N GLY A 544 -59.67 -5.33 22.77
CA GLY A 544 -60.55 -4.42 22.00
C GLY A 544 -61.43 -5.18 21.02
N VAL A 545 -61.98 -4.46 20.04
CA VAL A 545 -62.88 -5.08 19.02
C VAL A 545 -62.03 -5.96 18.08
N VAL A 546 -60.77 -5.57 17.84
CA VAL A 546 -59.84 -6.36 16.97
C VAL A 546 -59.32 -7.53 17.81
N PRO A 547 -59.76 -8.79 17.55
CA PRO A 547 -59.32 -9.94 18.32
C PRO A 547 -57.80 -10.09 18.41
N ARG A 548 -57.33 -10.62 19.55
CA ARG A 548 -55.89 -10.81 19.89
C ARG A 548 -55.15 -11.65 18.84
N GLU A 549 -55.78 -12.69 18.30
CA GLU A 549 -55.07 -13.59 17.34
C GLU A 549 -54.67 -12.86 16.05
N TYR A 550 -55.22 -11.67 15.75
CA TYR A 550 -54.85 -10.96 14.50
C TYR A 550 -53.76 -9.92 14.74
N ILE A 551 -53.57 -9.48 15.99
CA ILE A 551 -52.52 -8.47 16.33
C ILE A 551 -51.16 -8.88 15.78
N PRO A 552 -50.67 -10.13 16.00
CA PRO A 552 -49.38 -10.55 15.46
C PRO A 552 -49.28 -10.41 13.93
N ALA A 553 -50.42 -10.59 13.24
CA ALA A 553 -50.48 -10.48 11.77
C ALA A 553 -50.26 -9.02 11.37
N ILE A 554 -50.86 -8.09 12.12
CA ILE A 554 -50.70 -6.63 11.85
C ILE A 554 -49.21 -6.28 12.00
N GLN A 555 -48.58 -6.79 13.06
CA GLN A 555 -47.13 -6.52 13.30
C GLN A 555 -46.31 -7.09 12.14
N LYS A 556 -46.57 -8.34 11.77
CA LYS A 556 -45.83 -9.03 10.68
C LYS A 556 -46.01 -8.24 9.37
N GLY A 557 -47.17 -7.62 9.17
CA GLY A 557 -47.46 -6.84 7.95
C GLY A 557 -46.59 -5.58 7.87
N ILE A 558 -46.38 -4.91 9.00
CA ILE A 558 -45.54 -3.69 9.08
C ILE A 558 -44.08 -4.08 8.79
N GLU A 559 -43.56 -5.08 9.51
CA GLU A 559 -42.17 -5.58 9.34
C GLU A 559 -41.91 -5.97 7.89
N GLU A 560 -42.90 -6.58 7.23
CA GLU A 560 -42.78 -7.03 5.81
C GLU A 560 -42.59 -5.81 4.90
N GLN A 561 -43.36 -4.75 5.15
CA GLN A 561 -43.28 -3.53 4.29
C GLN A 561 -42.02 -2.74 4.63
N MET A 562 -41.56 -2.81 5.88
CA MET A 562 -40.32 -2.10 6.30
C MET A 562 -39.14 -2.60 5.45
N LYS A 563 -39.12 -3.89 5.11
CA LYS A 563 -38.01 -4.46 4.30
C LYS A 563 -38.11 -3.96 2.86
N ASN A 564 -39.33 -3.80 2.32
CA ASN A 564 -39.49 -3.32 0.92
C ASN A 564 -39.24 -1.81 0.85
N GLY A 565 -39.22 -1.13 1.99
CA GLY A 565 -38.97 0.33 2.00
C GLY A 565 -40.22 1.14 1.73
N VAL A 566 -40.09 2.48 1.73
CA VAL A 566 -41.25 3.39 1.49
C VAL A 566 -40.83 4.58 0.61
N LEU A 567 -39.57 5.01 0.70
CA LEU A 567 -39.11 6.19 -0.08
C LEU A 567 -38.47 5.76 -1.41
N ALA A 568 -37.38 4.98 -1.38
CA ALA A 568 -36.69 4.58 -2.62
C ALA A 568 -36.39 3.07 -2.67
N GLY A 569 -37.27 2.25 -2.08
CA GLY A 569 -37.09 0.78 -2.12
C GLY A 569 -36.02 0.25 -1.19
N TYR A 570 -35.55 1.06 -0.23
CA TYR A 570 -34.52 0.61 0.75
C TYR A 570 -35.20 0.37 2.08
N PRO A 571 -34.75 -0.64 2.88
CA PRO A 571 -35.39 -0.95 4.16
C PRO A 571 -35.21 0.06 5.30
N LEU A 572 -36.26 0.25 6.11
CA LEU A 572 -36.23 1.18 7.28
C LEU A 572 -35.41 0.55 8.41
N ILE A 573 -34.39 1.27 8.90
CA ILE A 573 -33.51 0.78 10.00
C ILE A 573 -34.36 0.35 11.19
N ASN A 574 -35.24 1.24 11.65
CA ASN A 574 -36.11 0.96 12.81
C ASN A 574 -37.42 1.75 12.65
N LEU A 575 -38.41 1.45 13.50
CA LEU A 575 -39.71 2.14 13.45
C LEU A 575 -40.52 1.78 14.69
N LYS A 576 -41.46 2.64 15.07
CA LYS A 576 -42.38 2.41 16.22
C LYS A 576 -43.80 2.38 15.65
N ALA A 577 -44.57 1.35 16.00
CA ALA A 577 -45.95 1.22 15.50
C ALA A 577 -46.87 0.87 16.68
N ALA A 578 -48.04 1.48 16.72
CA ALA A 578 -49.00 1.19 17.81
C ALA A 578 -50.40 1.14 17.22
N VAL A 579 -51.02 -0.04 17.25
CA VAL A 579 -52.41 -0.17 16.74
C VAL A 579 -53.32 0.37 17.86
N PHE A 580 -54.00 1.49 17.60
CA PHE A 580 -54.88 2.14 18.61
C PHE A 580 -56.37 1.96 18.29
N ASP A 581 -56.71 1.54 17.07
CA ASP A 581 -58.14 1.33 16.73
C ASP A 581 -58.26 0.31 15.60
N GLY A 582 -59.49 0.02 15.16
CA GLY A 582 -59.75 -0.94 14.07
C GLY A 582 -61.15 -1.50 14.12
N SER A 583 -61.42 -2.53 13.31
CA SER A 583 -62.74 -3.19 13.25
C SER A 583 -62.55 -4.68 12.97
N TYR A 584 -63.64 -5.45 13.02
CA TYR A 584 -63.58 -6.92 12.81
C TYR A 584 -64.88 -7.42 12.18
N HIS A 585 -64.76 -8.39 11.26
CA HIS A 585 -65.93 -8.99 10.57
C HIS A 585 -66.03 -10.45 11.05
N ASP A 586 -67.20 -10.86 11.52
CA ASP A 586 -67.45 -12.24 12.06
C ASP A 586 -67.11 -13.35 11.06
N VAL A 587 -67.10 -13.08 9.75
CA VAL A 587 -66.82 -14.19 8.79
C VAL A 587 -65.70 -13.83 7.81
N ASP A 588 -65.58 -12.55 7.43
CA ASP A 588 -64.55 -12.14 6.42
C ASP A 588 -63.19 -11.84 7.06
N SER A 589 -63.09 -11.70 8.38
CA SER A 589 -61.77 -11.36 8.99
C SER A 589 -60.89 -12.60 9.13
N ASN A 590 -59.61 -12.46 8.76
CA ASN A 590 -58.58 -13.54 8.83
C ASN A 590 -57.20 -12.88 8.94
N GLU A 591 -56.22 -13.58 9.51
CA GLU A 591 -54.85 -13.05 9.73
C GLU A 591 -54.28 -12.39 8.46
N MET A 592 -54.47 -13.02 7.30
CA MET A 592 -53.92 -12.51 6.02
C MET A 592 -54.51 -11.13 5.69
N ALA A 593 -55.82 -10.95 5.88
CA ALA A 593 -56.49 -9.65 5.56
C ALA A 593 -55.89 -8.53 6.42
N TYR A 594 -55.59 -8.81 7.69
CA TYR A 594 -55.01 -7.77 8.59
C TYR A 594 -53.54 -7.53 8.20
N LYS A 595 -52.81 -8.59 7.81
CA LYS A 595 -51.39 -8.41 7.42
C LYS A 595 -51.34 -7.46 6.22
N ILE A 596 -52.20 -7.69 5.22
CA ILE A 596 -52.23 -6.82 4.00
C ILE A 596 -52.66 -5.41 4.43
N ALA A 597 -53.70 -5.31 5.26
CA ALA A 597 -54.21 -4.01 5.75
C ALA A 597 -53.06 -3.23 6.41
N ALA A 598 -52.28 -3.91 7.27
CA ALA A 598 -51.15 -3.29 7.97
C ALA A 598 -50.09 -2.83 6.96
N SER A 599 -49.88 -3.62 5.89
CA SER A 599 -48.89 -3.25 4.85
C SER A 599 -49.33 -1.99 4.10
N MET A 600 -50.60 -1.93 3.69
CA MET A 600 -51.13 -0.73 2.95
C MET A 600 -50.92 0.52 3.80
N ALA A 601 -51.16 0.42 5.11
CA ALA A 601 -50.98 1.56 6.04
C ALA A 601 -49.52 2.00 6.06
N THR A 602 -48.62 1.01 6.04
CA THR A 602 -47.15 1.29 6.07
C THR A 602 -46.72 1.91 4.73
N LYS A 603 -47.30 1.51 3.61
CA LYS A 603 -46.93 2.07 2.28
C LYS A 603 -47.28 3.57 2.24
N GLN A 604 -48.29 4.00 3.01
CA GLN A 604 -48.68 5.44 3.03
C GLN A 604 -47.72 6.24 3.90
N LEU A 605 -46.75 5.56 4.54
CA LEU A 605 -45.76 6.24 5.42
C LEU A 605 -44.77 7.00 4.53
N SER A 606 -44.87 6.81 3.21
CA SER A 606 -43.97 7.52 2.25
C SER A 606 -44.32 9.01 2.20
N GLN A 607 -45.61 9.35 2.24
CA GLN A 607 -46.07 10.77 2.19
C GLN A 607 -46.17 11.37 3.60
N LYS A 608 -47.02 10.78 4.44
CA LYS A 608 -47.27 11.25 5.83
C LYS A 608 -46.03 11.11 6.73
N GLY A 609 -45.19 10.10 6.51
CA GLY A 609 -44.00 9.89 7.35
C GLY A 609 -42.87 10.88 7.08
N GLY A 610 -42.77 11.38 5.84
CA GLY A 610 -41.67 12.31 5.51
C GLY A 610 -40.33 11.62 5.74
N ALA A 611 -40.20 10.41 5.20
CA ALA A 611 -38.99 9.58 5.33
C ALA A 611 -37.80 10.22 4.61
N VAL A 612 -36.59 9.96 5.13
CA VAL A 612 -35.32 10.47 4.55
C VAL A 612 -34.43 9.27 4.22
N LEU A 613 -33.56 9.41 3.22
CA LEU A 613 -32.63 8.33 2.81
C LEU A 613 -31.41 8.33 3.73
N LEU A 614 -31.08 7.19 4.35
CA LEU A 614 -29.89 7.07 5.24
C LEU A 614 -28.74 6.39 4.49
N GLU A 615 -27.49 6.76 4.79
CA GLU A 615 -26.30 6.15 4.14
C GLU A 615 -25.35 5.66 5.23
N PRO A 616 -24.61 4.55 5.03
CA PRO A 616 -23.69 4.07 6.04
C PRO A 616 -22.48 4.99 6.21
N VAL A 617 -22.20 5.38 7.46
CA VAL A 617 -21.04 6.24 7.78
C VAL A 617 -19.99 5.30 8.37
N MET A 618 -18.73 5.49 7.99
CA MET A 618 -17.63 4.60 8.46
C MET A 618 -16.71 5.39 9.41
N LYS A 619 -16.16 4.71 10.41
CA LYS A 619 -15.19 5.36 11.33
C LYS A 619 -13.80 5.16 10.72
N VAL A 620 -13.26 6.23 10.13
CA VAL A 620 -11.93 6.13 9.45
C VAL A 620 -10.83 6.58 10.42
N GLU A 621 -9.71 5.85 10.39
CA GLU A 621 -8.53 6.17 11.22
C GLU A 621 -7.31 6.09 10.30
N VAL A 622 -6.59 7.21 10.15
CA VAL A 622 -5.40 7.26 9.25
C VAL A 622 -4.14 7.59 10.06
N VAL A 623 -3.09 6.77 9.91
CA VAL A 623 -1.79 7.01 10.61
C VAL A 623 -0.84 7.53 9.52
N THR A 624 -0.37 8.76 9.67
CA THR A 624 0.51 9.38 8.65
C THR A 624 1.58 10.25 9.32
N PRO A 625 2.77 10.41 8.69
CA PRO A 625 3.80 11.29 9.25
C PRO A 625 3.17 12.70 9.25
N GLU A 626 3.50 13.50 10.27
CA GLU A 626 3.04 14.91 10.43
C GLU A 626 3.03 15.66 9.10
N GLU A 627 4.01 15.37 8.24
CA GLU A 627 4.19 16.03 6.92
C GLU A 627 2.90 16.05 6.06
N TYR A 628 2.13 14.95 6.02
CA TYR A 628 0.90 14.91 5.16
C TYR A 628 -0.39 15.04 5.97
N GLN A 629 -0.31 15.50 7.23
CA GLN A 629 -1.52 15.65 8.07
C GLN A 629 -2.56 16.54 7.35
N GLY A 630 -2.13 17.71 6.88
CA GLY A 630 -3.03 18.67 6.19
C GLY A 630 -3.69 18.07 4.96
N ASP A 631 -2.92 17.36 4.12
CA ASP A 631 -3.47 16.74 2.89
C ASP A 631 -4.57 15.73 3.25
N ILE A 632 -4.35 14.93 4.30
CA ILE A 632 -5.34 13.91 4.74
C ILE A 632 -6.58 14.61 5.33
N LEU A 633 -6.39 15.59 6.22
CA LEU A 633 -7.55 16.31 6.83
C LEU A 633 -8.40 16.93 5.72
N GLY A 634 -7.78 17.66 4.80
CA GLY A 634 -8.53 18.31 3.71
C GLY A 634 -9.25 17.31 2.83
N ASP A 635 -8.63 16.15 2.57
CA ASP A 635 -9.24 15.12 1.71
C ASP A 635 -10.44 14.47 2.44
N LEU A 636 -10.30 14.14 3.72
CA LEU A 636 -11.44 13.52 4.46
C LEU A 636 -12.59 14.52 4.51
N SER A 637 -12.28 15.81 4.71
CA SER A 637 -13.33 16.86 4.78
C SER A 637 -14.04 16.96 3.41
N ARG A 638 -13.27 16.83 2.32
CA ARG A 638 -13.81 16.89 0.93
C ARG A 638 -14.79 15.75 0.71
N ARG A 639 -14.57 14.60 1.36
CA ARG A 639 -15.41 13.38 1.25
C ARG A 639 -16.61 13.49 2.20
N ARG A 640 -17.08 14.72 2.47
CA ARG A 640 -18.22 14.96 3.39
C ARG A 640 -17.89 14.31 4.74
N GLY A 641 -16.60 14.24 5.08
CA GLY A 641 -16.15 13.62 6.34
C GLY A 641 -16.30 14.57 7.51
N MET A 642 -16.36 14.02 8.71
CA MET A 642 -16.51 14.79 9.97
C MET A 642 -15.30 14.46 10.84
N ILE A 643 -14.33 15.37 10.89
CA ILE A 643 -13.07 15.17 11.67
C ILE A 643 -13.38 15.08 13.17
N GLN A 644 -12.74 14.13 13.85
CA GLN A 644 -12.86 13.86 15.30
C GLN A 644 -11.51 14.17 15.94
N ASP A 645 -11.43 14.15 17.27
CA ASP A 645 -10.15 14.44 17.99
C ASP A 645 -9.06 13.51 17.44
N GLY A 646 -7.89 14.08 17.12
CA GLY A 646 -6.73 13.32 16.61
C GLY A 646 -5.66 13.18 17.68
N ASP A 647 -4.90 12.07 17.64
CA ASP A 647 -3.83 11.83 18.65
C ASP A 647 -2.46 11.92 17.96
N GLU A 648 -1.42 12.07 18.78
CA GLU A 648 -0.03 12.17 18.29
C GLU A 648 0.72 10.94 18.80
N THR A 649 1.31 10.17 17.90
CA THR A 649 2.03 8.93 18.27
C THR A 649 3.48 9.14 17.85
N PRO A 650 4.42 8.25 18.26
CA PRO A 650 5.81 8.26 17.82
C PRO A 650 5.88 8.41 16.29
N ALA A 651 6.28 9.60 15.83
CA ALA A 651 6.56 9.96 14.41
C ALA A 651 5.38 9.66 13.48
N GLY A 652 4.15 9.65 14.01
CA GLY A 652 2.95 9.34 13.21
C GLY A 652 1.71 9.97 13.82
N LYS A 653 1.13 10.94 13.11
CA LYS A 653 -0.12 11.60 13.58
C LYS A 653 -1.30 10.65 13.32
N VAL A 654 -2.22 10.56 14.27
CA VAL A 654 -3.43 9.69 14.12
C VAL A 654 -4.61 10.60 13.76
N ILE A 655 -5.12 10.46 12.53
CA ILE A 655 -6.27 11.31 12.07
C ILE A 655 -7.53 10.44 12.09
N ARG A 656 -8.49 10.79 12.95
CA ARG A 656 -9.76 10.03 13.04
C ARG A 656 -10.87 10.87 12.43
N ALA A 657 -11.76 10.23 11.67
CA ALA A 657 -12.90 10.93 11.04
C ALA A 657 -14.05 9.95 10.81
N GLU A 658 -15.25 10.48 10.63
CA GLU A 658 -16.46 9.67 10.38
C GLU A 658 -16.84 10.05 8.94
N VAL A 659 -16.69 9.12 8.00
CA VAL A 659 -16.93 9.44 6.56
C VAL A 659 -17.94 8.48 5.93
N PRO A 660 -18.89 8.99 5.10
CA PRO A 660 -19.83 8.12 4.39
C PRO A 660 -19.04 7.14 3.50
N LEU A 661 -19.42 5.87 3.52
CA LEU A 661 -18.74 4.80 2.73
C LEU A 661 -18.68 5.19 1.25
N GLY A 662 -19.79 5.70 0.71
CA GLY A 662 -19.88 6.09 -0.71
C GLY A 662 -18.80 7.09 -1.13
N GLU A 663 -18.25 7.85 -0.19
CA GLU A 663 -17.18 8.84 -0.48
C GLU A 663 -15.80 8.24 -0.23
N MET A 664 -15.74 6.98 0.23
CA MET A 664 -14.43 6.32 0.54
C MET A 664 -14.01 5.33 -0.55
N PHE A 665 -14.72 5.28 -1.68
CA PHE A 665 -14.31 4.32 -2.74
C PHE A 665 -12.94 4.72 -3.29
N GLY A 666 -12.01 3.75 -3.36
CA GLY A 666 -10.64 3.98 -3.89
C GLY A 666 -9.77 4.78 -2.94
N TYR A 667 -10.12 4.81 -1.65
CA TYR A 667 -9.30 5.61 -0.70
C TYR A 667 -7.86 5.09 -0.67
N ALA A 668 -7.67 3.77 -0.67
CA ALA A 668 -6.31 3.19 -0.66
C ALA A 668 -5.42 3.86 -1.71
N THR A 669 -5.92 4.00 -2.95
CA THR A 669 -5.17 4.65 -4.06
C THR A 669 -4.87 6.11 -3.72
N SER A 670 -5.89 6.85 -3.29
CA SER A 670 -5.74 8.29 -2.95
C SER A 670 -4.68 8.46 -1.86
N MET A 671 -4.81 7.71 -0.76
CA MET A 671 -3.86 7.80 0.38
C MET A 671 -2.44 7.51 -0.10
N ARG A 672 -2.27 6.53 -1.00
CA ARG A 672 -0.93 6.16 -1.52
C ARG A 672 -0.33 7.32 -2.34
N SER A 673 -1.14 8.00 -3.15
CA SER A 673 -0.63 9.15 -3.96
C SER A 673 -0.17 10.29 -3.05
N MET A 674 -1.08 10.79 -2.21
CA MET A 674 -0.85 11.93 -1.28
C MET A 674 0.26 11.66 -0.27
N THR A 675 0.55 10.39 0.05
CA THR A 675 1.58 10.10 1.09
C THR A 675 2.71 9.24 0.53
N GLN A 676 2.79 9.05 -0.78
CA GLN A 676 3.86 8.22 -1.40
C GLN A 676 3.89 6.83 -0.75
N GLY A 677 2.70 6.30 -0.40
CA GLY A 677 2.55 4.96 0.21
C GLY A 677 3.07 4.87 1.64
N ARG A 678 3.47 6.01 2.23
CA ARG A 678 4.04 6.03 3.61
C ARG A 678 2.91 5.94 4.66
N ALA A 679 1.69 6.35 4.31
CA ALA A 679 0.56 6.32 5.29
C ALA A 679 -0.24 5.03 5.15
N SER A 680 -0.98 4.69 6.20
CA SER A 680 -1.84 3.48 6.28
C SER A 680 -3.17 3.86 6.93
N PHE A 681 -4.26 3.15 6.59
CA PHE A 681 -5.58 3.50 7.20
C PHE A 681 -6.39 2.23 7.48
N SER A 682 -7.49 2.43 8.21
CA SER A 682 -8.45 1.36 8.57
C SER A 682 -9.81 2.04 8.74
N MET A 683 -10.89 1.32 8.43
CA MET A 683 -12.24 1.91 8.59
C MET A 683 -13.23 0.77 8.89
N GLU A 684 -14.26 1.06 9.66
CA GLU A 684 -15.29 0.06 10.04
C GLU A 684 -16.63 0.79 10.21
N PHE A 685 -17.73 0.11 9.89
CA PHE A 685 -19.08 0.72 10.03
C PHE A 685 -19.26 1.23 11.46
N THR A 686 -19.90 2.39 11.62
CA THR A 686 -20.16 2.98 12.96
C THR A 686 -21.66 3.25 13.09
N ARG A 687 -22.32 3.76 12.04
CA ARG A 687 -23.78 4.03 12.08
C ARG A 687 -24.28 4.53 10.73
N TYR A 688 -25.59 4.69 10.59
CA TYR A 688 -26.23 5.27 9.38
C TYR A 688 -26.52 6.76 9.66
N ALA A 689 -26.54 7.58 8.62
CA ALA A 689 -26.80 9.04 8.77
C ALA A 689 -27.54 9.56 7.54
N GLU A 690 -28.37 10.59 7.72
CA GLU A 690 -29.15 11.16 6.57
C GLU A 690 -28.18 11.60 5.48
N ALA A 691 -28.40 11.11 4.26
CA ALA A 691 -27.56 11.51 3.10
C ALA A 691 -27.97 12.91 2.66
N PRO A 692 -27.05 13.76 2.16
CA PRO A 692 -27.42 15.11 1.75
C PRO A 692 -28.42 15.07 0.58
N ALA A 693 -29.08 16.19 0.31
CA ALA A 693 -30.07 16.30 -0.80
C ALA A 693 -29.42 15.95 -2.14
N SER A 694 -28.18 16.41 -2.36
CA SER A 694 -27.43 16.16 -3.61
C SER A 694 -27.57 14.69 -4.04
N ILE A 695 -27.19 13.75 -3.16
CA ILE A 695 -27.27 12.29 -3.44
C ILE A 695 -28.73 11.82 -3.34
N ALA A 696 -29.37 12.06 -2.20
CA ALA A 696 -30.77 11.66 -1.92
C ALA A 696 -31.68 11.90 -3.13
N ASP A 697 -31.95 13.18 -3.45
CA ASP A 697 -32.85 13.57 -4.58
C ASP A 697 -32.63 12.65 -5.80
N GLY A 698 -31.36 12.47 -6.23
CA GLY A 698 -31.02 11.62 -7.38
C GLY A 698 -31.48 10.18 -7.20
N ILE A 699 -31.15 9.57 -6.06
CA ILE A 699 -31.51 8.15 -5.76
C ILE A 699 -33.03 8.01 -5.59
N VAL A 700 -33.69 8.98 -4.93
CA VAL A 700 -35.17 8.92 -4.70
C VAL A 700 -35.89 8.90 -6.06
N LYS A 701 -35.44 9.70 -7.03
CA LYS A 701 -36.06 9.76 -8.37
C LYS A 701 -35.37 8.79 -9.34
N LYS A 702 -34.62 7.81 -8.83
CA LYS A 702 -33.90 6.83 -9.69
C LYS A 702 -34.89 5.83 -10.28
N SER A 703 -35.83 5.34 -9.45
CA SER A 703 -36.85 4.35 -9.89
C SER A 703 -38.23 4.81 -9.39
N ARG A 704 -38.32 5.19 -8.11
CA ARG A 704 -39.59 5.65 -7.50
C ARG A 704 -39.73 7.17 -7.73
N GLY A 705 -40.71 7.80 -7.06
CA GLY A 705 -40.95 9.24 -7.19
C GLY A 705 -41.58 9.82 -5.93
N ALA B 3 26.78 36.56 -23.70
CA ALA B 3 27.92 36.86 -22.80
C ALA B 3 27.45 37.80 -21.67
N MET B 4 26.81 38.92 -22.02
CA MET B 4 26.30 39.89 -21.01
C MET B 4 24.99 39.36 -20.39
N ALA B 5 24.50 38.23 -20.90
CA ALA B 5 23.25 37.62 -20.36
C ALA B 5 23.49 37.17 -18.92
N ARG B 6 24.68 36.63 -18.62
CA ARG B 6 25.03 36.16 -17.27
C ARG B 6 25.21 37.36 -16.31
N THR B 7 24.58 37.28 -15.14
CA THR B 7 24.64 38.33 -14.09
C THR B 7 25.52 37.86 -12.93
N THR B 8 25.62 36.54 -12.75
CA THR B 8 26.44 35.97 -11.64
C THR B 8 27.42 34.91 -12.16
N PRO B 9 28.71 34.98 -11.75
CA PRO B 9 29.69 33.98 -12.18
C PRO B 9 29.13 32.58 -11.88
N ILE B 10 29.45 31.59 -12.71
CA ILE B 10 28.95 30.20 -12.53
C ILE B 10 29.50 29.59 -11.24
N GLU B 11 30.69 30.01 -10.80
CA GLU B 11 31.31 29.47 -9.55
C GLU B 11 30.45 29.78 -8.33
N LEU B 12 29.52 30.74 -8.45
CA LEU B 12 28.67 31.15 -7.30
C LEU B 12 27.32 30.43 -7.31
N TYR B 13 27.11 29.49 -8.24
CA TYR B 13 25.84 28.72 -8.31
C TYR B 13 25.98 27.42 -7.51
N ARG B 14 24.87 26.98 -6.91
CA ARG B 14 24.80 25.72 -6.12
C ARG B 14 23.47 25.03 -6.42
N ASN B 15 23.45 24.08 -7.36
CA ASN B 15 22.23 23.32 -7.68
C ASN B 15 22.18 22.17 -6.67
N ILE B 16 21.39 22.32 -5.60
CA ILE B 16 21.33 21.26 -4.55
C ILE B 16 19.92 20.70 -4.42
N GLY B 17 19.86 19.48 -3.91
CA GLY B 17 18.60 18.75 -3.67
C GLY B 17 18.69 18.02 -2.34
N ILE B 18 17.67 18.17 -1.50
CA ILE B 18 17.62 17.49 -0.18
C ILE B 18 17.17 16.05 -0.44
N VAL B 19 18.05 15.07 -0.22
CA VAL B 19 17.70 13.64 -0.44
C VAL B 19 17.50 13.01 0.96
N ALA B 20 16.25 12.77 1.34
CA ALA B 20 15.98 12.18 2.67
C ALA B 20 14.96 11.04 2.59
N HIS B 21 15.21 9.97 3.36
CA HIS B 21 14.27 8.82 3.44
C HIS B 21 13.05 9.49 4.06
N VAL B 22 11.84 9.09 3.64
CA VAL B 22 10.55 9.49 4.29
C VAL B 22 10.68 9.43 5.82
N ASP B 23 10.27 10.51 6.51
CA ASP B 23 10.31 10.63 8.00
C ASP B 23 11.76 10.83 8.46
N ALA B 24 12.48 11.76 7.83
CA ALA B 24 13.89 12.09 8.17
C ALA B 24 14.03 13.60 8.38
N GLY B 25 12.93 14.34 8.16
CA GLY B 25 12.88 15.81 8.32
C GLY B 25 13.16 16.54 7.02
N LYS B 26 12.62 16.06 5.90
CA LYS B 26 12.85 16.71 4.58
C LYS B 26 12.05 18.01 4.49
N THR B 27 10.73 17.96 4.72
CA THR B 27 9.85 19.16 4.68
C THR B 27 10.33 20.21 5.68
N THR B 28 10.49 19.84 6.95
CA THR B 28 10.94 20.79 8.00
C THR B 28 12.28 21.43 7.57
N THR B 29 13.25 20.60 7.15
CA THR B 29 14.58 21.10 6.73
C THR B 29 14.45 22.03 5.51
N THR B 30 13.65 21.65 4.51
CA THR B 30 13.49 22.49 3.29
C THR B 30 12.81 23.81 3.66
N GLU B 31 11.81 23.79 4.56
CA GLU B 31 11.08 25.00 4.99
C GLU B 31 12.01 25.91 5.82
N ARG B 32 12.92 25.33 6.59
CA ARG B 32 13.87 26.13 7.42
C ARG B 32 14.95 26.75 6.52
N ILE B 33 15.33 26.06 5.43
CA ILE B 33 16.36 26.61 4.49
C ILE B 33 15.80 27.89 3.87
N LEU B 34 14.55 27.86 3.38
CA LEU B 34 13.92 29.04 2.74
C LEU B 34 13.74 30.17 3.76
N PHE B 35 13.71 29.83 5.05
CA PHE B 35 13.55 30.84 6.13
C PHE B 35 14.87 31.60 6.35
N TYR B 36 15.95 30.88 6.68
CA TYR B 36 17.27 31.51 6.94
C TYR B 36 17.78 32.26 5.70
N THR B 37 17.54 31.72 4.50
CA THR B 37 18.00 32.39 3.25
C THR B 37 17.19 33.67 3.01
N GLY B 38 15.95 33.73 3.52
CA GLY B 38 15.09 34.92 3.32
C GLY B 38 15.48 36.09 4.20
N VAL B 39 16.27 35.86 5.26
CA VAL B 39 16.67 36.95 6.19
C VAL B 39 18.18 37.25 6.07
N ASN B 40 18.99 36.26 5.67
CA ASN B 40 20.46 36.50 5.53
C ASN B 40 20.69 37.56 4.45
N ILE B 64 3.39 32.49 3.96
CA ILE B 64 3.84 31.08 3.73
C ILE B 64 4.75 31.03 2.50
N THR B 65 5.64 30.03 2.45
CA THR B 65 6.58 29.86 1.31
C THR B 65 5.88 29.01 0.23
N ILE B 66 5.73 29.56 -0.97
CA ILE B 66 5.06 28.84 -2.10
C ILE B 66 5.95 27.66 -2.52
N THR B 67 5.36 26.46 -2.64
CA THR B 67 6.12 25.24 -3.03
C THR B 67 6.32 25.22 -4.54
N SER B 68 7.47 24.70 -5.00
CA SER B 68 7.79 24.62 -6.44
C SER B 68 8.90 23.59 -6.69
N ALA B 69 8.93 23.01 -7.89
CA ALA B 69 9.92 21.99 -8.29
C ALA B 69 11.35 22.48 -8.04
N ALA B 70 11.59 23.78 -8.25
CA ALA B 70 12.93 24.39 -8.04
C ALA B 70 12.75 25.78 -7.45
N THR B 71 13.44 26.06 -6.33
CA THR B 71 13.35 27.38 -5.67
C THR B 71 14.75 28.01 -5.63
N THR B 72 14.88 29.25 -6.08
CA THR B 72 16.18 29.96 -6.08
C THR B 72 16.24 30.87 -4.84
N ALA B 73 17.31 30.71 -4.04
CA ALA B 73 17.51 31.52 -2.82
C ALA B 73 18.97 31.96 -2.76
N PHE B 74 19.25 33.01 -1.97
CA PHE B 74 20.63 33.54 -1.84
C PHE B 74 21.16 33.22 -0.44
N TRP B 75 22.49 33.08 -0.33
CA TRP B 75 23.16 32.76 0.96
C TRP B 75 24.61 33.24 0.90
N GLN B 76 25.00 34.12 1.82
CA GLN B 76 26.38 34.67 1.85
C GLN B 76 27.08 34.19 3.12
N GLY B 77 26.54 33.13 3.75
CA GLY B 77 27.14 32.56 4.97
C GLY B 77 26.31 32.87 6.21
N SER B 78 26.43 32.01 7.22
CA SER B 78 25.71 32.16 8.51
C SER B 78 26.04 33.52 9.13
N THR B 79 27.29 33.97 8.95
CA THR B 79 27.77 35.27 9.49
C THR B 79 28.12 36.19 8.33
N LYS B 80 27.63 35.89 7.13
CA LYS B 80 27.95 36.71 5.92
C LYS B 80 29.48 36.78 5.81
N GLN B 81 30.15 35.66 6.12
CA GLN B 81 31.64 35.58 6.11
C GLN B 81 32.18 35.36 4.69
N PHE B 82 31.32 35.16 3.70
CA PHE B 82 31.80 34.93 2.30
C PHE B 82 31.82 36.27 1.55
N ALA B 83 32.80 36.40 0.66
CA ALA B 83 33.02 37.63 -0.14
C ALA B 83 31.87 37.85 -1.13
N HIS B 84 31.44 36.80 -1.83
CA HIS B 84 30.34 36.94 -2.82
C HIS B 84 29.08 36.25 -2.29
N LYS B 85 27.92 36.66 -2.80
CA LYS B 85 26.61 36.08 -2.39
C LYS B 85 26.26 34.97 -3.40
N TYR B 86 26.26 33.73 -2.90
CA TYR B 86 26.02 32.50 -3.71
C TYR B 86 24.52 32.29 -4.02
N ARG B 87 24.25 31.80 -5.24
CA ARG B 87 22.87 31.48 -5.71
C ARG B 87 22.56 29.98 -5.54
N PHE B 88 21.63 29.67 -4.65
CA PHE B 88 21.19 28.27 -4.36
C PHE B 88 19.90 27.93 -5.11
N ASN B 89 19.93 26.85 -5.90
CA ASN B 89 18.73 26.34 -6.60
C ASN B 89 18.30 25.07 -5.88
N ILE B 90 17.34 25.20 -4.95
CA ILE B 90 16.84 24.04 -4.15
C ILE B 90 15.94 23.18 -5.05
N ILE B 91 16.43 21.99 -5.43
CA ILE B 91 15.65 21.08 -6.32
C ILE B 91 14.81 20.13 -5.44
N ASP B 92 13.50 20.12 -5.64
CA ASP B 92 12.61 19.23 -4.84
C ASP B 92 12.76 17.81 -5.37
N THR B 93 13.25 16.88 -4.54
CA THR B 93 13.42 15.46 -4.95
C THR B 93 12.19 14.68 -4.48
N PRO B 94 11.79 13.59 -5.19
CA PRO B 94 10.63 12.79 -4.79
C PRO B 94 10.85 12.07 -3.46
N GLY B 95 11.88 11.21 -3.39
CA GLY B 95 12.21 10.44 -2.18
C GLY B 95 11.47 9.11 -2.10
N HIS B 96 11.09 8.55 -3.25
CA HIS B 96 10.38 7.23 -3.27
C HIS B 96 11.32 6.16 -2.68
N VAL B 97 10.74 5.16 -1.98
CA VAL B 97 11.54 4.06 -1.37
C VAL B 97 12.11 3.17 -2.48
N ASP B 98 11.45 3.16 -3.65
CA ASP B 98 11.88 2.39 -4.84
C ASP B 98 12.56 3.39 -5.78
N PHE B 99 13.60 2.96 -6.51
CA PHE B 99 14.33 3.86 -7.43
C PHE B 99 13.60 3.94 -8.78
N THR B 100 12.81 5.01 -8.97
CA THR B 100 12.04 5.24 -10.22
C THR B 100 12.85 6.16 -11.14
N ILE B 101 12.33 6.43 -12.34
CA ILE B 101 12.99 7.31 -13.35
C ILE B 101 13.00 8.76 -12.82
N GLU B 102 12.01 9.11 -11.99
CA GLU B 102 11.88 10.47 -11.40
C GLU B 102 13.08 10.74 -10.47
N VAL B 103 13.51 9.75 -9.68
CA VAL B 103 14.66 9.91 -8.75
C VAL B 103 15.95 10.08 -9.58
N GLU B 104 16.12 9.21 -10.58
CA GLU B 104 17.31 9.24 -11.47
C GLU B 104 17.43 10.64 -12.12
N ARG B 105 16.32 11.14 -12.66
CA ARG B 105 16.28 12.47 -13.34
C ARG B 105 16.70 13.58 -12.35
N SER B 106 16.17 13.58 -11.12
CA SER B 106 16.50 14.63 -10.12
C SER B 106 18.00 14.62 -9.79
N LEU B 107 18.64 13.44 -9.76
CA LEU B 107 20.10 13.36 -9.47
C LEU B 107 20.91 14.01 -10.60
N ARG B 108 20.38 13.99 -11.83
CA ARG B 108 21.09 14.60 -12.99
C ARG B 108 20.83 16.11 -13.01
N VAL B 109 19.74 16.55 -12.37
CA VAL B 109 19.38 18.00 -12.33
C VAL B 109 20.22 18.65 -11.23
N LEU B 110 20.23 18.07 -10.02
CA LEU B 110 21.05 18.67 -8.93
C LEU B 110 22.51 18.37 -9.23
N ASP B 111 23.41 19.24 -8.77
CA ASP B 111 24.88 19.07 -8.99
C ASP B 111 25.48 18.44 -7.73
N GLY B 112 24.98 18.91 -6.58
CA GLY B 112 25.40 18.43 -5.25
C GLY B 112 24.17 18.06 -4.45
N ALA B 113 24.24 17.02 -3.64
CA ALA B 113 23.06 16.60 -2.86
C ALA B 113 23.35 16.66 -1.36
N VAL B 114 22.33 17.05 -0.58
CA VAL B 114 22.42 17.09 0.90
C VAL B 114 21.60 15.89 1.40
N VAL B 115 22.24 14.73 1.56
CA VAL B 115 21.54 13.50 2.03
C VAL B 115 21.22 13.70 3.51
N VAL B 116 19.93 13.61 3.88
CA VAL B 116 19.50 13.83 5.29
C VAL B 116 19.10 12.49 5.93
N PHE B 117 19.72 12.16 7.07
CA PHE B 117 19.41 10.91 7.82
C PHE B 117 18.89 11.27 9.21
N SER B 118 18.13 10.36 9.81
CA SER B 118 17.60 10.57 11.18
C SER B 118 18.64 10.07 12.18
N GLY B 119 19.02 10.89 13.16
CA GLY B 119 20.03 10.48 14.16
C GLY B 119 19.57 9.27 14.96
N ALA B 120 18.26 9.00 14.99
CA ALA B 120 17.69 7.85 15.73
C ALA B 120 17.41 6.67 14.81
N ASP B 121 16.80 6.92 13.65
CA ASP B 121 16.46 5.84 12.68
C ASP B 121 17.73 5.37 11.97
N GLY B 122 18.70 6.27 11.76
CA GLY B 122 19.96 5.93 11.10
C GLY B 122 19.81 5.74 9.60
N VAL B 123 20.56 4.78 9.04
CA VAL B 123 20.56 4.48 7.58
C VAL B 123 19.59 3.32 7.31
N GLU B 124 18.48 3.60 6.63
CA GLU B 124 17.50 2.54 6.28
C GLU B 124 17.87 1.97 4.91
N PRO B 125 17.51 0.69 4.63
CA PRO B 125 17.83 0.08 3.33
C PRO B 125 17.24 0.83 2.12
N GLN B 126 16.08 1.47 2.29
CA GLN B 126 15.43 2.23 1.18
C GLN B 126 16.30 3.43 0.79
N SER B 127 17.32 3.76 1.60
CA SER B 127 18.23 4.90 1.32
C SER B 127 19.45 4.41 0.53
N GLU B 128 19.86 3.17 0.75
CA GLU B 128 21.05 2.56 0.09
C GLU B 128 20.82 2.43 -1.43
N THR B 129 19.57 2.45 -1.89
CA THR B 129 19.27 2.32 -3.34
C THR B 129 19.58 3.63 -4.08
N VAL B 130 19.01 4.75 -3.61
CA VAL B 130 19.24 6.08 -4.25
C VAL B 130 20.70 6.49 -4.05
N TRP B 131 21.32 6.02 -2.97
CA TRP B 131 22.74 6.35 -2.65
C TRP B 131 23.65 5.75 -3.74
N ARG B 132 23.41 4.49 -4.12
CA ARG B 132 24.23 3.83 -5.18
C ARG B 132 23.97 4.52 -6.52
N GLN B 133 22.72 4.87 -6.82
CA GLN B 133 22.41 5.58 -8.09
C GLN B 133 23.10 6.95 -8.07
N ALA B 134 23.30 7.52 -6.88
CA ALA B 134 24.01 8.81 -6.77
C ALA B 134 25.48 8.60 -7.17
N ASN B 135 26.04 7.43 -6.82
CA ASN B 135 27.44 7.08 -7.16
C ASN B 135 27.55 6.88 -8.68
N LYS B 136 26.48 6.37 -9.31
CA LYS B 136 26.45 6.13 -10.78
C LYS B 136 26.60 7.46 -11.54
N TYR B 137 26.12 8.57 -10.96
CA TYR B 137 26.24 9.90 -11.63
C TYR B 137 27.25 10.79 -10.90
N HIS B 138 28.21 10.18 -10.20
CA HIS B 138 29.29 10.89 -9.47
C HIS B 138 28.74 12.17 -8.83
N VAL B 139 27.70 12.03 -7.99
CA VAL B 139 27.05 13.21 -7.34
C VAL B 139 27.75 13.50 -6.02
N PRO B 140 28.50 14.62 -5.91
CA PRO B 140 29.16 14.99 -4.65
C PRO B 140 28.05 15.18 -3.63
N ARG B 141 28.31 14.95 -2.34
CA ARG B 141 27.18 15.10 -1.38
C ARG B 141 27.66 15.33 0.04
N LEU B 142 26.76 15.90 0.85
CA LEU B 142 26.95 16.17 2.30
C LEU B 142 25.99 15.27 3.07
N ALA B 143 26.34 14.89 4.29
CA ALA B 143 25.44 14.04 5.11
C ALA B 143 24.96 14.88 6.30
N TYR B 144 23.66 15.17 6.36
CA TYR B 144 23.08 15.97 7.47
C TYR B 144 22.29 15.03 8.39
N ILE B 145 22.89 14.68 9.53
CA ILE B 145 22.24 13.80 10.54
C ILE B 145 21.26 14.68 11.33
N ASN B 146 20.00 14.68 10.90
CA ASN B 146 18.91 15.50 11.49
C ASN B 146 18.27 14.79 12.69
N LYS B 147 17.48 15.55 13.47
CA LYS B 147 16.73 15.06 14.66
C LYS B 147 17.67 14.46 15.71
N MET B 148 18.51 15.31 16.31
CA MET B 148 19.48 14.89 17.37
C MET B 148 18.83 15.11 18.74
N ASP B 149 17.62 15.69 18.76
CA ASP B 149 16.88 15.99 20.02
C ASP B 149 15.97 14.81 20.41
N ARG B 150 15.55 14.00 19.43
CA ARG B 150 14.62 12.86 19.70
C ARG B 150 15.40 11.71 20.37
N GLN B 151 14.68 10.79 21.03
CA GLN B 151 15.32 9.64 21.73
C GLN B 151 15.97 8.68 20.73
N GLY B 152 17.01 7.97 21.17
CA GLY B 152 17.75 6.99 20.35
C GLY B 152 18.74 7.66 19.41
N ALA B 153 18.82 9.00 19.47
CA ALA B 153 19.73 9.78 18.60
C ALA B 153 21.20 9.54 19.00
N ASP B 154 22.05 9.26 18.02
CA ASP B 154 23.50 9.04 18.24
C ASP B 154 24.22 9.35 16.91
N PHE B 155 24.96 10.47 16.88
CA PHE B 155 25.66 10.93 15.65
C PHE B 155 26.70 9.92 15.16
N LEU B 156 27.76 9.69 15.95
CA LEU B 156 28.85 8.76 15.54
C LEU B 156 28.29 7.37 15.17
N ARG B 157 27.14 6.99 15.71
CA ARG B 157 26.51 5.67 15.41
C ARG B 157 26.11 5.65 13.92
N VAL B 158 25.42 6.69 13.47
CA VAL B 158 24.96 6.79 12.04
C VAL B 158 26.18 6.96 11.13
N VAL B 159 27.22 7.67 11.59
CA VAL B 159 28.45 7.89 10.78
C VAL B 159 29.03 6.52 10.39
N LYS B 160 29.13 5.58 11.35
CA LYS B 160 29.68 4.23 11.08
C LYS B 160 28.83 3.50 10.03
N GLN B 161 27.50 3.65 10.09
CA GLN B 161 26.59 2.98 9.11
C GLN B 161 26.91 3.46 7.69
N ILE B 162 27.15 4.76 7.50
CA ILE B 162 27.47 5.30 6.15
C ILE B 162 28.75 4.63 5.63
N ASP B 163 29.67 4.29 6.55
CA ASP B 163 30.96 3.64 6.18
C ASP B 163 30.75 2.13 6.00
N GLN B 164 29.99 1.49 6.90
CA GLN B 164 29.75 0.02 6.84
C GLN B 164 28.65 -0.35 5.83
N ARG B 165 27.44 0.20 5.98
CA ARG B 165 26.29 -0.13 5.07
C ARG B 165 26.43 0.50 3.69
N LEU B 166 26.46 1.83 3.61
CA LEU B 166 26.56 2.55 2.30
C LEU B 166 27.93 2.35 1.66
N GLY B 167 28.91 1.88 2.43
CA GLY B 167 30.27 1.61 1.92
C GLY B 167 30.96 2.82 1.33
N HIS B 168 30.75 4.01 1.90
CA HIS B 168 31.41 5.24 1.39
C HIS B 168 32.41 5.70 2.46
N HIS B 169 32.99 6.91 2.33
CA HIS B 169 33.96 7.38 3.36
C HIS B 169 33.45 8.67 4.00
N PRO B 170 32.61 8.59 5.06
CA PRO B 170 32.10 9.78 5.73
C PRO B 170 33.22 10.50 6.50
N VAL B 171 33.23 11.83 6.44
CA VAL B 171 34.28 12.65 7.14
C VAL B 171 33.57 13.68 8.01
N PRO B 172 33.26 13.36 9.28
CA PRO B 172 32.60 14.30 10.18
C PRO B 172 33.42 15.59 10.39
N ILE B 173 32.80 16.75 10.13
CA ILE B 173 33.46 18.07 10.34
C ILE B 173 32.80 18.72 11.56
N GLN B 174 31.96 17.95 12.25
CA GLN B 174 31.23 18.39 13.47
C GLN B 174 31.01 17.20 14.40
N LEU B 175 30.73 17.48 15.67
CA LEU B 175 30.40 16.46 16.70
C LEU B 175 29.22 17.00 17.52
N ALA B 176 28.47 16.10 18.16
CA ALA B 176 27.29 16.51 18.94
C ALA B 176 27.67 16.97 20.36
N ILE B 177 26.92 17.97 20.86
CA ILE B 177 27.05 18.52 22.24
C ILE B 177 25.71 18.22 22.93
N GLY B 178 25.70 17.25 23.86
CA GLY B 178 24.45 16.87 24.53
C GLY B 178 23.69 15.86 23.69
N SER B 179 23.06 14.87 24.33
CA SER B 179 22.31 13.83 23.59
C SER B 179 20.80 13.94 23.86
N GLU B 180 20.00 13.76 22.81
CA GLU B 180 18.51 13.79 22.88
C GLU B 180 18.03 15.15 23.44
N GLU B 181 17.06 15.11 24.36
CA GLU B 181 16.47 16.32 25.00
C GLU B 181 17.56 17.31 25.47
N ASN B 182 18.79 16.85 25.69
CA ASN B 182 19.89 17.74 26.17
C ASN B 182 20.72 18.26 24.98
N PHE B 183 20.31 17.96 23.74
CA PHE B 183 21.08 18.43 22.55
C PHE B 183 21.02 19.96 22.47
N MET B 184 22.19 20.62 22.50
CA MET B 184 22.28 22.11 22.46
C MET B 184 22.92 22.61 21.17
N GLY B 185 23.91 21.89 20.63
CA GLY B 185 24.56 22.34 19.39
C GLY B 185 25.66 21.40 18.91
N GLN B 186 26.58 21.91 18.09
CA GLN B 186 27.70 21.08 17.55
C GLN B 186 29.05 21.73 17.86
N ILE B 187 30.13 21.01 17.54
CA ILE B 187 31.52 21.56 17.69
C ILE B 187 32.11 21.61 16.28
N ASP B 188 32.50 22.81 15.83
CA ASP B 188 33.08 22.99 14.47
C ASP B 188 34.55 22.54 14.53
N LEU B 189 34.83 21.31 14.10
CA LEU B 189 36.21 20.75 14.10
C LEU B 189 37.18 21.62 13.28
N VAL B 190 36.67 22.39 12.31
CA VAL B 190 37.55 23.26 11.47
C VAL B 190 38.00 24.46 12.31
N LYS B 191 37.11 24.96 13.18
CA LYS B 191 37.42 26.14 14.04
C LYS B 191 37.75 25.69 15.47
N MET B 192 37.37 24.46 15.83
CA MET B 192 37.60 23.93 17.21
C MET B 192 37.06 24.93 18.24
N LYS B 193 35.76 25.20 18.13
CA LYS B 193 35.04 26.15 19.01
C LYS B 193 33.59 25.64 19.13
N ALA B 194 33.05 25.51 20.34
CA ALA B 194 31.66 25.01 20.53
C ALA B 194 30.67 26.00 19.90
N ILE B 195 29.59 25.47 19.31
CA ILE B 195 28.56 26.32 18.64
C ILE B 195 27.20 26.16 19.33
N TYR B 196 26.74 27.19 20.04
CA TYR B 196 25.42 27.18 20.73
C TYR B 196 24.50 28.16 19.99
N TRP B 197 23.24 27.75 19.80
CA TRP B 197 22.24 28.57 19.06
C TRP B 197 21.34 29.37 20.00
N ASN B 198 21.11 30.64 19.66
CA ASN B 198 20.24 31.56 20.47
C ASN B 198 18.80 31.46 19.93
N ASP B 199 17.88 30.98 20.77
CA ASP B 199 16.45 30.84 20.37
C ASP B 199 15.80 32.22 20.24
N ALA B 200 16.53 33.27 20.64
CA ALA B 200 16.02 34.67 20.57
C ALA B 200 15.58 34.99 19.13
N ASP B 201 16.47 34.81 18.15
CA ASP B 201 16.16 35.11 16.72
C ASP B 201 15.85 33.82 15.95
N GLN B 202 15.30 32.81 16.62
CA GLN B 202 14.89 31.50 16.02
C GLN B 202 16.10 30.77 15.40
N GLY B 203 17.17 30.59 16.17
CA GLY B 203 18.39 29.88 15.74
C GLY B 203 19.04 30.44 14.49
N THR B 204 18.82 31.73 14.19
CA THR B 204 19.44 32.37 12.99
C THR B 204 20.90 32.72 13.31
N SER B 205 21.17 33.12 14.56
CA SER B 205 22.54 33.49 15.01
C SER B 205 23.07 32.41 15.97
N TYR B 206 24.34 32.53 16.39
CA TYR B 206 24.96 31.55 17.32
C TYR B 206 26.14 32.20 18.05
N ARG B 207 26.60 31.58 19.14
CA ARG B 207 27.75 32.10 19.93
C ARG B 207 28.90 31.07 19.82
N GLU B 208 30.15 31.55 19.76
CA GLU B 208 31.33 30.66 19.68
C GLU B 208 32.02 30.57 21.05
N GLU B 209 31.79 29.46 21.77
CA GLU B 209 32.39 29.24 23.11
C GLU B 209 33.45 28.13 23.01
N GLU B 210 34.21 27.92 24.09
CA GLU B 210 35.28 26.88 24.14
C GLU B 210 34.62 25.51 24.20
N ILE B 211 35.30 24.49 23.65
CA ILE B 211 34.77 23.08 23.66
C ILE B 211 34.77 22.57 25.10
N PRO B 212 33.69 21.90 25.56
CA PRO B 212 33.64 21.38 26.93
C PRO B 212 34.75 20.33 27.14
N ALA B 213 35.40 20.35 28.31
CA ALA B 213 36.50 19.40 28.64
C ALA B 213 36.05 17.94 28.45
N GLU B 214 34.75 17.66 28.62
CA GLU B 214 34.20 16.28 28.47
C GLU B 214 34.19 15.84 27.00
N LEU B 215 34.54 16.72 26.05
CA LEU B 215 34.53 16.35 24.61
C LEU B 215 35.81 16.80 23.91
N LYS B 216 36.72 17.46 24.62
CA LYS B 216 38.00 17.94 24.02
C LYS B 216 38.79 16.74 23.47
N ALA B 217 38.83 15.65 24.24
CA ALA B 217 39.56 14.42 23.87
C ALA B 217 38.93 13.81 22.61
N LEU B 218 37.59 13.76 22.56
CA LEU B 218 36.86 13.18 21.40
C LEU B 218 37.01 14.10 20.18
N ALA B 219 37.06 15.43 20.41
CA ALA B 219 37.18 16.42 19.31
C ALA B 219 38.53 16.26 18.59
N ASP B 220 39.62 16.16 19.35
CA ASP B 220 40.99 16.00 18.78
C ASP B 220 41.04 14.73 17.91
N GLU B 221 40.47 13.64 18.41
CA GLU B 221 40.46 12.33 17.69
C GLU B 221 39.86 12.51 16.28
N TRP B 222 38.64 13.05 16.19
CA TRP B 222 37.97 13.22 14.87
C TRP B 222 38.59 14.35 14.05
N ARG B 223 39.28 15.31 14.69
CA ARG B 223 39.95 16.38 13.88
C ARG B 223 41.13 15.73 13.16
N ALA B 224 41.77 14.75 13.80
CA ALA B 224 42.91 14.02 13.18
C ALA B 224 42.42 13.28 11.94
N HIS B 225 41.24 12.63 12.03
CA HIS B 225 40.66 11.89 10.89
C HIS B 225 40.22 12.86 9.79
N MET B 226 39.75 14.06 10.17
CA MET B 226 39.32 15.08 9.18
C MET B 226 40.55 15.58 8.39
N ILE B 227 41.58 16.00 9.11
CA ILE B 227 42.86 16.51 8.49
C ILE B 227 43.50 15.39 7.66
N GLU B 228 43.53 14.16 8.20
CA GLU B 228 44.13 12.99 7.50
C GLU B 228 43.33 12.69 6.22
N ALA B 229 42.01 12.90 6.26
CA ALA B 229 41.13 12.65 5.08
C ALA B 229 41.31 13.78 4.05
N ALA B 230 41.55 15.00 4.51
CA ALA B 230 41.75 16.17 3.61
C ALA B 230 43.15 16.13 2.99
N ALA B 231 44.15 15.63 3.74
CA ALA B 231 45.54 15.55 3.26
C ALA B 231 45.65 14.66 2.00
N GLU B 232 44.83 13.61 1.92
CA GLU B 232 44.85 12.66 0.76
C GLU B 232 44.30 13.35 -0.50
N ALA B 233 43.73 14.56 -0.37
CA ALA B 233 43.17 15.30 -1.52
C ALA B 233 44.21 15.40 -2.65
N ASN B 234 45.39 15.93 -2.34
CA ASN B 234 46.45 16.09 -3.38
C ASN B 234 47.83 15.85 -2.75
N ASP B 235 48.86 15.71 -3.60
CA ASP B 235 50.25 15.44 -3.16
C ASP B 235 50.77 16.60 -2.28
N GLU B 236 50.51 17.84 -2.69
CA GLU B 236 50.98 19.05 -1.97
C GLU B 236 50.60 18.94 -0.48
N LEU B 237 49.31 18.69 -0.18
CA LEU B 237 48.81 18.58 1.22
C LEU B 237 49.31 17.28 1.87
N THR B 238 49.41 16.19 1.11
CA THR B 238 49.88 14.89 1.67
C THR B 238 51.34 15.04 2.17
N MET B 239 52.17 15.74 1.41
CA MET B 239 53.59 15.91 1.81
C MET B 239 53.69 16.82 3.04
N LYS B 240 52.88 17.88 3.09
CA LYS B 240 52.93 18.81 4.27
C LYS B 240 52.44 18.05 5.52
N PHE B 241 51.50 17.12 5.35
CA PHE B 241 50.96 16.32 6.48
C PHE B 241 52.01 15.33 6.98
N LEU B 242 52.72 14.65 6.07
CA LEU B 242 53.76 13.65 6.43
C LEU B 242 54.99 14.35 7.05
N ASP B 243 55.17 15.65 6.77
CA ASP B 243 56.33 16.42 7.31
C ASP B 243 56.01 16.82 8.76
N GLY B 244 54.78 16.59 9.21
CA GLY B 244 54.35 16.92 10.58
C GLY B 244 53.94 18.38 10.72
N GLU B 245 53.69 19.07 9.60
CA GLU B 245 53.27 20.51 9.64
C GLU B 245 51.74 20.57 9.77
N GLU B 246 51.24 21.44 10.64
CA GLU B 246 49.78 21.60 10.86
C GLU B 246 49.17 22.34 9.66
N LEU B 247 48.13 21.76 9.05
CA LEU B 247 47.46 22.39 7.88
C LEU B 247 46.61 23.58 8.34
N SER B 248 46.57 24.64 7.53
CA SER B 248 45.78 25.85 7.85
C SER B 248 44.29 25.59 7.58
N ILE B 249 43.42 26.50 8.05
CA ILE B 249 41.95 26.39 7.86
C ILE B 249 41.61 26.28 6.37
N GLU B 250 42.18 27.17 5.54
CA GLU B 250 41.89 27.17 4.07
C GLU B 250 42.39 25.89 3.42
N GLU B 251 43.58 25.40 3.81
CA GLU B 251 44.15 24.16 3.23
C GLU B 251 43.24 22.97 3.55
N ILE B 252 42.79 22.85 4.81
CA ILE B 252 41.89 21.73 5.21
C ILE B 252 40.60 21.79 4.39
N LYS B 253 40.00 22.98 4.27
CA LYS B 253 38.72 23.15 3.52
C LYS B 253 38.96 22.87 2.03
N ALA B 254 40.08 23.34 1.48
CA ALA B 254 40.38 23.10 0.04
C ALA B 254 40.49 21.59 -0.22
N GLY B 255 41.08 20.86 0.74
CA GLY B 255 41.26 19.40 0.63
C GLY B 255 39.93 18.68 0.66
N LEU B 256 39.10 18.96 1.67
CA LEU B 256 37.77 18.32 1.81
C LEU B 256 36.92 18.64 0.57
N ARG B 257 37.07 19.85 0.02
CA ARG B 257 36.28 20.26 -1.17
C ARG B 257 36.69 19.42 -2.38
N GLN B 258 37.98 19.34 -2.67
CA GLN B 258 38.47 18.56 -3.84
C GLN B 258 38.01 17.10 -3.71
N ARG B 259 38.05 16.54 -2.50
CA ARG B 259 37.65 15.15 -2.18
C ARG B 259 36.13 14.98 -2.34
N THR B 260 35.36 15.99 -1.91
CA THR B 260 33.88 15.91 -1.99
C THR B 260 33.45 15.96 -3.46
N ILE B 261 33.97 16.94 -4.22
CA ILE B 261 33.65 17.11 -5.67
C ILE B 261 34.05 15.86 -6.45
N ALA B 262 35.05 15.11 -5.95
CA ALA B 262 35.51 13.87 -6.61
C ALA B 262 34.70 12.69 -6.07
N ASN B 263 33.77 12.96 -5.16
CA ASN B 263 32.89 11.95 -4.53
C ASN B 263 33.77 10.86 -3.88
N GLU B 264 34.79 11.29 -3.13
CA GLU B 264 35.71 10.36 -2.40
C GLU B 264 35.36 10.39 -0.92
N ILE B 265 34.70 11.47 -0.47
CA ILE B 265 34.28 11.63 0.95
C ILE B 265 32.93 12.35 0.99
N VAL B 266 32.33 12.40 2.17
CA VAL B 266 31.04 13.11 2.39
C VAL B 266 31.16 13.89 3.69
N PRO B 267 31.40 15.23 3.62
CA PRO B 267 31.47 16.03 4.83
C PRO B 267 30.17 15.75 5.59
N THR B 268 30.26 15.17 6.79
CA THR B 268 29.04 14.87 7.57
C THR B 268 28.87 15.93 8.66
N ILE B 269 27.73 16.62 8.63
CA ILE B 269 27.37 17.67 9.63
C ILE B 269 26.08 17.21 10.34
N LEU B 270 25.67 17.91 11.40
CA LEU B 270 24.47 17.46 12.14
C LEU B 270 23.70 18.65 12.70
N GLY B 271 22.51 18.39 13.26
CA GLY B 271 21.66 19.43 13.86
C GLY B 271 20.23 18.97 14.03
N SER B 272 19.36 19.89 14.46
CA SER B 272 17.91 19.63 14.66
C SER B 272 17.15 20.74 13.93
N SER B 273 16.58 20.43 12.76
CA SER B 273 15.84 21.42 11.94
C SER B 273 14.63 21.95 12.72
N PHE B 274 13.95 21.05 13.45
CA PHE B 274 12.73 21.42 14.22
C PHE B 274 13.09 22.34 15.39
N LYS B 275 14.25 22.12 16.03
CA LYS B 275 14.69 22.95 17.19
C LYS B 275 15.47 24.18 16.72
N ASN B 276 15.69 24.32 15.40
CA ASN B 276 16.42 25.49 14.83
C ASN B 276 17.85 25.51 15.37
N LYS B 277 18.64 24.46 15.08
CA LYS B 277 20.04 24.40 15.56
C LYS B 277 20.92 23.57 14.61
N GLY B 278 21.62 24.24 13.68
CA GLY B 278 22.52 23.54 12.74
C GLY B 278 22.27 23.85 11.27
N VAL B 279 21.03 24.17 10.90
CA VAL B 279 20.66 24.45 9.48
C VAL B 279 21.62 25.50 8.87
N PRO B 280 21.85 26.67 9.51
CA PRO B 280 22.75 27.68 8.94
C PRO B 280 24.16 27.15 8.60
N LEU B 281 24.77 26.35 9.48
CA LEU B 281 26.12 25.78 9.21
C LEU B 281 26.03 24.81 8.03
N MET B 282 24.89 24.12 7.91
CA MET B 282 24.68 23.13 6.81
C MET B 282 24.62 23.89 5.48
N LEU B 283 24.21 25.17 5.51
CA LEU B 283 24.17 26.02 4.29
C LEU B 283 25.59 26.49 3.96
N ASP B 284 26.42 26.71 5.00
CA ASP B 284 27.83 27.12 4.79
C ASP B 284 28.57 25.95 4.11
N ALA B 285 28.30 24.72 4.58
CA ALA B 285 28.92 23.49 4.05
C ALA B 285 28.65 23.36 2.55
N VAL B 286 27.45 23.76 2.09
CA VAL B 286 27.10 23.69 0.63
C VAL B 286 28.10 24.56 -0.14
N ILE B 287 28.36 25.78 0.34
CA ILE B 287 29.33 26.71 -0.31
C ILE B 287 30.75 26.12 -0.20
N ASP B 288 31.12 25.73 1.01
CA ASP B 288 32.48 25.20 1.32
C ASP B 288 32.79 23.85 0.66
N TYR B 289 31.81 22.96 0.46
CA TYR B 289 32.22 21.63 -0.09
C TYR B 289 31.38 21.17 -1.30
N LEU B 290 30.17 21.67 -1.51
CA LEU B 290 29.41 21.19 -2.71
C LEU B 290 29.87 21.96 -3.94
N PRO B 291 29.81 21.32 -5.14
CA PRO B 291 30.30 21.94 -6.37
C PRO B 291 29.40 22.91 -7.15
N ALA B 292 30.05 23.68 -8.02
CA ALA B 292 29.38 24.64 -8.92
C ALA B 292 29.04 23.88 -10.18
N PRO B 293 28.09 24.35 -11.03
CA PRO B 293 27.72 23.62 -12.24
C PRO B 293 28.86 23.32 -13.23
N SER B 294 30.05 23.87 -13.01
CA SER B 294 31.20 23.66 -13.93
C SER B 294 32.25 22.70 -13.33
N GLU B 295 32.11 22.36 -12.04
CA GLU B 295 33.08 21.46 -11.35
C GLU B 295 32.65 19.99 -11.43
N ILE B 296 31.47 19.70 -11.99
CA ILE B 296 31.00 18.29 -12.12
C ILE B 296 31.19 17.84 -13.57
N PRO B 297 31.19 16.53 -13.87
CA PRO B 297 31.35 16.05 -15.24
C PRO B 297 30.29 16.62 -16.19
N ALA B 298 30.62 16.69 -17.47
CA ALA B 298 29.66 17.20 -18.49
C ALA B 298 28.45 16.25 -18.56
N ILE B 299 27.31 16.78 -19.01
CA ILE B 299 26.08 15.96 -19.14
C ILE B 299 26.23 15.06 -20.38
N ARG B 300 25.86 13.78 -20.27
CA ARG B 300 25.94 12.82 -21.41
C ARG B 300 24.64 12.87 -22.22
N GLY B 301 24.69 12.46 -23.48
CA GLY B 301 23.50 12.45 -24.36
C GLY B 301 23.72 11.66 -25.63
N THR B 302 22.74 11.69 -26.54
CA THR B 302 22.87 10.95 -27.83
C THR B 302 22.36 11.82 -28.98
N ASP B 303 22.75 11.48 -30.22
CA ASP B 303 22.30 12.22 -31.43
C ASP B 303 20.84 11.84 -31.68
N PRO B 304 19.94 12.83 -31.88
CA PRO B 304 18.52 12.54 -32.12
C PRO B 304 18.25 11.53 -33.24
N ASP B 305 19.15 11.47 -34.23
CA ASP B 305 18.99 10.57 -35.41
C ASP B 305 19.79 9.27 -35.23
N ASP B 306 20.58 9.15 -34.15
CA ASP B 306 21.38 7.91 -33.94
C ASP B 306 21.61 7.72 -32.45
N GLU B 307 20.96 6.70 -31.87
CA GLU B 307 21.03 6.38 -30.42
C GLU B 307 22.42 5.82 -30.07
N GLU B 308 23.16 5.30 -31.05
CA GLU B 308 24.50 4.69 -30.81
C GLU B 308 25.61 5.76 -30.90
N LYS B 309 25.23 7.01 -31.19
CA LYS B 309 26.19 8.14 -31.29
C LYS B 309 26.11 8.94 -29.97
N HIS B 310 27.13 8.83 -29.13
CA HIS B 310 27.16 9.51 -27.80
C HIS B 310 27.83 10.88 -27.90
N LEU B 311 27.17 11.90 -27.35
CA LEU B 311 27.65 13.31 -27.34
C LEU B 311 27.65 13.81 -25.88
N GLU B 312 28.22 14.99 -25.66
CA GLU B 312 28.19 15.58 -24.28
C GLU B 312 28.12 17.10 -24.42
N ARG B 313 27.75 17.78 -23.33
CA ARG B 313 27.62 19.25 -23.31
C ARG B 313 28.31 19.78 -22.05
N HIS B 314 29.30 20.67 -22.22
CA HIS B 314 30.04 21.26 -21.07
C HIS B 314 29.28 22.46 -20.54
N ALA B 315 29.40 22.73 -19.23
CA ALA B 315 28.71 23.87 -18.58
C ALA B 315 29.40 25.18 -18.97
N ASP B 316 29.01 25.74 -20.13
CA ASP B 316 29.59 27.00 -20.63
C ASP B 316 28.56 27.69 -21.55
N ASP B 317 28.44 29.01 -21.43
CA ASP B 317 27.49 29.83 -22.22
C ASP B 317 27.87 29.80 -23.71
N LYS B 318 29.14 29.53 -24.00
CA LYS B 318 29.72 29.47 -25.37
C LYS B 318 29.30 28.19 -26.09
N GLU B 319 29.15 27.07 -25.36
CA GLU B 319 28.76 25.76 -25.95
C GLU B 319 27.34 25.81 -26.49
N PRO B 320 26.92 24.88 -27.38
CA PRO B 320 25.56 24.87 -27.92
C PRO B 320 24.52 24.67 -26.81
N PHE B 321 23.36 25.32 -26.95
CA PHE B 321 22.28 25.21 -25.94
C PHE B 321 21.71 23.79 -25.85
N SER B 322 21.45 23.37 -24.60
CA SER B 322 20.84 22.06 -24.26
C SER B 322 20.18 22.22 -22.88
N ALA B 323 18.94 21.77 -22.74
CA ALA B 323 18.23 21.87 -21.45
C ALA B 323 17.30 20.66 -21.30
N LEU B 324 17.01 20.29 -20.06
CA LEU B 324 16.13 19.13 -19.74
C LEU B 324 14.89 19.63 -19.01
N ALA B 325 13.71 19.32 -19.53
CA ALA B 325 12.44 19.68 -18.84
C ALA B 325 12.26 18.60 -17.77
N PHE B 326 12.74 18.87 -16.55
CA PHE B 326 12.73 17.85 -15.47
C PHE B 326 11.39 17.82 -14.71
N LYS B 327 10.56 18.86 -14.82
CA LYS B 327 9.26 18.76 -14.11
C LYS B 327 8.23 19.70 -14.76
N ILE B 328 6.99 19.22 -14.85
CA ILE B 328 5.87 20.03 -15.42
C ILE B 328 4.88 20.27 -14.29
N ALA B 329 4.86 21.48 -13.72
CA ALA B 329 3.91 21.79 -12.63
C ALA B 329 2.59 22.22 -13.29
N THR B 330 1.57 21.37 -13.17
CA THR B 330 0.23 21.65 -13.75
C THR B 330 -0.75 21.92 -12.60
N ASP B 331 -1.65 22.88 -12.81
CA ASP B 331 -2.66 23.26 -11.80
C ASP B 331 -3.99 23.38 -12.53
N PRO B 332 -5.15 23.16 -11.88
CA PRO B 332 -6.45 23.31 -12.57
C PRO B 332 -6.87 24.76 -12.83
N PHE B 333 -6.14 25.75 -12.27
CA PHE B 333 -6.52 27.19 -12.45
C PHE B 333 -5.33 27.97 -13.00
N VAL B 334 -4.14 27.72 -12.45
CA VAL B 334 -2.86 28.40 -12.83
C VAL B 334 -2.40 27.88 -14.20
N GLY B 335 -1.44 28.58 -14.83
CA GLY B 335 -0.88 28.17 -16.12
C GLY B 335 0.23 27.17 -15.95
N THR B 336 0.37 26.23 -16.90
CA THR B 336 1.41 25.17 -16.84
C THR B 336 2.81 25.78 -16.76
N LEU B 337 3.67 25.20 -15.91
CA LEU B 337 5.07 25.67 -15.73
C LEU B 337 6.03 24.54 -16.10
N THR B 338 6.82 24.74 -17.16
CA THR B 338 7.81 23.73 -17.61
C THR B 338 9.17 24.09 -17.01
N PHE B 339 9.58 23.40 -15.93
CA PHE B 339 10.88 23.66 -15.27
C PHE B 339 12.00 23.05 -16.11
N ALA B 340 12.94 23.89 -16.54
CA ALA B 340 14.07 23.43 -17.38
C ALA B 340 15.42 23.68 -16.71
N ARG B 341 16.31 22.68 -16.81
CA ARG B 341 17.70 22.76 -16.27
C ARG B 341 18.61 22.98 -17.46
N VAL B 342 19.22 24.17 -17.55
CA VAL B 342 20.12 24.52 -18.68
C VAL B 342 21.52 23.97 -18.35
N TYR B 343 21.98 22.97 -19.13
CA TYR B 343 23.33 22.37 -18.90
C TYR B 343 24.38 23.13 -19.70
N SER B 344 24.04 23.57 -20.91
CA SER B 344 25.00 24.29 -21.78
C SER B 344 24.30 25.40 -22.56
N GLY B 345 25.09 26.37 -23.05
CA GLY B 345 24.55 27.50 -23.83
C GLY B 345 23.71 28.45 -22.99
N VAL B 346 22.79 29.15 -23.67
CA VAL B 346 21.91 30.15 -23.00
C VAL B 346 20.50 30.04 -23.57
N LEU B 347 19.50 30.01 -22.70
CA LEU B 347 18.07 29.95 -23.13
C LEU B 347 17.52 31.37 -23.04
N SER B 348 17.07 31.93 -24.16
CA SER B 348 16.56 33.33 -24.16
C SER B 348 15.16 33.42 -24.77
N SER B 349 14.34 34.34 -24.22
CA SER B 349 12.96 34.58 -24.70
C SER B 349 13.02 35.01 -26.17
N GLY B 350 12.19 34.39 -27.01
CA GLY B 350 12.16 34.75 -28.45
C GLY B 350 12.98 33.78 -29.29
N ASN B 351 13.92 33.06 -28.68
CA ASN B 351 14.76 32.09 -29.44
C ASN B 351 13.90 30.89 -29.85
N ALA B 352 14.25 30.29 -30.99
CA ALA B 352 13.57 29.09 -31.53
C ALA B 352 14.45 27.88 -31.24
N VAL B 353 14.07 27.07 -30.25
CA VAL B 353 14.85 25.86 -29.86
C VAL B 353 14.18 24.63 -30.48
N LEU B 354 14.84 23.47 -30.38
CA LEU B 354 14.32 22.19 -30.90
C LEU B 354 13.96 21.24 -29.76
N ASN B 355 12.84 20.52 -29.89
CA ASN B 355 12.42 19.49 -28.92
C ASN B 355 12.90 18.16 -29.54
N SER B 356 14.20 17.89 -29.40
CA SER B 356 14.89 16.70 -29.97
C SER B 356 14.13 15.39 -29.73
N VAL B 357 13.31 15.31 -28.68
CA VAL B 357 12.56 14.05 -28.41
C VAL B 357 11.36 13.96 -29.37
N LYS B 358 10.66 15.08 -29.59
CA LYS B 358 9.47 15.10 -30.50
C LYS B 358 9.87 15.58 -31.90
N GLY B 359 11.07 16.15 -32.05
CA GLY B 359 11.53 16.65 -33.36
C GLY B 359 10.65 17.77 -33.88
N LYS B 360 10.21 18.65 -32.96
CA LYS B 360 9.33 19.80 -33.28
C LYS B 360 9.96 21.08 -32.72
N LYS B 361 9.82 22.20 -33.45
CA LYS B 361 10.40 23.49 -32.99
C LYS B 361 9.52 24.09 -31.88
N GLU B 362 10.14 24.86 -30.98
CA GLU B 362 9.46 25.53 -29.85
C GLU B 362 9.90 26.98 -29.79
N ARG B 363 8.98 27.91 -29.51
CA ARG B 363 9.28 29.35 -29.41
C ARG B 363 9.31 29.72 -27.92
N ILE B 364 10.49 30.00 -27.38
CA ILE B 364 10.62 30.35 -25.93
C ILE B 364 9.88 31.66 -25.66
N GLY B 365 8.87 31.62 -24.79
CA GLY B 365 8.08 32.81 -24.41
C GLY B 365 8.58 33.40 -23.11
N ARG B 366 7.68 33.66 -22.17
CA ARG B 366 8.12 34.24 -20.86
C ARG B 366 8.70 33.12 -19.99
N MET B 367 9.64 33.48 -19.12
CA MET B 367 10.31 32.54 -18.20
C MET B 367 10.35 33.16 -16.81
N VAL B 368 10.27 32.35 -15.76
CA VAL B 368 10.30 32.90 -14.37
C VAL B 368 11.10 31.99 -13.46
N GLN B 369 11.73 32.57 -12.44
CA GLN B 369 12.49 31.81 -11.39
C GLN B 369 11.70 31.93 -10.09
N MET B 370 11.41 30.80 -9.47
CA MET B 370 10.60 30.79 -8.22
C MET B 370 11.50 31.11 -7.03
N HIS B 371 11.20 32.19 -6.32
CA HIS B 371 11.94 32.59 -5.10
C HIS B 371 11.11 32.15 -3.88
N ALA B 372 11.59 32.43 -2.68
CA ALA B 372 10.88 32.06 -1.43
C ALA B 372 9.43 32.56 -1.48
N ASN B 373 9.23 33.85 -1.79
CA ASN B 373 7.86 34.44 -1.81
C ASN B 373 7.39 34.79 -3.23
N GLN B 374 8.06 35.74 -3.90
CA GLN B 374 7.63 36.19 -5.25
C GLN B 374 8.14 35.26 -6.36
N ARG B 375 7.85 35.66 -7.60
CA ARG B 375 8.22 34.99 -8.87
C ARG B 375 8.97 35.99 -9.76
N ALA B 376 10.31 36.05 -9.66
CA ALA B 376 11.14 36.97 -10.47
C ALA B 376 11.13 36.55 -11.95
N GLU B 377 10.75 37.47 -12.83
CA GLU B 377 10.69 37.22 -14.30
C GLU B 377 12.10 37.35 -14.87
N ILE B 378 12.42 36.57 -15.91
CA ILE B 378 13.75 36.65 -16.58
C ILE B 378 13.59 36.33 -18.07
N LYS B 379 14.61 36.63 -18.86
CA LYS B 379 14.58 36.40 -20.33
C LYS B 379 15.84 35.66 -20.79
N ASP B 380 16.80 35.46 -19.87
CA ASP B 380 18.07 34.76 -20.20
C ASP B 380 18.43 33.81 -19.06
N VAL B 381 18.45 32.50 -19.34
CA VAL B 381 18.83 31.46 -18.35
C VAL B 381 20.14 30.83 -18.87
N CYS B 382 21.24 31.12 -18.18
CA CYS B 382 22.59 30.64 -18.58
C CYS B 382 22.86 29.22 -18.06
N ALA B 383 23.95 28.62 -18.53
CA ALA B 383 24.37 27.26 -18.16
C ALA B 383 24.46 27.11 -16.63
N GLY B 384 24.01 25.97 -16.11
CA GLY B 384 24.05 25.68 -14.67
C GLY B 384 22.93 26.36 -13.90
N ASP B 385 22.01 27.02 -14.62
CA ASP B 385 20.89 27.74 -13.95
C ASP B 385 19.58 27.03 -14.30
N ILE B 386 18.52 27.33 -13.53
CA ILE B 386 17.18 26.68 -13.70
C ILE B 386 16.09 27.76 -13.75
N ALA B 387 15.05 27.53 -14.55
CA ALA B 387 13.92 28.48 -14.68
C ALA B 387 12.67 27.76 -15.18
N ALA B 388 11.51 28.36 -14.96
CA ALA B 388 10.21 27.80 -15.40
C ALA B 388 9.78 28.48 -16.70
N LEU B 389 9.35 27.70 -17.69
CA LEU B 389 8.90 28.24 -18.99
C LEU B 389 7.37 28.26 -19.03
N ILE B 390 6.80 29.36 -19.51
CA ILE B 390 5.32 29.55 -19.60
C ILE B 390 4.84 29.31 -21.03
N GLY B 391 3.58 28.91 -21.18
CA GLY B 391 2.93 28.68 -22.49
C GLY B 391 3.72 27.77 -23.41
N MET B 392 4.08 26.57 -22.94
CA MET B 392 4.82 25.61 -23.79
C MET B 392 3.81 24.73 -24.53
N LYS B 393 3.91 24.73 -25.86
CA LYS B 393 3.01 23.96 -26.75
C LYS B 393 2.88 22.44 -26.56
N ASP B 394 3.96 21.70 -26.81
CA ASP B 394 4.01 20.25 -26.49
C ASP B 394 5.36 19.87 -25.88
N VAL B 395 5.55 20.16 -24.58
CA VAL B 395 6.82 19.78 -23.87
C VAL B 395 6.43 18.87 -22.70
N THR B 396 6.91 17.62 -22.75
CA THR B 396 6.59 16.58 -21.73
C THR B 396 7.79 16.35 -20.82
N THR B 397 7.53 15.94 -19.57
CA THR B 397 8.61 15.64 -18.59
C THR B 397 9.66 14.75 -19.26
N GLY B 398 10.94 15.11 -19.15
CA GLY B 398 12.04 14.32 -19.74
C GLY B 398 12.42 14.77 -21.15
N ASP B 399 11.66 15.68 -21.76
CA ASP B 399 12.02 16.16 -23.12
C ASP B 399 13.29 17.02 -23.04
N THR B 400 14.03 17.09 -24.14
CA THR B 400 15.27 17.90 -24.20
C THR B 400 15.01 19.10 -25.13
N LEU B 401 15.42 20.28 -24.69
CA LEU B 401 15.32 21.52 -25.51
C LEU B 401 16.76 21.88 -25.88
N CYS B 402 17.07 22.01 -27.17
CA CYS B 402 18.48 22.30 -27.55
C CYS B 402 18.57 23.12 -28.85
N ASP B 403 19.80 23.40 -29.27
CA ASP B 403 20.12 24.14 -30.51
C ASP B 403 19.68 23.27 -31.70
N MET B 404 19.02 23.89 -32.70
CA MET B 404 18.55 23.18 -33.92
C MET B 404 19.72 22.75 -34.81
N ASP B 405 20.83 23.49 -34.80
CA ASP B 405 22.00 23.19 -35.68
C ASP B 405 22.86 22.07 -35.08
N LYS B 406 22.99 22.01 -33.76
CA LYS B 406 23.79 20.94 -33.09
C LYS B 406 22.90 20.32 -32.01
N PRO B 407 21.88 19.53 -32.41
CA PRO B 407 20.95 18.93 -31.45
C PRO B 407 21.50 17.78 -30.60
N ILE B 408 20.73 17.40 -29.59
CA ILE B 408 21.10 16.29 -28.66
C ILE B 408 19.88 15.89 -27.85
N ILE B 409 19.87 14.64 -27.36
CA ILE B 409 18.82 14.09 -26.47
C ILE B 409 19.56 13.73 -25.18
N LEU B 410 19.25 14.45 -24.09
CA LEU B 410 19.92 14.21 -22.78
C LEU B 410 19.30 13.01 -22.06
N GLU B 411 18.07 12.65 -22.38
CA GLU B 411 17.39 11.50 -21.72
C GLU B 411 16.52 10.72 -22.72
N ARG B 412 16.95 9.50 -23.07
CA ARG B 412 16.15 8.65 -23.99
C ARG B 412 14.89 8.24 -23.22
N MET B 413 13.75 8.16 -23.91
CA MET B 413 12.47 7.79 -23.23
C MET B 413 12.24 6.29 -23.48
N ASP B 414 13.15 5.46 -22.96
CA ASP B 414 13.14 3.98 -23.07
C ASP B 414 11.81 3.43 -22.55
N PHE B 415 10.94 4.31 -22.02
CA PHE B 415 9.61 3.89 -21.53
C PHE B 415 8.90 3.08 -22.60
N PRO B 416 8.46 1.83 -22.31
CA PRO B 416 7.75 1.03 -23.29
C PRO B 416 6.38 1.69 -23.52
N ASP B 417 5.90 1.66 -24.76
CA ASP B 417 4.57 2.26 -25.08
C ASP B 417 3.53 1.66 -24.15
N PRO B 418 2.43 2.38 -23.86
CA PRO B 418 1.37 1.86 -23.00
C PRO B 418 0.97 0.44 -23.42
N VAL B 419 0.81 -0.46 -22.44
CA VAL B 419 0.43 -1.88 -22.69
C VAL B 419 -1.06 -2.08 -22.38
N ILE B 420 -1.70 -1.16 -21.64
CA ILE B 420 -3.15 -1.33 -21.28
C ILE B 420 -3.89 -0.01 -21.52
N SER B 421 -5.18 -0.11 -21.89
CA SER B 421 -6.00 1.09 -22.13
C SER B 421 -7.43 0.89 -21.62
N VAL B 422 -8.10 2.00 -21.30
CA VAL B 422 -9.52 1.99 -20.79
C VAL B 422 -10.25 3.21 -21.36
N ALA B 423 -11.52 3.05 -21.68
CA ALA B 423 -12.36 4.17 -22.16
C ALA B 423 -12.75 5.01 -20.94
N VAL B 424 -12.60 6.33 -20.99
CA VAL B 424 -12.94 7.16 -19.80
C VAL B 424 -14.10 8.10 -20.16
N GLU B 425 -15.11 8.18 -19.28
CA GLU B 425 -16.31 9.03 -19.47
C GLU B 425 -16.55 9.86 -18.20
N PRO B 426 -16.78 11.18 -18.31
CA PRO B 426 -17.04 12.00 -17.13
C PRO B 426 -18.46 11.73 -16.60
N LYS B 427 -18.65 11.81 -15.27
CA LYS B 427 -19.98 11.56 -14.66
C LYS B 427 -20.99 12.61 -15.13
N THR B 428 -20.52 13.82 -15.43
CA THR B 428 -21.38 14.92 -15.97
C THR B 428 -20.78 15.29 -17.33
N LYS B 429 -21.55 15.10 -18.41
CA LYS B 429 -21.09 15.39 -19.79
C LYS B 429 -20.63 16.84 -19.92
N ALA B 430 -21.05 17.71 -19.01
CA ALA B 430 -20.63 19.14 -19.02
C ALA B 430 -19.12 19.22 -18.77
N ASP B 431 -18.55 18.23 -18.07
CA ASP B 431 -17.10 18.20 -17.75
C ASP B 431 -16.31 17.54 -18.89
N GLN B 432 -16.90 17.39 -20.08
CA GLN B 432 -16.18 16.75 -21.21
C GLN B 432 -14.96 17.61 -21.59
N GLU B 433 -15.16 18.91 -21.79
CA GLU B 433 -14.05 19.83 -22.18
C GLU B 433 -13.02 19.90 -21.03
N LYS B 434 -13.50 20.00 -19.78
CA LYS B 434 -12.61 20.09 -18.58
C LYS B 434 -11.83 18.80 -18.41
N MET B 435 -12.45 17.64 -18.66
CA MET B 435 -11.77 16.33 -18.52
C MET B 435 -10.63 16.26 -19.54
N GLY B 436 -10.88 16.71 -20.77
CA GLY B 436 -9.87 16.70 -21.84
C GLY B 436 -8.65 17.52 -21.47
N ILE B 437 -8.86 18.71 -20.91
CA ILE B 437 -7.74 19.61 -20.47
C ILE B 437 -6.96 18.93 -19.35
N ALA B 438 -7.66 18.32 -18.39
CA ALA B 438 -7.02 17.65 -17.23
C ALA B 438 -6.15 16.47 -17.70
N LEU B 439 -6.71 15.57 -18.52
CA LEU B 439 -5.92 14.41 -19.01
C LEU B 439 -4.74 14.90 -19.86
N GLY B 440 -4.89 16.03 -20.55
CA GLY B 440 -3.80 16.58 -21.37
C GLY B 440 -2.63 16.99 -20.49
N LYS B 441 -2.90 17.68 -19.38
CA LYS B 441 -1.87 18.15 -18.43
C LYS B 441 -1.23 16.94 -17.71
N LEU B 442 -2.04 15.94 -17.36
CA LEU B 442 -1.50 14.73 -16.68
C LEU B 442 -0.56 14.00 -17.65
N ALA B 443 -0.83 14.06 -18.95
CA ALA B 443 0.05 13.42 -19.95
C ALA B 443 1.40 14.16 -20.01
N GLN B 444 1.41 15.48 -19.84
CA GLN B 444 2.69 16.24 -19.87
C GLN B 444 3.54 15.90 -18.64
N GLU B 445 2.90 15.65 -17.49
CA GLU B 445 3.66 15.31 -16.25
C GLU B 445 4.16 13.86 -16.32
N ASP B 446 3.34 12.96 -16.84
CA ASP B 446 3.71 11.52 -16.93
C ASP B 446 3.68 11.08 -18.39
N PRO B 447 4.86 10.91 -19.04
CA PRO B 447 4.93 10.49 -20.44
C PRO B 447 4.62 9.00 -20.66
N SER B 448 4.49 8.23 -19.57
CA SER B 448 4.13 6.78 -19.72
C SER B 448 2.60 6.68 -19.92
N PHE B 449 1.89 7.79 -19.75
CA PHE B 449 0.41 7.85 -19.89
C PHE B 449 0.07 8.65 -21.15
N ARG B 450 -0.81 8.10 -22.00
CA ARG B 450 -1.21 8.79 -23.25
C ARG B 450 -2.74 8.96 -23.29
N VAL B 451 -3.22 9.89 -24.09
CA VAL B 451 -4.69 10.16 -24.21
C VAL B 451 -5.01 10.33 -25.70
N ARG B 452 -6.12 9.75 -26.16
CA ARG B 452 -6.51 9.89 -27.58
C ARG B 452 -8.02 9.75 -27.69
N THR B 453 -8.59 10.10 -28.85
CA THR B 453 -10.04 9.96 -29.12
C THR B 453 -10.18 9.06 -30.35
N ASP B 454 -10.57 7.79 -30.15
CA ASP B 454 -10.71 6.86 -31.30
C ASP B 454 -11.75 7.43 -32.26
N GLU B 455 -11.27 8.00 -33.39
CA GLU B 455 -12.11 8.61 -34.45
C GLU B 455 -13.25 7.66 -34.85
N GLU B 456 -13.09 6.36 -34.55
CA GLU B 456 -14.11 5.33 -34.89
C GLU B 456 -15.35 5.45 -34.00
N THR B 457 -15.19 5.84 -32.73
CA THR B 457 -16.34 5.99 -31.79
C THR B 457 -16.37 7.39 -31.17
N GLY B 458 -15.28 8.16 -31.30
CA GLY B 458 -15.19 9.52 -30.70
C GLY B 458 -15.19 9.45 -29.19
N GLN B 459 -14.70 8.34 -28.62
CA GLN B 459 -14.66 8.06 -27.16
C GLN B 459 -13.24 8.33 -26.63
N THR B 460 -13.12 8.81 -25.39
CA THR B 460 -11.78 9.14 -24.82
C THR B 460 -11.11 7.89 -24.25
N ILE B 461 -9.98 7.51 -24.84
CA ILE B 461 -9.22 6.29 -24.42
C ILE B 461 -7.90 6.70 -23.77
N ILE B 462 -7.72 6.33 -22.50
CA ILE B 462 -6.45 6.63 -21.75
C ILE B 462 -5.63 5.34 -21.72
N SER B 463 -4.33 5.45 -22.02
CA SER B 463 -3.42 4.28 -22.03
C SER B 463 -2.33 4.44 -20.96
N GLY B 464 -1.90 3.33 -20.35
CA GLY B 464 -0.86 3.37 -19.30
C GLY B 464 -0.07 2.08 -19.23
N MET B 465 0.71 1.91 -18.16
CA MET B 465 1.57 0.71 -17.94
C MET B 465 0.83 -0.41 -17.19
N GLY B 466 -0.32 -0.10 -16.58
CA GLY B 466 -1.08 -1.13 -15.84
C GLY B 466 -2.37 -0.59 -15.25
N GLU B 467 -3.18 -1.47 -14.65
CA GLU B 467 -4.48 -1.06 -14.03
C GLU B 467 -4.22 -0.06 -12.90
N LEU B 468 -3.20 -0.30 -12.06
CA LEU B 468 -2.86 0.60 -10.93
C LEU B 468 -2.48 1.98 -11.46
N HIS B 469 -1.64 2.01 -12.49
CA HIS B 469 -1.16 3.28 -13.11
C HIS B 469 -2.38 4.10 -13.57
N LEU B 470 -3.36 3.47 -14.25
CA LEU B 470 -4.57 4.21 -14.71
C LEU B 470 -5.40 4.66 -13.50
N ASP B 471 -5.49 3.83 -12.46
CA ASP B 471 -6.25 4.20 -11.23
C ASP B 471 -5.63 5.47 -10.62
N ILE B 472 -4.30 5.54 -10.58
CA ILE B 472 -3.60 6.74 -10.01
C ILE B 472 -3.92 7.97 -10.88
N ILE B 473 -3.79 7.85 -12.20
CA ILE B 473 -4.09 9.00 -13.11
C ILE B 473 -5.54 9.45 -12.93
N VAL B 474 -6.49 8.51 -12.87
CA VAL B 474 -7.93 8.84 -12.69
C VAL B 474 -8.15 9.48 -11.32
N ASP B 475 -7.47 8.97 -10.28
CA ASP B 475 -7.61 9.53 -8.91
C ASP B 475 -7.11 10.98 -8.87
N ARG B 476 -5.93 11.24 -9.45
CA ARG B 476 -5.35 12.60 -9.50
C ARG B 476 -6.26 13.54 -10.31
N MET B 477 -6.92 13.01 -11.35
CA MET B 477 -7.82 13.84 -12.18
C MET B 477 -9.03 14.27 -11.35
N ARG B 478 -9.48 13.45 -10.39
CA ARG B 478 -10.65 13.79 -9.55
C ARG B 478 -10.22 14.73 -8.42
N ARG B 479 -9.09 14.45 -7.76
CA ARG B 479 -8.63 15.29 -6.62
C ARG B 479 -7.99 16.60 -7.09
N GLU B 480 -6.94 16.53 -7.91
CA GLU B 480 -6.20 17.76 -8.36
C GLU B 480 -6.95 18.56 -9.43
N PHE B 481 -7.80 17.94 -10.26
CA PHE B 481 -8.48 18.71 -11.35
C PHE B 481 -10.00 18.79 -11.14
N ASN B 482 -10.50 18.21 -10.05
CA ASN B 482 -11.95 18.31 -9.72
C ASN B 482 -12.83 17.75 -10.86
N VAL B 483 -12.46 16.61 -11.44
CA VAL B 483 -13.27 15.98 -12.52
C VAL B 483 -13.45 14.50 -12.20
N GLU B 484 -14.69 14.09 -11.93
CA GLU B 484 -15.02 12.68 -11.62
C GLU B 484 -15.30 11.95 -12.94
N ALA B 485 -14.90 10.68 -13.03
CA ALA B 485 -15.19 9.94 -14.28
C ALA B 485 -15.21 8.42 -14.04
N ASN B 486 -15.86 7.71 -14.96
CA ASN B 486 -15.98 6.23 -14.92
C ASN B 486 -15.04 5.64 -15.97
N ILE B 487 -14.47 4.47 -15.69
CA ILE B 487 -13.56 3.81 -16.67
C ILE B 487 -14.17 2.45 -17.05
N GLY B 488 -14.07 2.08 -18.32
CA GLY B 488 -14.60 0.79 -18.80
C GLY B 488 -13.66 -0.35 -18.42
N LYS B 489 -13.95 -1.58 -18.86
CA LYS B 489 -13.04 -2.71 -18.51
C LYS B 489 -11.72 -2.51 -19.24
N PRO B 490 -10.58 -2.89 -18.63
CA PRO B 490 -9.28 -2.73 -19.26
C PRO B 490 -9.19 -3.49 -20.60
N GLN B 491 -8.51 -2.88 -21.56
CA GLN B 491 -8.30 -3.45 -22.92
C GLN B 491 -6.79 -3.59 -23.13
N VAL B 492 -6.37 -4.64 -23.82
CA VAL B 492 -4.92 -4.88 -24.10
C VAL B 492 -4.50 -3.96 -25.25
N ALA B 493 -3.36 -3.27 -25.12
CA ALA B 493 -2.86 -2.38 -26.19
C ALA B 493 -2.10 -3.25 -27.21
N TYR B 494 -2.86 -3.95 -28.06
CA TYR B 494 -2.26 -4.86 -29.08
C TYR B 494 -1.42 -4.08 -30.09
N ARG B 495 -0.55 -4.82 -30.78
CA ARG B 495 0.36 -4.33 -31.85
C ARG B 495 0.30 -5.32 -33.01
N GLU B 496 1.05 -5.06 -34.09
CA GLU B 496 1.07 -5.97 -35.26
C GLU B 496 2.51 -6.04 -35.80
N LYS B 497 2.80 -7.06 -36.60
CA LYS B 497 4.14 -7.20 -37.23
C LYS B 497 4.00 -8.10 -38.44
N ILE B 498 4.95 -8.05 -39.37
CA ILE B 498 4.92 -8.93 -40.57
C ILE B 498 6.01 -9.99 -40.37
N ARG B 499 6.04 -10.97 -41.28
CA ARG B 499 7.03 -12.10 -41.22
C ARG B 499 7.44 -12.47 -42.65
N ASN B 500 6.58 -12.17 -43.62
CA ASN B 500 6.86 -12.47 -45.06
C ASN B 500 7.63 -11.31 -45.70
N THR B 501 8.71 -11.61 -46.42
CA THR B 501 9.49 -10.59 -47.16
C THR B 501 8.84 -10.52 -48.54
N CYS B 502 8.17 -9.41 -48.85
CA CYS B 502 7.49 -9.30 -50.18
C CYS B 502 7.64 -7.90 -50.78
N GLU B 503 7.49 -7.85 -52.11
CA GLU B 503 7.56 -6.61 -52.92
C GLU B 503 6.12 -6.21 -53.26
N ILE B 504 5.72 -4.99 -52.90
CA ILE B 504 4.33 -4.51 -53.17
C ILE B 504 4.37 -3.25 -54.03
N GLU B 505 3.40 -3.11 -54.95
CA GLU B 505 3.30 -1.94 -55.86
C GLU B 505 2.32 -0.91 -55.29
N GLY B 506 2.81 0.30 -55.02
CA GLY B 506 1.97 1.41 -54.52
C GLY B 506 1.58 2.28 -55.70
N ARG B 507 0.29 2.35 -56.04
CA ARG B 507 -0.13 3.14 -57.23
C ARG B 507 -1.33 4.04 -56.94
N PHE B 508 -1.19 5.35 -57.20
CA PHE B 508 -2.26 6.36 -57.03
C PHE B 508 -2.28 7.24 -58.28
N VAL B 509 -3.10 6.85 -59.27
CA VAL B 509 -3.21 7.58 -60.56
C VAL B 509 -4.65 8.05 -60.75
N ARG B 510 -4.82 9.33 -61.06
CA ARG B 510 -6.16 9.92 -61.29
C ARG B 510 -6.04 11.10 -62.25
N GLN B 511 -7.07 11.27 -63.09
CA GLN B 511 -7.13 12.33 -64.12
C GLN B 511 -8.57 12.88 -64.17
N SER B 512 -8.88 13.87 -63.32
CA SER B 512 -10.23 14.48 -63.29
C SER B 512 -10.50 15.21 -64.62
N GLY B 513 -9.58 15.09 -65.59
CA GLY B 513 -9.72 15.74 -66.91
C GLY B 513 -8.68 16.82 -67.09
N GLY B 514 -8.88 17.97 -66.45
CA GLY B 514 -7.95 19.12 -66.52
C GLY B 514 -6.87 19.08 -65.47
N ARG B 515 -7.00 18.21 -64.46
CA ARG B 515 -5.99 18.10 -63.36
C ARG B 515 -5.68 16.62 -63.12
N GLY B 516 -4.39 16.27 -63.06
CA GLY B 516 -3.97 14.87 -62.84
C GLY B 516 -3.14 14.67 -61.58
N GLN B 517 -3.11 13.43 -61.08
CA GLN B 517 -2.35 13.01 -59.87
C GLN B 517 -1.58 11.74 -60.20
N TYR B 518 -0.26 11.70 -59.97
CA TYR B 518 0.51 10.48 -60.31
C TYR B 518 1.51 10.13 -59.22
N GLY B 519 1.34 8.95 -58.60
CA GLY B 519 2.20 8.43 -57.54
C GLY B 519 2.41 6.94 -57.77
N HIS B 520 3.66 6.51 -57.94
CA HIS B 520 3.93 5.07 -58.22
C HIS B 520 5.28 4.66 -57.62
N CYS B 521 5.29 3.58 -56.85
CA CYS B 521 6.56 3.12 -56.23
C CYS B 521 6.46 1.67 -55.73
N TRP B 522 7.47 0.86 -56.05
CA TRP B 522 7.56 -0.55 -55.60
C TRP B 522 8.37 -0.57 -54.30
N ILE B 523 7.85 -1.21 -53.25
CA ILE B 523 8.57 -1.24 -51.94
C ILE B 523 8.77 -2.69 -51.53
N ARG B 524 9.97 -3.00 -51.01
CA ARG B 524 10.28 -4.37 -50.54
C ARG B 524 10.14 -4.37 -49.01
N PHE B 525 9.07 -4.96 -48.49
CA PHE B 525 8.89 -4.98 -47.02
C PHE B 525 9.52 -6.23 -46.42
N ALA B 526 9.99 -6.10 -45.18
CA ALA B 526 10.62 -7.22 -44.43
C ALA B 526 10.54 -6.93 -42.93
N PRO B 527 10.53 -7.96 -42.06
CA PRO B 527 10.48 -7.74 -40.61
C PRO B 527 11.74 -7.03 -40.10
N GLY B 528 11.56 -6.02 -39.25
CA GLY B 528 12.68 -5.24 -38.70
C GLY B 528 13.63 -6.07 -37.86
N ASP B 529 14.78 -5.49 -37.50
CA ASP B 529 15.78 -6.17 -36.65
C ASP B 529 15.15 -6.34 -35.26
N GLU B 530 15.49 -7.43 -34.57
CA GLU B 530 14.95 -7.77 -33.23
C GLU B 530 14.95 -6.57 -32.27
N GLY B 531 16.08 -5.86 -32.10
CA GLY B 531 16.14 -4.73 -31.15
C GLY B 531 15.76 -3.37 -31.72
N LYS B 532 15.63 -3.25 -33.05
CA LYS B 532 15.29 -1.94 -33.67
C LYS B 532 13.78 -1.67 -33.59
N GLU B 533 13.42 -0.42 -33.33
CA GLU B 533 12.00 0.04 -33.23
C GLU B 533 11.70 1.02 -34.37
N GLY B 534 10.42 1.34 -34.60
CA GLY B 534 10.03 2.28 -35.66
C GLY B 534 10.20 1.69 -37.05
N LEU B 535 10.54 2.53 -38.03
CA LEU B 535 10.75 2.08 -39.44
C LEU B 535 12.21 2.31 -39.84
N GLU B 536 12.81 1.30 -40.49
CA GLU B 536 14.20 1.40 -41.01
C GLU B 536 14.06 1.57 -42.53
N PHE B 537 13.84 2.81 -42.98
CA PHE B 537 13.66 3.13 -44.41
C PHE B 537 15.02 3.24 -45.11
N ILE B 538 15.12 2.69 -46.33
CA ILE B 538 16.38 2.75 -47.13
C ILE B 538 16.00 2.96 -48.61
N ASN B 539 16.56 4.01 -49.22
CA ASN B 539 16.31 4.37 -50.65
C ASN B 539 17.39 3.68 -51.50
N GLU B 540 17.04 2.62 -52.23
CA GLU B 540 18.04 1.93 -53.07
C GLU B 540 17.78 2.21 -54.56
N ILE B 541 16.88 3.16 -54.88
CA ILE B 541 16.57 3.47 -56.31
C ILE B 541 17.33 4.75 -56.69
N VAL B 542 18.58 4.86 -56.24
CA VAL B 542 19.44 6.04 -56.54
C VAL B 542 19.63 6.10 -58.06
N GLY B 543 19.27 7.23 -58.67
CA GLY B 543 19.41 7.39 -60.13
C GLY B 543 18.23 6.78 -60.87
N GLY B 544 17.16 6.43 -60.14
CA GLY B 544 15.95 5.84 -60.74
C GLY B 544 15.02 6.91 -61.30
N VAL B 545 13.85 6.52 -61.79
CA VAL B 545 12.89 7.49 -62.39
C VAL B 545 12.26 8.36 -61.28
N VAL B 546 12.07 7.82 -60.07
CA VAL B 546 11.44 8.55 -58.94
C VAL B 546 12.38 9.61 -58.38
N PRO B 547 12.13 10.92 -58.64
CA PRO B 547 13.00 11.99 -58.13
C PRO B 547 13.22 11.94 -56.60
N ARG B 548 14.39 12.40 -56.16
CA ARG B 548 14.80 12.42 -54.72
C ARG B 548 13.81 13.20 -53.85
N GLU B 549 13.23 14.30 -54.37
CA GLU B 549 12.27 15.16 -53.64
C GLU B 549 11.06 14.37 -53.10
N TYR B 550 10.70 13.25 -53.73
CA TYR B 550 9.49 12.50 -53.34
C TYR B 550 9.79 11.34 -52.40
N ILE B 551 11.05 10.89 -52.33
CA ILE B 551 11.45 9.76 -51.44
C ILE B 551 10.98 10.01 -50.00
N PRO B 552 11.22 11.19 -49.39
CA PRO B 552 10.76 11.45 -48.02
C PRO B 552 9.24 11.27 -47.87
N ALA B 553 8.49 11.59 -48.93
CA ALA B 553 7.00 11.46 -48.92
C ALA B 553 6.63 9.98 -48.86
N ILE B 554 7.36 9.13 -49.60
CA ILE B 554 7.10 7.67 -49.61
C ILE B 554 7.35 7.14 -48.19
N GLN B 555 8.44 7.58 -47.56
CA GLN B 555 8.77 7.15 -46.17
C GLN B 555 7.66 7.60 -45.22
N LYS B 556 7.26 8.88 -45.31
CA LYS B 556 6.21 9.47 -44.43
C LYS B 556 4.91 8.67 -44.62
N GLY B 557 4.64 8.20 -45.85
CA GLY B 557 3.42 7.44 -46.16
C GLY B 557 3.40 6.10 -45.46
N ILE B 558 4.55 5.41 -45.41
CA ILE B 558 4.67 4.08 -44.73
C ILE B 558 4.46 4.28 -43.23
N GLU B 559 5.21 5.21 -42.63
CA GLU B 559 5.13 5.52 -41.17
C GLU B 559 3.69 5.86 -40.79
N GLU B 560 2.97 6.61 -41.64
CA GLU B 560 1.57 7.00 -41.33
C GLU B 560 0.67 5.76 -41.33
N GLN B 561 0.88 4.84 -42.27
CA GLN B 561 0.02 3.63 -42.33
C GLN B 561 0.41 2.66 -41.21
N MET B 562 1.69 2.66 -40.81
CA MET B 562 2.15 1.77 -39.69
C MET B 562 1.35 2.08 -38.42
N LYS B 563 1.05 3.36 -38.18
CA LYS B 563 0.28 3.76 -36.97
C LYS B 563 -1.18 3.33 -37.08
N ASN B 564 -1.75 3.41 -38.29
CA ASN B 564 -3.17 3.01 -38.50
C ASN B 564 -3.32 1.49 -38.52
N GLY B 565 -2.21 0.76 -38.63
CA GLY B 565 -2.25 -0.72 -38.66
C GLY B 565 -2.61 -1.27 -40.02
N VAL B 566 -2.64 -2.61 -40.15
CA VAL B 566 -2.97 -3.26 -41.45
C VAL B 566 -3.88 -4.47 -41.22
N LEU B 567 -3.78 -5.14 -40.07
CA LEU B 567 -4.61 -6.35 -39.80
C LEU B 567 -5.88 -6.00 -39.03
N ALA B 568 -5.76 -5.44 -37.82
CA ALA B 568 -6.97 -5.11 -37.01
C ALA B 568 -6.91 -3.66 -36.47
N GLY B 569 -6.31 -2.74 -37.21
CA GLY B 569 -6.25 -1.32 -36.80
C GLY B 569 -5.26 -1.03 -35.68
N TYR B 570 -4.34 -1.96 -35.39
CA TYR B 570 -3.32 -1.75 -34.33
C TYR B 570 -1.97 -1.45 -35.00
N PRO B 571 -1.13 -0.56 -34.41
CA PRO B 571 0.15 -0.19 -35.03
C PRO B 571 1.24 -1.27 -35.07
N LEU B 572 2.03 -1.29 -36.16
CA LEU B 572 3.15 -2.27 -36.35
C LEU B 572 4.34 -1.84 -35.48
N ILE B 573 4.84 -2.73 -34.62
CA ILE B 573 5.97 -2.43 -33.69
C ILE B 573 7.18 -1.89 -34.48
N ASN B 574 7.65 -2.65 -35.47
CA ASN B 574 8.82 -2.21 -36.28
C ASN B 574 8.66 -2.77 -37.70
N LEU B 575 9.45 -2.25 -38.65
CA LEU B 575 9.34 -2.71 -40.06
C LEU B 575 10.54 -2.19 -40.86
N LYS B 576 10.85 -2.88 -41.96
CA LYS B 576 11.94 -2.48 -42.89
C LYS B 576 11.30 -2.24 -44.25
N ALA B 577 11.56 -1.07 -44.85
CA ALA B 577 10.99 -0.73 -46.16
C ALA B 577 12.10 -0.21 -47.08
N ALA B 578 12.10 -0.67 -48.32
CA ALA B 578 13.12 -0.22 -49.29
C ALA B 578 12.45 0.03 -50.64
N VAL B 579 12.45 1.29 -51.09
CA VAL B 579 11.85 1.60 -52.42
C VAL B 579 12.91 1.23 -53.45
N PHE B 580 12.63 0.22 -54.28
CA PHE B 580 13.60 -0.27 -55.30
C PHE B 580 13.18 0.13 -56.73
N ASP B 581 11.94 0.56 -56.95
CA ASP B 581 11.51 0.93 -58.33
C ASP B 581 10.36 1.94 -58.25
N GLY B 582 9.86 2.37 -59.42
CA GLY B 582 8.75 3.33 -59.50
C GLY B 582 8.74 4.08 -60.83
N SER B 583 7.89 5.10 -60.93
CA SER B 583 7.77 5.93 -62.16
C SER B 583 7.50 7.38 -61.76
N TYR B 584 7.47 8.29 -62.75
CA TYR B 584 7.26 9.73 -62.48
C TYR B 584 6.58 10.42 -63.67
N HIS B 585 5.69 11.37 -63.37
CA HIS B 585 4.96 12.16 -64.40
C HIS B 585 5.43 13.61 -64.28
N ASP B 586 5.87 14.22 -65.40
CA ASP B 586 6.40 15.61 -65.42
C ASP B 586 5.42 16.65 -64.88
N VAL B 587 4.10 16.37 -64.87
CA VAL B 587 3.12 17.40 -64.42
C VAL B 587 2.20 16.87 -63.30
N ASP B 588 1.82 15.59 -63.34
CA ASP B 588 0.87 15.01 -62.35
C ASP B 588 1.57 14.52 -61.07
N SER B 589 2.90 14.37 -61.06
CA SER B 589 3.58 13.87 -59.85
C SER B 589 3.76 14.96 -58.79
N ASN B 590 3.45 14.63 -57.52
CA ASN B 590 3.57 15.55 -56.36
C ASN B 590 3.77 14.70 -55.10
N GLU B 591 4.39 15.28 -54.07
CA GLU B 591 4.69 14.57 -52.79
C GLU B 591 3.47 13.83 -52.24
N MET B 592 2.30 14.46 -52.29
CA MET B 592 1.07 13.83 -51.73
C MET B 592 0.72 12.54 -52.48
N ALA B 593 0.81 12.55 -53.81
CA ALA B 593 0.49 11.36 -54.63
C ALA B 593 1.38 10.18 -54.24
N TYR B 594 2.67 10.43 -53.98
CA TYR B 594 3.59 9.34 -53.58
C TYR B 594 3.30 8.90 -52.14
N LYS B 595 2.95 9.85 -51.26
CA LYS B 595 2.64 9.48 -49.84
C LYS B 595 1.44 8.52 -49.85
N ILE B 596 0.41 8.84 -50.62
CA ILE B 596 -0.81 7.97 -50.70
C ILE B 596 -0.40 6.64 -51.33
N ALA B 597 0.37 6.69 -52.43
CA ALA B 597 0.83 5.47 -53.12
C ALA B 597 1.56 4.56 -52.12
N ALA B 598 2.46 5.14 -51.32
CA ALA B 598 3.22 4.38 -50.29
C ALA B 598 2.26 3.77 -49.26
N SER B 599 1.21 4.50 -48.89
CA SER B 599 0.23 4.01 -47.88
C SER B 599 -0.54 2.81 -48.45
N MET B 600 -1.03 2.93 -49.69
CA MET B 600 -1.81 1.81 -50.32
C MET B 600 -0.95 0.54 -50.33
N ALA B 601 0.34 0.68 -50.63
CA ALA B 601 1.28 -0.48 -50.68
C ALA B 601 1.40 -1.09 -49.28
N THR B 602 1.43 -0.24 -48.25
CA THR B 602 1.55 -0.70 -46.85
C THR B 602 0.25 -1.41 -46.42
N LYS B 603 -0.92 -0.93 -46.85
CA LYS B 603 -2.21 -1.57 -46.48
C LYS B 603 -2.27 -3.00 -47.03
N GLN B 604 -1.57 -3.27 -48.13
CA GLN B 604 -1.56 -4.63 -48.74
C GLN B 604 -0.65 -5.56 -47.94
N LEU B 605 0.02 -5.05 -46.89
CA LEU B 605 0.88 -5.89 -46.02
C LEU B 605 0.00 -6.87 -45.23
N SER B 606 -1.32 -6.66 -45.26
CA SER B 606 -2.26 -7.53 -44.51
C SER B 606 -2.33 -8.92 -45.16
N GLN B 607 -2.33 -8.98 -46.50
CA GLN B 607 -2.42 -10.26 -47.26
C GLN B 607 -1.03 -10.83 -47.55
N LYS B 608 -0.22 -10.10 -48.33
CA LYS B 608 1.15 -10.53 -48.74
C LYS B 608 2.11 -10.61 -47.55
N GLY B 609 1.97 -9.72 -46.56
CA GLY B 609 2.89 -9.71 -45.42
C GLY B 609 2.62 -10.84 -44.43
N GLY B 610 1.40 -11.36 -44.39
CA GLY B 610 1.09 -12.41 -43.41
C GLY B 610 1.27 -11.84 -42.02
N ALA B 611 0.73 -10.64 -41.80
CA ALA B 611 0.83 -9.94 -40.50
C ALA B 611 0.04 -10.70 -39.43
N VAL B 612 0.53 -10.68 -38.20
CA VAL B 612 -0.12 -11.37 -37.05
C VAL B 612 -0.39 -10.32 -35.97
N LEU B 613 -1.43 -10.54 -35.16
CA LEU B 613 -1.78 -9.61 -34.06
C LEU B 613 -0.92 -9.97 -32.85
N LEU B 614 -0.16 -8.99 -32.33
CA LEU B 614 0.75 -9.21 -31.18
C LEU B 614 0.12 -8.69 -29.89
N GLU B 615 0.43 -9.35 -28.77
CA GLU B 615 -0.07 -8.91 -27.44
C GLU B 615 1.14 -8.73 -26.54
N PRO B 616 1.11 -7.73 -25.63
CA PRO B 616 2.25 -7.50 -24.73
C PRO B 616 2.38 -8.61 -23.69
N VAL B 617 3.60 -9.15 -23.57
CA VAL B 617 3.91 -10.17 -22.53
C VAL B 617 4.66 -9.41 -21.43
N MET B 618 4.34 -9.69 -20.17
CA MET B 618 4.95 -8.94 -19.04
C MET B 618 5.88 -9.85 -18.24
N LYS B 619 6.95 -9.28 -17.69
CA LYS B 619 7.87 -10.05 -16.82
C LYS B 619 7.32 -9.89 -15.40
N VAL B 620 6.67 -10.93 -14.89
CA VAL B 620 6.06 -10.88 -13.53
C VAL B 620 7.04 -11.44 -12.49
N GLU B 621 7.10 -10.80 -11.33
CA GLU B 621 7.97 -11.20 -10.20
C GLU B 621 7.11 -11.15 -8.93
N VAL B 622 6.95 -12.29 -8.26
CA VAL B 622 6.09 -12.38 -7.03
C VAL B 622 6.95 -12.82 -5.84
N VAL B 623 6.89 -12.07 -4.74
CA VAL B 623 7.62 -12.41 -3.48
C VAL B 623 6.56 -12.96 -2.51
N THR B 624 6.67 -14.22 -2.13
CA THR B 624 5.67 -14.87 -1.24
C THR B 624 6.34 -15.86 -0.30
N PRO B 625 5.75 -16.12 0.90
CA PRO B 625 6.31 -17.10 1.81
C PRO B 625 6.19 -18.45 1.08
N GLU B 626 7.17 -19.33 1.28
CA GLU B 626 7.22 -20.72 0.72
C GLU B 626 5.83 -21.38 0.74
N GLU B 627 5.05 -21.11 1.79
CA GLU B 627 3.70 -21.71 2.00
C GLU B 627 2.78 -21.60 0.77
N TYR B 628 2.75 -20.45 0.08
CA TYR B 628 1.82 -20.28 -1.08
C TYR B 628 2.54 -20.37 -2.43
N GLN B 629 3.77 -20.89 -2.46
CA GLN B 629 4.53 -20.99 -3.74
C GLN B 629 3.72 -21.75 -4.78
N GLY B 630 3.20 -22.93 -4.43
CA GLY B 630 2.41 -23.77 -5.35
C GLY B 630 1.19 -23.07 -5.90
N ASP B 631 0.43 -22.39 -5.04
CA ASP B 631 -0.80 -21.67 -5.48
C ASP B 631 -0.44 -20.59 -6.52
N ILE B 632 0.66 -19.85 -6.29
CA ILE B 632 1.10 -18.77 -7.23
C ILE B 632 1.61 -19.39 -8.54
N LEU B 633 2.45 -20.42 -8.46
CA LEU B 633 2.97 -21.08 -9.69
C LEU B 633 1.81 -21.59 -10.53
N GLY B 634 0.87 -22.31 -9.93
CA GLY B 634 -0.29 -22.85 -10.65
C GLY B 634 -1.15 -21.75 -11.26
N ASP B 635 -1.30 -20.64 -10.55
CA ASP B 635 -2.13 -19.50 -11.05
C ASP B 635 -1.42 -18.82 -12.23
N LEU B 636 -0.12 -18.58 -12.14
CA LEU B 636 0.62 -17.94 -13.27
C LEU B 636 0.55 -18.87 -14.49
N SER B 637 0.68 -20.18 -14.27
CA SER B 637 0.61 -21.16 -15.39
C SER B 637 -0.79 -21.12 -16.02
N ARG B 638 -1.83 -20.97 -15.19
CA ARG B 638 -3.24 -20.91 -15.67
C ARG B 638 -3.43 -19.69 -16.57
N ARG B 639 -2.69 -18.61 -16.29
CA ARG B 639 -2.74 -17.33 -17.06
C ARG B 639 -1.85 -17.43 -18.31
N ARG B 640 -1.69 -18.63 -18.87
CA ARG B 640 -0.83 -18.86 -20.07
C ARG B 640 0.58 -18.33 -19.76
N GLY B 641 0.97 -18.39 -18.48
CA GLY B 641 2.30 -17.91 -18.07
C GLY B 641 3.39 -18.94 -18.30
N MET B 642 4.64 -18.47 -18.38
CA MET B 642 5.82 -19.33 -18.57
C MET B 642 6.77 -19.07 -17.40
N ILE B 643 6.86 -20.03 -16.47
CA ILE B 643 7.70 -19.91 -15.25
C ILE B 643 9.19 -19.87 -15.62
N GLN B 644 9.94 -18.99 -14.96
CA GLN B 644 11.40 -18.80 -15.17
C GLN B 644 12.11 -19.18 -13.86
N ASP B 645 13.45 -19.27 -13.86
CA ASP B 645 14.18 -19.61 -12.62
C ASP B 645 13.85 -18.58 -11.53
N GLY B 646 13.60 -19.05 -10.31
CA GLY B 646 13.29 -18.18 -9.15
C GLY B 646 14.36 -18.27 -8.08
N ASP B 647 14.42 -17.28 -7.18
CA ASP B 647 15.43 -17.25 -6.09
C ASP B 647 14.74 -17.42 -4.73
N GLU B 648 15.53 -17.56 -3.66
CA GLU B 648 15.03 -17.71 -2.27
C GLU B 648 15.61 -16.57 -1.42
N THR B 649 14.82 -15.54 -1.16
CA THR B 649 15.28 -14.35 -0.39
C THR B 649 14.77 -14.44 1.06
N PRO B 650 15.54 -13.98 2.07
CA PRO B 650 15.09 -14.00 3.46
C PRO B 650 13.67 -13.44 3.63
N ALA B 651 13.26 -12.52 2.75
CA ALA B 651 11.92 -11.88 2.78
C ALA B 651 10.85 -12.76 2.11
N GLY B 652 11.21 -13.96 1.65
CA GLY B 652 10.26 -14.87 0.99
C GLY B 652 10.80 -15.41 -0.33
N LYS B 653 10.13 -16.43 -0.90
CA LYS B 653 10.58 -17.01 -2.19
C LYS B 653 10.23 -16.05 -3.33
N VAL B 654 11.14 -15.92 -4.31
CA VAL B 654 10.94 -15.02 -5.48
C VAL B 654 10.50 -15.88 -6.67
N ILE B 655 9.26 -15.70 -7.12
CA ILE B 655 8.70 -16.47 -8.27
C ILE B 655 8.70 -15.54 -9.49
N ARG B 656 9.47 -15.88 -10.52
CA ARG B 656 9.54 -15.05 -11.76
C ARG B 656 8.81 -15.79 -12.89
N ALA B 657 8.08 -15.06 -13.73
CA ALA B 657 7.35 -15.67 -14.87
C ALA B 657 7.10 -14.63 -15.95
N GLU B 658 6.85 -15.09 -17.17
CA GLU B 658 6.54 -14.21 -18.32
C GLU B 658 5.07 -14.47 -18.65
N VAL B 659 4.21 -13.47 -18.42
CA VAL B 659 2.74 -13.68 -18.60
C VAL B 659 2.13 -12.60 -19.50
N PRO B 660 1.22 -12.97 -20.44
CA PRO B 660 0.54 -12.00 -21.28
C PRO B 660 -0.26 -11.04 -20.36
N LEU B 661 -0.17 -9.73 -20.61
CA LEU B 661 -0.87 -8.72 -19.77
C LEU B 661 -2.37 -9.01 -19.70
N GLY B 662 -2.99 -9.39 -20.81
CA GLY B 662 -4.45 -9.66 -20.87
C GLY B 662 -4.90 -10.69 -19.85
N GLU B 663 -3.98 -11.56 -19.41
CA GLU B 663 -4.28 -12.62 -18.41
C GLU B 663 -3.94 -12.14 -17.00
N MET B 664 -3.38 -10.93 -16.87
CA MET B 664 -2.98 -10.38 -15.55
C MET B 664 -3.98 -9.36 -15.00
N PHE B 665 -5.14 -9.18 -15.65
CA PHE B 665 -6.09 -8.17 -15.08
C PHE B 665 -6.65 -8.71 -13.75
N GLY B 666 -6.66 -7.86 -12.74
CA GLY B 666 -7.16 -8.19 -11.39
C GLY B 666 -6.18 -9.05 -10.61
N TYR B 667 -4.92 -9.12 -11.05
CA TYR B 667 -3.93 -9.98 -10.34
C TYR B 667 -3.78 -9.55 -8.88
N ALA B 668 -3.71 -8.24 -8.62
CA ALA B 668 -3.56 -7.74 -7.24
C ALA B 668 -4.58 -8.40 -6.31
N THR B 669 -5.86 -8.44 -6.74
CA THR B 669 -6.95 -9.05 -5.93
C THR B 669 -6.70 -10.55 -5.76
N SER B 670 -6.40 -11.25 -6.85
CA SER B 670 -6.14 -12.72 -6.82
C SER B 670 -4.99 -13.03 -5.85
N MET B 671 -3.85 -12.34 -6.00
CA MET B 671 -2.68 -12.56 -5.12
C MET B 671 -3.06 -12.34 -3.65
N ARG B 672 -3.88 -11.34 -3.36
CA ARG B 672 -4.28 -11.03 -1.97
C ARG B 672 -5.16 -12.16 -1.41
N SER B 673 -6.05 -12.75 -2.22
CA SER B 673 -6.91 -13.87 -1.76
C SER B 673 -6.06 -15.10 -1.42
N MET B 674 -5.30 -15.58 -2.41
CA MET B 674 -4.44 -16.79 -2.30
C MET B 674 -3.35 -16.66 -1.23
N THR B 675 -2.95 -15.44 -0.87
CA THR B 675 -1.85 -15.29 0.13
C THR B 675 -2.29 -14.48 1.35
N GLN B 676 -3.59 -14.24 1.51
CA GLN B 676 -4.11 -13.46 2.67
C GLN B 676 -3.37 -12.11 2.76
N GLY B 677 -3.06 -11.51 1.61
CA GLY B 677 -2.37 -10.20 1.52
C GLY B 677 -0.93 -10.23 1.98
N ARG B 678 -0.38 -11.41 2.26
CA ARG B 678 1.03 -11.53 2.73
C ARG B 678 2.02 -11.41 1.56
N ALA B 679 1.58 -11.71 0.33
CA ALA B 679 2.49 -11.64 -0.84
C ALA B 679 2.36 -10.27 -1.54
N SER B 680 3.40 -9.93 -2.32
CA SER B 680 3.50 -8.68 -3.11
C SER B 680 4.06 -9.01 -4.49
N PHE B 681 3.71 -8.23 -5.53
CA PHE B 681 4.24 -8.53 -6.88
C PHE B 681 4.54 -7.23 -7.63
N SER B 682 5.22 -7.39 -8.77
CA SER B 682 5.58 -6.29 -9.69
C SER B 682 5.68 -6.88 -11.10
N MET B 683 5.38 -6.09 -12.12
CA MET B 683 5.47 -6.59 -13.51
C MET B 683 5.82 -5.43 -14.43
N GLU B 684 6.56 -5.72 -15.49
CA GLU B 684 6.99 -4.69 -16.46
C GLU B 684 7.04 -5.33 -17.85
N PHE B 685 6.74 -4.54 -18.88
CA PHE B 685 6.77 -5.06 -20.27
C PHE B 685 8.15 -5.69 -20.56
N THR B 686 8.15 -6.80 -21.30
CA THR B 686 9.41 -7.50 -21.68
C THR B 686 9.45 -7.66 -23.20
N ARG B 687 8.31 -7.99 -23.83
CA ARG B 687 8.25 -8.13 -25.31
C ARG B 687 6.82 -8.40 -25.77
N TYR B 688 6.61 -8.36 -27.10
CA TYR B 688 5.29 -8.64 -27.70
C TYR B 688 5.35 -10.08 -28.23
N ALA B 689 4.20 -10.75 -28.32
CA ALA B 689 4.14 -12.15 -28.80
C ALA B 689 2.82 -12.36 -29.53
N GLU B 690 2.82 -13.22 -30.55
CA GLU B 690 1.57 -13.48 -31.32
C GLU B 690 0.47 -13.96 -30.36
N ALA B 691 -0.69 -13.29 -30.40
CA ALA B 691 -1.84 -13.66 -29.54
C ALA B 691 -2.47 -14.94 -30.09
N PRO B 692 -3.01 -15.83 -29.24
CA PRO B 692 -3.64 -17.07 -29.73
C PRO B 692 -4.79 -16.77 -30.70
N ALA B 693 -5.12 -17.76 -31.55
CA ALA B 693 -6.18 -17.63 -32.58
C ALA B 693 -7.53 -17.28 -31.93
N SER B 694 -7.83 -17.91 -30.78
CA SER B 694 -9.10 -17.69 -30.04
C SER B 694 -9.43 -16.19 -29.99
N ILE B 695 -8.52 -15.38 -29.43
CA ILE B 695 -8.73 -13.90 -29.30
C ILE B 695 -8.53 -13.23 -30.68
N ALA B 696 -7.36 -13.45 -31.29
CA ALA B 696 -7.00 -12.86 -32.60
C ALA B 696 -8.18 -12.89 -33.58
N ASP B 697 -8.56 -14.09 -34.06
CA ASP B 697 -9.67 -14.27 -35.03
C ASP B 697 -10.84 -13.32 -34.72
N GLY B 698 -11.31 -13.31 -33.46
CA GLY B 698 -12.43 -12.45 -33.05
C GLY B 698 -12.16 -10.97 -33.28
N ILE B 699 -11.00 -10.48 -32.83
CA ILE B 699 -10.62 -9.03 -32.97
C ILE B 699 -10.40 -8.69 -34.46
N VAL B 700 -9.76 -9.58 -35.22
CA VAL B 700 -9.47 -9.34 -36.67
C VAL B 700 -10.80 -9.16 -37.44
N LYS B 701 -11.80 -9.98 -37.12
CA LYS B 701 -13.14 -9.93 -37.79
C LYS B 701 -13.92 -8.68 -37.35
N LYS B 702 -13.61 -8.12 -36.17
CA LYS B 702 -14.32 -6.92 -35.67
C LYS B 702 -13.85 -5.68 -36.46
N SER B 703 -12.53 -5.59 -36.70
CA SER B 703 -11.90 -4.45 -37.43
C SER B 703 -12.57 -4.23 -38.79
N ARG B 704 -13.03 -5.30 -39.45
CA ARG B 704 -13.68 -5.20 -40.79
C ARG B 704 -15.17 -4.87 -40.62
#